data_1WYE
#
_entry.id   1WYE
#
_cell.length_a   84.666
_cell.length_b   149.103
_cell.length_c   161.096
_cell.angle_alpha   90.00
_cell.angle_beta   90.00
_cell.angle_gamma   90.00
#
_symmetry.space_group_name_H-M   'P 21 21 21'
#
loop_
_entity.id
_entity.type
_entity.pdbx_description
1 polymer '2-keto-3-deoxygluconate kinase'
2 water water
#
_entity_poly.entity_id   1
_entity_poly.type   'polypeptide(L)'
_entity_poly.pdbx_seq_one_letter_code
;MAKLITLGEILIEFNALSPGPLRHVSYFEKHVAGSEANYCVAFIKQGNECGIIAKVGDDEFGYNAIEWLRGQGVDVSHMK
IDPSAPTGIFFIQRHYPVPLKSESIYYRKGSAGSKLSPEDVDEEYVKSADLVHSSGITLAISSTAKEAVYKAFEIASNRS
FDTNIRLKLWSAEEAKREILKLLSKFHLKFLITDTDDSKIILGESDPDKAAKAFSDYAEIIVMKLGPKGAIVYYDGKKYY
SSGYQVPVEDVTGAGDALGGTFLSLYYKGFEMEKALDYAIVASTLNVMIRGDQENLPTTKDIETFLREMKK
;
_entity_poly.pdbx_strand_id   A,B,C,D,E,F
#
# COMPACT_ATOMS: atom_id res chain seq x y z
N ALA A 2 -26.29 -32.36 4.00
CA ALA A 2 -25.22 -33.29 4.43
C ALA A 2 -24.17 -32.63 5.34
N LYS A 3 -23.45 -33.45 6.11
CA LYS A 3 -22.35 -33.00 6.97
C LYS A 3 -21.02 -33.58 6.45
N LEU A 4 -20.06 -32.71 6.12
CA LEU A 4 -18.70 -33.11 5.82
C LEU A 4 -17.82 -32.77 6.99
N ILE A 5 -17.02 -33.76 7.42
CA ILE A 5 -15.94 -33.54 8.34
C ILE A 5 -14.56 -33.69 7.66
N THR A 6 -13.65 -32.75 7.88
CA THR A 6 -12.31 -32.89 7.28
C THR A 6 -11.28 -32.93 8.37
N LEU A 7 -10.21 -33.70 8.17
CA LEU A 7 -9.04 -33.59 9.04
C LEU A 7 -7.68 -33.40 8.37
N GLY A 8 -6.88 -32.48 8.90
CA GLY A 8 -5.60 -32.10 8.34
C GLY A 8 -5.09 -30.85 9.02
N GLU A 9 -3.91 -30.38 8.65
CA GLU A 9 -3.30 -29.22 9.31
C GLU A 9 -3.76 -27.92 8.63
N ILE A 10 -4.27 -26.96 9.39
CA ILE A 10 -4.62 -25.62 8.87
C ILE A 10 -3.33 -24.84 8.77
N LEU A 11 -3.23 -23.88 7.86
CA LEU A 11 -1.99 -23.14 7.70
C LEU A 11 -2.26 -21.66 7.58
N ILE A 12 -1.40 -20.86 8.18
CA ILE A 12 -1.41 -19.46 7.84
C ILE A 12 -0.49 -19.25 6.63
N GLU A 13 -1.01 -18.55 5.64
CA GLU A 13 -0.34 -18.30 4.38
C GLU A 13 0.22 -16.90 4.32
N PHE A 14 1.45 -16.76 3.83
CA PHE A 14 2.06 -15.45 3.60
C PHE A 14 2.27 -15.23 2.11
N ASN A 15 1.27 -14.60 1.49
CA ASN A 15 1.24 -14.50 0.06
C ASN A 15 2.06 -13.32 -0.45
N ALA A 16 3.03 -13.60 -1.31
CA ALA A 16 3.89 -12.57 -1.85
C ALA A 16 3.01 -11.53 -2.53
N LEU A 17 2.94 -10.34 -1.94
CA LEU A 17 2.25 -9.21 -2.59
C LEU A 17 2.69 -8.87 -4.05
N SER A 18 3.92 -9.19 -4.48
CA SER A 18 4.35 -8.94 -5.86
C SER A 18 4.88 -10.21 -6.39
N PRO A 19 4.94 -10.40 -7.71
CA PRO A 19 5.52 -11.63 -8.28
C PRO A 19 7.01 -11.57 -8.23
N GLY A 20 7.69 -12.65 -8.59
CA GLY A 20 9.13 -12.62 -8.69
C GLY A 20 9.73 -13.38 -7.54
N PRO A 21 11.06 -13.52 -7.54
CA PRO A 21 11.76 -14.28 -6.50
C PRO A 21 11.60 -13.62 -5.14
N LEU A 22 11.31 -14.44 -4.14
CA LEU A 22 11.03 -14.01 -2.77
C LEU A 22 12.09 -13.05 -2.18
N ARG A 23 13.38 -13.35 -2.39
CA ARG A 23 14.44 -12.45 -1.97
C ARG A 23 14.24 -10.97 -2.43
N HIS A 24 13.51 -10.79 -3.52
CA HIS A 24 13.12 -9.43 -3.92
C HIS A 24 11.70 -8.92 -3.55
N VAL A 25 10.85 -9.77 -2.98
CA VAL A 25 9.52 -9.36 -2.52
C VAL A 25 9.63 -8.66 -1.17
N SER A 26 9.00 -7.50 -1.00
CA SER A 26 9.04 -6.78 0.28
C SER A 26 7.79 -6.90 1.16
N TYR A 27 6.70 -7.40 0.60
CA TYR A 27 5.45 -7.43 1.34
C TYR A 27 4.75 -8.77 1.18
N PHE A 28 4.15 -9.22 2.28
CA PHE A 28 3.48 -10.53 2.29
C PHE A 28 2.13 -10.31 2.87
N GLU A 29 1.13 -10.90 2.24
CA GLU A 29 -0.22 -10.70 2.66
C GLU A 29 -0.72 -11.99 3.27
N LYS A 30 -1.28 -11.88 4.47
CA LYS A 30 -1.76 -13.05 5.24
C LYS A 30 -3.19 -13.50 4.90
N HIS A 31 -3.35 -14.82 4.77
CA HIS A 31 -4.64 -15.47 4.50
C HIS A 31 -4.61 -16.75 5.28
N VAL A 32 -5.78 -17.22 5.71
CA VAL A 32 -5.89 -18.55 6.31
C VAL A 32 -6.02 -19.61 5.19
N ALA A 33 -5.22 -20.66 5.24
CA ALA A 33 -5.30 -21.72 4.20
C ALA A 33 -5.01 -23.12 4.77
N GLY A 34 -4.56 -24.01 3.88
CA GLY A 34 -4.45 -25.44 4.17
C GLY A 34 -5.60 -26.15 3.46
N SER A 35 -5.28 -27.06 2.55
CA SER A 35 -6.24 -27.83 1.76
C SER A 35 -7.60 -28.18 2.45
N GLU A 36 -7.53 -28.78 3.65
CA GLU A 36 -8.73 -29.31 4.28
C GLU A 36 -9.62 -28.15 4.75
N ALA A 37 -8.98 -27.12 5.29
CA ALA A 37 -9.68 -25.88 5.62
C ALA A 37 -10.42 -25.34 4.37
N ASN A 38 -9.70 -25.29 3.26
CA ASN A 38 -10.30 -24.88 1.98
C ASN A 38 -11.49 -25.73 1.58
N TYR A 39 -11.32 -27.06 1.59
CA TYR A 39 -12.43 -27.99 1.31
C TYR A 39 -13.64 -27.61 2.14
N CYS A 40 -13.48 -27.51 3.46
CA CYS A 40 -14.53 -27.00 4.36
C CYS A 40 -15.31 -25.82 3.82
N VAL A 41 -14.65 -24.68 3.65
CA VAL A 41 -15.31 -23.46 3.16
C VAL A 41 -16.00 -23.65 1.80
N ALA A 42 -15.32 -24.33 0.88
CA ALA A 42 -15.99 -24.59 -0.40
C ALA A 42 -17.27 -25.35 -0.14
N PHE A 43 -17.22 -26.34 0.73
CA PHE A 43 -18.38 -27.14 1.07
C PHE A 43 -19.57 -26.36 1.68
N ILE A 44 -19.28 -25.55 2.70
CA ILE A 44 -20.32 -24.75 3.36
C ILE A 44 -20.98 -23.74 2.40
N LYS A 45 -20.16 -23.15 1.53
CA LYS A 45 -20.61 -22.11 0.62
C LYS A 45 -21.69 -22.57 -0.37
N GLN A 46 -21.82 -23.89 -0.58
CA GLN A 46 -22.85 -24.46 -1.43
C GLN A 46 -24.14 -24.81 -0.69
N GLY A 47 -24.17 -24.55 0.60
CA GLY A 47 -25.39 -24.73 1.38
C GLY A 47 -25.38 -25.88 2.37
N ASN A 48 -24.22 -26.46 2.60
CA ASN A 48 -24.15 -27.61 3.49
C ASN A 48 -23.47 -27.31 4.83
N GLU A 49 -23.03 -28.37 5.50
CA GLU A 49 -22.54 -28.26 6.86
C GLU A 49 -21.17 -28.93 6.95
N CYS A 50 -20.27 -28.37 7.77
CA CYS A 50 -18.91 -28.87 7.80
C CYS A 50 -18.24 -28.71 9.15
N GLY A 51 -17.31 -29.61 9.45
CA GLY A 51 -16.43 -29.48 10.60
C GLY A 51 -15.01 -29.81 10.22
N ILE A 52 -14.06 -29.41 11.08
CA ILE A 52 -12.62 -29.77 10.90
C ILE A 52 -12.00 -30.29 12.20
N ILE A 53 -11.24 -31.38 12.10
CA ILE A 53 -10.50 -31.91 13.23
C ILE A 53 -9.06 -31.54 12.97
N ALA A 54 -8.56 -30.63 13.78
CA ALA A 54 -7.22 -30.10 13.58
C ALA A 54 -6.65 -29.48 14.83
N LYS A 55 -5.33 -29.39 14.83
CA LYS A 55 -4.57 -28.82 15.92
C LYS A 55 -3.83 -27.58 15.44
N VAL A 56 -3.97 -26.51 16.23
CA VAL A 56 -3.20 -25.30 16.06
C VAL A 56 -2.52 -24.89 17.39
N GLY A 57 -1.63 -23.92 17.30
CA GLY A 57 -0.82 -23.52 18.44
C GLY A 57 -1.53 -22.55 19.37
N ASP A 58 -0.96 -22.32 20.52
CA ASP A 58 -1.49 -21.35 21.43
C ASP A 58 -0.90 -20.02 20.99
N ASP A 59 -1.10 -19.71 19.73
CA ASP A 59 -0.46 -18.57 19.13
C ASP A 59 -1.48 -17.77 18.32
N GLU A 60 -1.16 -16.50 18.13
CA GLU A 60 -1.93 -15.65 17.26
C GLU A 60 -2.31 -16.34 15.95
N PHE A 61 -1.36 -16.99 15.30
CA PHE A 61 -1.70 -17.69 14.06
C PHE A 61 -2.81 -18.72 14.23
N GLY A 62 -2.73 -19.52 15.28
CA GLY A 62 -3.79 -20.47 15.61
C GLY A 62 -5.12 -19.79 15.92
N TYR A 63 -5.11 -18.84 16.85
CA TYR A 63 -6.35 -18.13 17.12
C TYR A 63 -6.93 -17.39 15.87
N ASN A 64 -6.03 -16.97 14.95
CA ASN A 64 -6.41 -16.39 13.64
C ASN A 64 -7.21 -17.40 12.77
N ALA A 65 -6.70 -18.64 12.72
CA ALA A 65 -7.35 -19.78 12.06
C ALA A 65 -8.75 -20.11 12.58
N ILE A 66 -8.95 -20.01 13.90
CA ILE A 66 -10.20 -20.37 14.57
C ILE A 66 -11.24 -19.31 14.28
N GLU A 67 -10.90 -18.04 14.54
CA GLU A 67 -11.82 -16.93 14.27
C GLU A 67 -12.24 -16.89 12.81
N TRP A 68 -11.27 -17.05 11.90
CA TRP A 68 -11.54 -16.98 10.48
C TRP A 68 -12.50 -18.07 10.05
N LEU A 69 -12.22 -19.30 10.46
CA LEU A 69 -13.10 -20.43 10.11
C LEU A 69 -14.50 -20.30 10.75
N ARG A 70 -14.53 -19.78 11.98
CA ARG A 70 -15.75 -19.75 12.70
C ARG A 70 -16.66 -18.79 11.95
N GLY A 71 -16.08 -17.69 11.44
CA GLY A 71 -16.87 -16.65 10.81
C GLY A 71 -17.51 -17.21 9.56
N GLN A 72 -16.66 -17.90 8.81
CA GLN A 72 -17.05 -18.66 7.64
C GLN A 72 -18.15 -19.68 7.94
N GLY A 73 -18.39 -19.97 9.23
CA GLY A 73 -19.45 -20.87 9.62
C GLY A 73 -19.03 -22.32 9.82
N VAL A 74 -17.73 -22.61 9.84
CA VAL A 74 -17.22 -23.98 10.06
C VAL A 74 -17.30 -24.36 11.54
N ASP A 75 -17.81 -25.53 11.83
CA ASP A 75 -17.80 -26.05 13.18
C ASP A 75 -16.35 -26.28 13.55
N VAL A 76 -15.90 -25.60 14.61
CA VAL A 76 -14.49 -25.64 15.09
C VAL A 76 -14.37 -26.20 16.52
N SER A 77 -15.51 -26.36 17.19
CA SER A 77 -15.60 -26.95 18.51
C SER A 77 -14.82 -28.26 18.64
N HIS A 78 -14.49 -28.92 17.55
CA HIS A 78 -13.73 -30.14 17.67
C HIS A 78 -12.23 -30.02 17.38
N MET A 79 -11.76 -28.78 17.27
CA MET A 79 -10.36 -28.47 17.12
C MET A 79 -9.59 -28.49 18.47
N LYS A 80 -8.27 -28.59 18.40
CA LYS A 80 -7.41 -28.61 19.58
C LYS A 80 -6.40 -27.48 19.58
N ILE A 81 -5.97 -27.10 20.77
CA ILE A 81 -4.93 -26.07 20.95
C ILE A 81 -3.76 -26.65 21.75
N ASP A 82 -2.74 -27.08 21.00
CA ASP A 82 -1.49 -27.53 21.57
C ASP A 82 -0.67 -26.32 22.01
N PRO A 83 -0.41 -26.16 23.32
CA PRO A 83 0.42 -25.03 23.81
C PRO A 83 1.93 -25.20 23.64
N SER A 84 2.39 -26.39 23.24
CA SER A 84 3.83 -26.63 23.10
C SER A 84 4.39 -26.53 21.67
N ALA A 85 3.56 -26.09 20.74
CA ALA A 85 3.95 -26.10 19.31
C ALA A 85 3.29 -24.96 18.57
N PRO A 86 4.06 -24.31 17.70
CA PRO A 86 3.54 -23.21 16.91
C PRO A 86 2.70 -23.73 15.74
N THR A 87 1.80 -22.88 15.24
CA THR A 87 0.98 -23.20 14.05
C THR A 87 1.91 -23.23 12.86
N GLY A 88 1.60 -24.11 11.92
CA GLY A 88 2.40 -24.20 10.71
C GLY A 88 2.01 -23.17 9.66
N ILE A 89 3.02 -22.59 9.04
CA ILE A 89 2.82 -21.50 8.11
C ILE A 89 3.54 -21.83 6.80
N PHE A 90 3.09 -21.23 5.70
CA PHE A 90 3.82 -21.28 4.42
C PHE A 90 3.89 -19.92 3.69
N PHE A 91 4.82 -19.78 2.74
CA PHE A 91 4.94 -18.54 1.95
C PHE A 91 4.80 -18.83 0.47
N ILE A 92 3.97 -18.07 -0.24
CA ILE A 92 3.83 -18.30 -1.68
C ILE A 92 4.63 -17.32 -2.51
N GLN A 93 5.47 -17.91 -3.36
CA GLN A 93 6.19 -17.25 -4.42
C GLN A 93 5.42 -17.40 -5.74
N ARG A 94 4.94 -16.29 -6.30
CA ARG A 94 4.06 -16.32 -7.47
C ARG A 94 4.75 -15.90 -8.76
N HIS A 95 4.57 -16.70 -9.80
CA HIS A 95 5.02 -16.40 -11.17
C HIS A 95 6.52 -16.41 -11.48
N TYR A 96 7.32 -16.84 -10.52
CA TYR A 96 8.74 -16.99 -10.75
C TYR A 96 9.20 -18.29 -10.11
N PRO A 97 9.98 -19.12 -10.80
CA PRO A 97 10.51 -18.85 -12.15
C PRO A 97 9.60 -19.26 -13.33
N VAL A 98 8.38 -19.72 -13.02
CA VAL A 98 7.41 -20.04 -14.04
C VAL A 98 6.15 -19.13 -14.04
N PRO A 99 5.90 -18.47 -15.16
CA PRO A 99 4.70 -17.64 -15.27
C PRO A 99 3.47 -18.48 -14.96
N LEU A 100 2.42 -17.80 -14.50
CA LEU A 100 1.13 -18.42 -14.20
C LEU A 100 1.11 -19.40 -13.03
N LYS A 101 2.30 -19.82 -12.59
CA LYS A 101 2.46 -20.83 -11.52
C LYS A 101 2.89 -20.24 -10.17
N SER A 102 2.81 -21.03 -9.12
CA SER A 102 2.98 -20.57 -7.73
C SER A 102 3.68 -21.69 -7.00
N GLU A 103 4.52 -21.33 -6.03
CA GLU A 103 5.40 -22.26 -5.29
C GLU A 103 5.32 -21.98 -3.78
N SER A 104 5.22 -23.03 -2.98
CA SER A 104 5.03 -22.88 -1.53
C SER A 104 6.31 -23.17 -0.79
N ILE A 105 6.58 -22.38 0.23
CA ILE A 105 7.82 -22.52 1.00
C ILE A 105 7.43 -22.74 2.44
N TYR A 106 7.59 -23.96 2.94
CA TYR A 106 7.06 -24.31 4.26
C TYR A 106 7.87 -23.96 5.52
N TYR A 107 7.18 -23.52 6.57
CA TYR A 107 7.68 -23.61 7.93
C TYR A 107 6.64 -24.38 8.81
N ARG A 108 6.60 -25.71 8.68
CA ARG A 108 5.63 -26.54 9.44
C ARG A 108 6.19 -27.81 10.15
N LYS A 109 7.44 -28.20 9.88
CA LYS A 109 7.98 -29.38 10.55
C LYS A 109 7.84 -29.22 12.08
N GLY A 110 7.30 -30.24 12.77
CA GLY A 110 7.02 -30.11 14.19
C GLY A 110 5.99 -29.04 14.59
N SER A 111 5.18 -28.59 13.62
CA SER A 111 3.99 -27.73 13.88
C SER A 111 2.88 -28.39 14.73
N ALA A 112 2.08 -27.52 15.36
CA ALA A 112 0.92 -27.97 16.11
C ALA A 112 0.00 -28.76 15.18
N GLY A 113 -0.14 -28.35 13.94
CA GLY A 113 -0.86 -29.19 12.98
C GLY A 113 -0.35 -30.63 12.85
N SER A 114 0.97 -30.80 12.95
CA SER A 114 1.58 -32.10 12.75
C SER A 114 1.42 -32.97 14.00
N LYS A 115 0.93 -32.36 15.07
CA LYS A 115 0.71 -33.14 16.29
C LYS A 115 -0.74 -33.63 16.48
N LEU A 116 -1.53 -33.49 15.41
CA LEU A 116 -2.83 -34.12 15.25
C LEU A 116 -2.63 -35.61 15.42
N SER A 117 -3.23 -36.20 16.45
CA SER A 117 -3.09 -37.65 16.71
C SER A 117 -4.47 -38.28 16.87
N PRO A 118 -4.55 -39.62 16.87
CA PRO A 118 -5.85 -40.34 17.07
C PRO A 118 -6.68 -39.91 18.28
N GLU A 119 -5.99 -39.59 19.36
CA GLU A 119 -6.66 -39.18 20.58
C GLU A 119 -7.49 -37.92 20.36
N ASP A 120 -7.18 -37.17 19.31
CA ASP A 120 -7.96 -35.99 18.96
C ASP A 120 -9.18 -36.32 18.12
N VAL A 121 -9.26 -37.56 17.62
CA VAL A 121 -10.40 -37.93 16.80
C VAL A 121 -11.50 -38.67 17.59
N ASP A 122 -12.57 -37.94 17.89
CA ASP A 122 -13.73 -38.39 18.66
C ASP A 122 -14.54 -39.40 17.87
N GLU A 123 -14.79 -40.57 18.46
CA GLU A 123 -15.57 -41.61 17.79
C GLU A 123 -17.05 -41.22 17.54
N GLU A 124 -17.75 -40.74 18.56
CA GLU A 124 -19.13 -40.28 18.36
C GLU A 124 -19.27 -39.15 17.31
N TYR A 125 -18.37 -38.16 17.33
CA TYR A 125 -18.41 -37.03 16.38
C TYR A 125 -18.27 -37.37 14.87
N VAL A 126 -17.26 -38.16 14.52
CA VAL A 126 -17.00 -38.58 13.12
C VAL A 126 -18.18 -39.37 12.57
N LYS A 127 -18.73 -40.20 13.46
CA LYS A 127 -19.78 -41.14 13.11
C LYS A 127 -21.01 -40.34 12.68
N SER A 128 -21.04 -39.06 13.00
CA SER A 128 -22.16 -38.20 12.60
C SER A 128 -22.04 -37.61 11.19
N ALA A 129 -20.84 -37.58 10.61
CA ALA A 129 -20.68 -37.00 9.28
C ALA A 129 -21.12 -37.97 8.19
N ASP A 130 -21.79 -37.43 7.18
CA ASP A 130 -22.02 -38.14 5.92
C ASP A 130 -20.72 -38.45 5.19
N LEU A 131 -19.72 -37.56 5.32
CA LEU A 131 -18.48 -37.66 4.56
C LEU A 131 -17.28 -37.30 5.40
N VAL A 132 -16.31 -38.20 5.46
CA VAL A 132 -15.06 -37.94 6.18
C VAL A 132 -13.98 -37.80 5.16
N HIS A 133 -13.27 -36.69 5.19
CA HIS A 133 -12.33 -36.32 4.12
C HIS A 133 -10.95 -35.93 4.64
N SER A 134 -9.94 -36.38 3.93
CA SER A 134 -8.57 -35.99 4.17
C SER A 134 -7.74 -36.09 2.89
N SER A 135 -6.42 -36.02 3.04
CA SER A 135 -5.53 -35.84 1.91
C SER A 135 -4.15 -36.39 2.15
N GLY A 136 -3.45 -36.61 1.05
CA GLY A 136 -2.02 -36.87 1.06
C GLY A 136 -1.14 -35.94 1.89
N ILE A 137 -1.52 -34.67 2.04
CA ILE A 137 -0.79 -33.77 2.94
C ILE A 137 -0.92 -34.37 4.35
N THR A 138 -2.14 -34.70 4.75
CA THR A 138 -2.32 -35.14 6.12
C THR A 138 -1.61 -36.46 6.39
N LEU A 139 -1.49 -37.32 5.38
CA LEU A 139 -0.69 -38.54 5.51
C LEU A 139 0.79 -38.19 5.69
N ALA A 140 1.20 -37.14 4.98
CA ALA A 140 2.60 -36.81 4.81
C ALA A 140 3.15 -36.12 6.07
N ILE A 141 2.34 -35.25 6.69
CA ILE A 141 2.93 -34.36 7.67
C ILE A 141 3.57 -35.11 8.79
N SER A 142 2.87 -36.08 9.37
CA SER A 142 3.41 -36.79 10.53
C SER A 142 2.87 -38.23 10.65
N SER A 143 3.49 -39.09 11.46
CA SER A 143 2.83 -40.38 11.63
C SER A 143 1.63 -40.33 12.61
N THR A 144 1.63 -39.43 13.58
CA THR A 144 0.43 -39.21 14.39
C THR A 144 -0.76 -38.84 13.49
N ALA A 145 -0.59 -37.78 12.68
CA ALA A 145 -1.59 -37.33 11.70
C ALA A 145 -2.03 -38.45 10.78
N LYS A 146 -1.09 -39.25 10.29
CA LYS A 146 -1.42 -40.35 9.40
C LYS A 146 -2.36 -41.33 10.12
N GLU A 147 -1.98 -41.75 11.32
CA GLU A 147 -2.84 -42.59 12.12
C GLU A 147 -4.21 -41.93 12.34
N ALA A 148 -4.19 -40.62 12.56
CA ALA A 148 -5.41 -39.86 12.74
C ALA A 148 -6.33 -40.15 11.55
N VAL A 149 -5.76 -40.10 10.36
CA VAL A 149 -6.55 -40.36 9.17
C VAL A 149 -7.00 -41.79 9.14
N TYR A 150 -6.21 -42.71 9.71
CA TYR A 150 -6.62 -44.13 9.74
C TYR A 150 -7.77 -44.35 10.70
N LYS A 151 -7.66 -43.83 11.91
CA LYS A 151 -8.77 -43.87 12.84
C LYS A 151 -10.07 -43.29 12.20
N ALA A 152 -10.08 -42.03 11.78
CA ALA A 152 -11.27 -41.47 11.14
C ALA A 152 -11.78 -42.24 9.89
N PHE A 153 -10.90 -42.98 9.23
CA PHE A 153 -11.35 -43.81 8.10
C PHE A 153 -12.00 -45.16 8.49
N GLU A 154 -11.49 -45.80 9.54
CA GLU A 154 -12.15 -47.04 9.98
C GLU A 154 -13.54 -46.77 10.59
N ILE A 155 -13.75 -45.58 11.14
CA ILE A 155 -15.01 -45.18 11.78
C ILE A 155 -16.12 -44.73 10.82
N ALA A 156 -15.75 -44.55 9.55
CA ALA A 156 -16.32 -43.53 8.66
C ALA A 156 -17.71 -43.75 8.11
N SER A 157 -17.87 -44.75 7.23
CA SER A 157 -19.10 -44.93 6.42
C SER A 157 -18.98 -44.31 5.02
N ASN A 158 -18.70 -43.01 4.90
CA ASN A 158 -18.24 -42.56 3.59
C ASN A 158 -16.98 -41.72 3.60
N ARG A 159 -16.09 -42.03 2.67
CA ARG A 159 -14.79 -41.41 2.65
C ARG A 159 -14.48 -40.72 1.34
N SER A 160 -13.80 -39.58 1.44
CA SER A 160 -13.21 -38.92 0.28
C SER A 160 -11.73 -38.54 0.52
N PHE A 161 -10.92 -38.66 -0.52
CA PHE A 161 -9.50 -38.42 -0.39
C PHE A 161 -8.98 -37.57 -1.52
N ASP A 162 -8.20 -36.52 -1.19
CA ASP A 162 -7.37 -35.81 -2.19
C ASP A 162 -5.91 -36.28 -2.04
N THR A 163 -5.40 -36.88 -3.11
CA THR A 163 -4.09 -37.52 -3.08
C THR A 163 -3.09 -36.45 -2.75
N ASN A 164 -3.32 -35.28 -3.36
CA ASN A 164 -2.64 -34.01 -3.07
C ASN A 164 -1.15 -34.17 -2.67
N ILE A 165 -0.38 -34.88 -3.49
CA ILE A 165 1.02 -35.16 -3.22
C ILE A 165 1.89 -33.91 -3.31
N ARG A 166 2.69 -33.68 -2.27
CA ARG A 166 3.62 -32.58 -2.23
C ARG A 166 4.97 -33.21 -2.01
N LEU A 167 5.79 -33.16 -3.07
CA LEU A 167 7.14 -33.77 -3.09
C LEU A 167 8.09 -33.06 -2.13
N LYS A 168 7.76 -31.84 -1.73
CA LYS A 168 8.54 -31.21 -0.67
C LYS A 168 8.29 -31.85 0.70
N LEU A 169 7.34 -32.77 0.79
CA LEU A 169 6.95 -33.35 2.11
C LEU A 169 7.33 -34.84 2.36
N TRP A 170 7.72 -35.52 1.28
CA TRP A 170 8.05 -36.95 1.23
C TRP A 170 8.37 -37.31 -0.23
N SER A 171 9.19 -38.35 -0.39
CA SER A 171 9.63 -38.80 -1.71
C SER A 171 8.48 -39.42 -2.52
N ALA A 172 8.50 -39.20 -3.85
CA ALA A 172 7.59 -39.92 -4.75
C ALA A 172 7.33 -41.32 -4.23
N GLU A 173 8.42 -42.00 -3.87
CA GLU A 173 8.48 -43.33 -3.23
C GLU A 173 7.60 -43.41 -1.99
N GLU A 174 7.89 -42.56 -1.00
CA GLU A 174 7.08 -42.53 0.21
C GLU A 174 5.57 -42.40 -0.11
N ALA A 175 5.20 -41.28 -0.72
CA ALA A 175 3.84 -41.01 -1.19
C ALA A 175 3.18 -42.19 -1.90
N LYS A 176 3.92 -42.91 -2.74
CA LYS A 176 3.36 -44.06 -3.47
C LYS A 176 2.86 -45.20 -2.54
N ARG A 177 3.70 -45.65 -1.60
CA ARG A 177 3.34 -46.79 -0.80
C ARG A 177 2.24 -46.38 0.13
N GLU A 178 2.35 -45.18 0.68
CA GLU A 178 1.38 -44.70 1.70
C GLU A 178 -0.02 -44.57 1.13
N ILE A 179 -0.13 -43.93 -0.03
CA ILE A 179 -1.41 -43.82 -0.71
C ILE A 179 -1.96 -45.21 -1.10
N LEU A 180 -1.08 -46.05 -1.63
CA LEU A 180 -1.43 -47.42 -2.01
C LEU A 180 -1.92 -48.20 -0.80
N LYS A 181 -1.12 -48.15 0.28
CA LYS A 181 -1.48 -48.71 1.59
C LYS A 181 -2.88 -48.25 1.99
N LEU A 182 -3.05 -46.92 2.08
CA LEU A 182 -4.34 -46.28 2.43
C LEU A 182 -5.50 -46.87 1.69
N LEU A 183 -5.29 -47.28 0.43
CA LEU A 183 -6.41 -47.72 -0.41
C LEU A 183 -6.68 -49.22 -0.32
N SER A 184 -5.74 -50.01 0.24
CA SER A 184 -6.01 -51.41 0.60
C SER A 184 -7.24 -51.51 1.51
N LYS A 185 -7.09 -51.23 2.81
CA LYS A 185 -8.29 -50.96 3.62
C LYS A 185 -8.91 -49.67 3.05
N PHE A 186 -10.13 -49.36 3.43
CA PHE A 186 -10.69 -48.03 3.13
C PHE A 186 -11.00 -47.81 1.67
N HIS A 187 -12.14 -48.31 1.30
CA HIS A 187 -12.68 -48.03 0.02
C HIS A 187 -13.25 -46.61 0.09
N LEU A 188 -13.15 -45.87 -1.01
CA LEU A 188 -13.48 -44.45 -1.05
C LEU A 188 -14.75 -44.17 -1.82
N LYS A 189 -15.56 -43.23 -1.31
CA LYS A 189 -16.70 -42.71 -2.09
C LYS A 189 -16.19 -41.71 -3.11
N PHE A 190 -15.29 -40.83 -2.69
CA PHE A 190 -14.69 -39.89 -3.64
C PHE A 190 -13.17 -40.00 -3.64
N LEU A 191 -12.57 -39.72 -4.79
CA LEU A 191 -11.12 -39.74 -4.94
C LEU A 191 -10.68 -38.63 -5.88
N ILE A 192 -9.97 -37.64 -5.34
CA ILE A 192 -9.66 -36.44 -6.09
C ILE A 192 -8.17 -36.43 -6.33
N THR A 193 -7.77 -36.38 -7.58
CA THR A 193 -6.33 -36.44 -7.91
C THR A 193 -5.97 -35.68 -9.21
N ASP A 194 -4.80 -35.93 -9.77
CA ASP A 194 -4.42 -35.32 -11.04
C ASP A 194 -3.41 -36.17 -11.78
N THR A 195 -3.20 -35.79 -13.03
CA THR A 195 -2.23 -36.43 -13.90
C THR A 195 -0.92 -36.69 -13.18
N ASP A 196 -0.42 -35.73 -12.41
CA ASP A 196 0.87 -35.91 -11.74
C ASP A 196 0.90 -36.96 -10.67
N ASP A 197 -0.11 -36.94 -9.80
CA ASP A 197 -0.19 -37.91 -8.74
C ASP A 197 -0.31 -39.32 -9.30
N SER A 198 -1.03 -39.45 -10.40
CA SER A 198 -1.08 -40.74 -11.08
C SER A 198 0.29 -41.17 -11.64
N LYS A 199 1.02 -40.22 -12.21
CA LYS A 199 2.40 -40.46 -12.60
C LYS A 199 3.22 -40.97 -11.39
N ILE A 200 2.89 -40.52 -10.16
CA ILE A 200 3.59 -40.99 -8.96
C ILE A 200 2.99 -42.32 -8.52
N ILE A 201 1.72 -42.28 -8.15
CA ILE A 201 1.05 -43.42 -7.53
C ILE A 201 1.14 -44.69 -8.37
N LEU A 202 0.96 -44.58 -9.69
CA LEU A 202 0.92 -45.74 -10.59
C LEU A 202 1.82 -45.56 -11.79
N GLY A 203 2.56 -44.46 -11.82
CA GLY A 203 3.45 -44.18 -12.94
C GLY A 203 2.74 -43.97 -14.28
N GLU A 204 1.47 -43.57 -14.17
CA GLU A 204 0.51 -43.53 -15.29
C GLU A 204 -0.05 -42.11 -15.55
N SER A 205 0.72 -41.30 -16.28
CA SER A 205 0.31 -39.95 -16.73
C SER A 205 -1.11 -39.79 -17.36
N ASP A 206 -1.61 -40.80 -18.05
CA ASP A 206 -2.85 -40.63 -18.83
C ASP A 206 -4.18 -40.81 -18.03
N PRO A 207 -5.00 -39.74 -18.00
CA PRO A 207 -6.28 -39.67 -17.27
C PRO A 207 -7.19 -40.92 -17.23
N ASP A 208 -7.73 -41.38 -18.36
CA ASP A 208 -8.71 -42.46 -18.32
C ASP A 208 -8.09 -43.78 -17.97
N LYS A 209 -6.79 -43.89 -18.21
CA LYS A 209 -6.09 -45.10 -17.82
C LYS A 209 -6.02 -45.16 -16.30
N ALA A 210 -5.41 -44.12 -15.73
CA ALA A 210 -5.24 -44.00 -14.29
C ALA A 210 -6.58 -44.16 -13.57
N ALA A 211 -7.63 -43.63 -14.17
CA ALA A 211 -8.96 -43.68 -13.59
C ALA A 211 -9.44 -45.13 -13.54
N LYS A 212 -9.23 -45.87 -14.63
CA LYS A 212 -9.56 -47.28 -14.62
C LYS A 212 -8.70 -48.05 -13.62
N ALA A 213 -7.46 -47.63 -13.39
CA ALA A 213 -6.69 -48.35 -12.38
C ALA A 213 -7.11 -47.97 -10.94
N PHE A 214 -7.61 -46.74 -10.74
CA PHE A 214 -8.10 -46.30 -9.42
C PHE A 214 -9.46 -46.84 -9.02
N SER A 215 -10.28 -47.22 -10.01
CA SER A 215 -11.74 -47.42 -9.80
C SER A 215 -12.22 -48.71 -9.09
N ASP A 216 -11.30 -49.56 -8.65
CA ASP A 216 -11.65 -50.61 -7.73
C ASP A 216 -11.66 -50.10 -6.30
N TYR A 217 -11.05 -48.94 -6.11
CA TYR A 217 -10.95 -48.31 -4.79
C TYR A 217 -11.76 -47.05 -4.65
N ALA A 218 -12.40 -46.55 -5.70
CA ALA A 218 -13.28 -45.39 -5.53
C ALA A 218 -14.50 -45.38 -6.47
N GLU A 219 -15.63 -44.93 -5.96
CA GLU A 219 -16.84 -44.80 -6.78
C GLU A 219 -16.80 -43.62 -7.77
N ILE A 220 -16.26 -42.49 -7.35
CA ILE A 220 -16.13 -41.31 -8.20
C ILE A 220 -14.67 -40.85 -8.19
N ILE A 221 -14.10 -40.57 -9.38
CA ILE A 221 -12.75 -40.02 -9.50
C ILE A 221 -12.81 -38.68 -10.21
N VAL A 222 -12.18 -37.68 -9.61
CA VAL A 222 -12.04 -36.36 -10.24
C VAL A 222 -10.58 -36.05 -10.66
N MET A 223 -10.33 -35.98 -11.98
CA MET A 223 -9.01 -35.57 -12.47
C MET A 223 -8.90 -34.08 -12.60
N LYS A 224 -8.20 -33.45 -11.67
CA LYS A 224 -7.88 -32.04 -11.80
C LYS A 224 -6.87 -31.94 -12.93
N LEU A 225 -7.00 -30.89 -13.74
CA LEU A 225 -6.25 -30.77 -14.99
C LEU A 225 -5.72 -29.34 -15.12
N GLY A 226 -5.82 -28.55 -14.05
CA GLY A 226 -5.30 -27.21 -14.03
C GLY A 226 -5.94 -26.29 -15.04
N PRO A 227 -5.13 -25.53 -15.79
CA PRO A 227 -5.70 -24.57 -16.74
C PRO A 227 -6.81 -25.21 -17.60
N LYS A 228 -6.59 -26.42 -18.11
CA LYS A 228 -7.51 -27.04 -19.08
C LYS A 228 -8.86 -27.51 -18.47
N GLY A 229 -8.92 -27.60 -17.13
CA GLY A 229 -10.15 -27.93 -16.40
C GLY A 229 -10.11 -29.22 -15.56
N ALA A 230 -11.05 -30.13 -15.81
CA ALA A 230 -11.13 -31.42 -15.08
C ALA A 230 -11.95 -32.49 -15.78
N ILE A 231 -11.88 -33.70 -15.23
CA ILE A 231 -12.66 -34.86 -15.74
C ILE A 231 -13.31 -35.57 -14.56
N VAL A 232 -14.60 -35.85 -14.66
CA VAL A 232 -15.24 -36.73 -13.67
C VAL A 232 -15.51 -38.13 -14.23
N TYR A 233 -15.08 -39.15 -13.48
CA TYR A 233 -15.28 -40.56 -13.83
C TYR A 233 -16.21 -41.21 -12.79
N TYR A 234 -17.25 -41.88 -13.27
CA TYR A 234 -18.34 -42.35 -12.43
C TYR A 234 -19.32 -43.20 -13.22
N ASP A 235 -19.92 -44.18 -12.59
CA ASP A 235 -20.91 -45.01 -13.26
C ASP A 235 -20.35 -45.54 -14.61
N GLY A 236 -19.09 -45.97 -14.62
CA GLY A 236 -18.40 -46.42 -15.82
C GLY A 236 -18.47 -45.44 -16.98
N LYS A 237 -18.61 -44.15 -16.66
CA LYS A 237 -18.80 -43.13 -17.67
C LYS A 237 -17.76 -42.02 -17.45
N LYS A 238 -17.52 -41.19 -18.45
CA LYS A 238 -16.52 -40.13 -18.32
C LYS A 238 -17.01 -38.78 -18.85
N TYR A 239 -16.85 -37.74 -18.04
CA TYR A 239 -17.26 -36.40 -18.47
C TYR A 239 -16.17 -35.38 -18.27
N TYR A 240 -15.75 -34.77 -19.35
CA TYR A 240 -14.72 -33.73 -19.30
C TYR A 240 -15.41 -32.36 -19.30
N SER A 241 -14.92 -31.47 -18.44
CA SER A 241 -15.47 -30.11 -18.27
C SER A 241 -14.33 -29.10 -18.37
N SER A 242 -14.33 -28.31 -19.43
CA SER A 242 -13.12 -27.55 -19.79
C SER A 242 -12.88 -26.27 -18.99
N GLY A 243 -11.74 -25.64 -19.26
CA GLY A 243 -11.31 -24.46 -18.50
C GLY A 243 -11.84 -23.14 -19.01
N TYR A 244 -11.62 -22.08 -18.23
CA TYR A 244 -11.86 -20.71 -18.69
C TYR A 244 -10.55 -19.93 -18.67
N GLN A 245 -10.44 -18.97 -19.58
CA GLN A 245 -9.31 -18.05 -19.63
C GLN A 245 -9.59 -16.79 -18.79
N VAL A 246 -8.71 -16.54 -17.83
CA VAL A 246 -8.97 -15.60 -16.79
C VAL A 246 -7.61 -15.12 -16.21
N PRO A 247 -7.48 -13.85 -15.84
CA PRO A 247 -6.27 -13.39 -15.15
C PRO A 247 -5.91 -14.31 -13.99
N VAL A 248 -4.64 -14.68 -13.91
CA VAL A 248 -4.11 -15.54 -12.87
C VAL A 248 -3.28 -14.71 -11.85
N GLU A 249 -3.87 -14.40 -10.71
CA GLU A 249 -3.12 -13.82 -9.59
C GLU A 249 -2.39 -14.90 -8.76
N ASP A 250 -3.10 -15.98 -8.44
CA ASP A 250 -2.56 -17.05 -7.60
C ASP A 250 -3.34 -18.36 -7.70
N VAL A 251 -2.64 -19.38 -8.18
CA VAL A 251 -3.13 -20.73 -8.40
C VAL A 251 -3.36 -21.47 -7.06
N THR A 252 -2.63 -21.11 -6.01
CA THR A 252 -2.83 -21.89 -4.81
C THR A 252 -4.28 -21.82 -4.28
N GLY A 253 -4.78 -22.96 -3.80
CA GLY A 253 -6.15 -23.13 -3.35
C GLY A 253 -7.15 -23.61 -4.40
N ALA A 254 -6.80 -23.53 -5.68
CA ALA A 254 -7.77 -23.82 -6.75
C ALA A 254 -8.19 -25.29 -6.79
N GLY A 255 -7.30 -26.16 -6.35
CA GLY A 255 -7.63 -27.58 -6.40
C GLY A 255 -8.73 -27.86 -5.42
N ASP A 256 -8.64 -27.22 -4.27
CA ASP A 256 -9.55 -27.41 -3.17
C ASP A 256 -10.91 -26.85 -3.50
N ALA A 257 -10.90 -25.68 -4.14
CA ALA A 257 -12.14 -25.03 -4.56
C ALA A 257 -12.91 -25.92 -5.51
N LEU A 258 -12.19 -26.61 -6.40
CA LEU A 258 -12.78 -27.64 -7.27
C LEU A 258 -13.45 -28.71 -6.41
N GLY A 259 -12.68 -29.30 -5.49
CA GLY A 259 -13.11 -30.45 -4.71
C GLY A 259 -14.23 -30.18 -3.71
N GLY A 260 -13.96 -29.29 -2.77
CA GLY A 260 -14.98 -28.88 -1.81
C GLY A 260 -16.31 -28.55 -2.50
N THR A 261 -16.28 -27.79 -3.58
CA THR A 261 -17.50 -27.37 -4.23
C THR A 261 -18.18 -28.56 -4.87
N PHE A 262 -17.39 -29.42 -5.52
CA PHE A 262 -17.92 -30.58 -6.21
C PHE A 262 -18.61 -31.56 -5.25
N LEU A 263 -17.96 -31.84 -4.13
CA LEU A 263 -18.52 -32.68 -3.09
C LEU A 263 -19.84 -32.13 -2.59
N SER A 264 -19.92 -30.80 -2.43
CA SER A 264 -21.06 -30.22 -1.73
C SER A 264 -22.30 -30.22 -2.62
N LEU A 265 -22.07 -29.96 -3.92
CA LEU A 265 -23.16 -29.85 -4.87
C LEU A 265 -23.67 -31.24 -5.18
N TYR A 266 -22.79 -32.23 -4.94
CA TYR A 266 -23.13 -33.62 -5.12
C TYR A 266 -24.14 -33.89 -4.03
N TYR A 267 -23.80 -33.46 -2.83
CA TYR A 267 -24.69 -33.65 -1.72
C TYR A 267 -25.90 -32.73 -1.73
N LYS A 268 -25.97 -31.81 -2.70
CA LYS A 268 -27.18 -31.03 -2.91
C LYS A 268 -28.07 -31.66 -4.02
N GLY A 269 -27.62 -32.75 -4.61
CA GLY A 269 -28.46 -33.44 -5.56
C GLY A 269 -28.09 -33.26 -7.03
N PHE A 270 -27.11 -32.42 -7.33
CA PHE A 270 -26.75 -32.08 -8.70
C PHE A 270 -26.31 -33.31 -9.42
N GLU A 271 -26.66 -33.42 -10.71
CA GLU A 271 -26.11 -34.49 -11.56
C GLU A 271 -24.61 -34.22 -11.72
N MET A 272 -23.80 -35.28 -11.74
CA MET A 272 -22.34 -35.16 -11.81
C MET A 272 -21.75 -34.12 -12.80
N GLU A 273 -22.20 -34.14 -14.06
CA GLU A 273 -21.80 -33.11 -15.04
C GLU A 273 -21.96 -31.69 -14.49
N LYS A 274 -23.16 -31.35 -14.01
CA LYS A 274 -23.42 -30.04 -13.42
C LYS A 274 -22.50 -29.71 -12.20
N ALA A 275 -22.24 -30.69 -11.35
CA ALA A 275 -21.44 -30.47 -10.16
C ALA A 275 -20.00 -30.08 -10.50
N LEU A 276 -19.37 -30.90 -11.34
CA LEU A 276 -18.05 -30.61 -11.86
C LEU A 276 -18.06 -29.27 -12.53
N ASP A 277 -19.04 -29.03 -13.42
CA ASP A 277 -19.16 -27.74 -14.11
C ASP A 277 -19.16 -26.57 -13.15
N TYR A 278 -20.02 -26.61 -12.11
CA TYR A 278 -20.10 -25.52 -11.15
C TYR A 278 -18.75 -25.33 -10.43
N ALA A 279 -18.14 -26.46 -10.10
CA ALA A 279 -16.90 -26.47 -9.35
C ALA A 279 -15.77 -25.90 -10.21
N ILE A 280 -15.80 -26.18 -11.51
CA ILE A 280 -14.80 -25.59 -12.40
C ILE A 280 -14.86 -24.05 -12.25
N VAL A 281 -16.06 -23.47 -12.12
CA VAL A 281 -16.13 -22.03 -11.87
C VAL A 281 -15.61 -21.57 -10.49
N ALA A 282 -15.77 -22.36 -9.43
CA ALA A 282 -15.11 -22.01 -8.18
C ALA A 282 -13.60 -21.93 -8.39
N SER A 283 -13.05 -22.97 -9.04
CA SER A 283 -11.66 -23.03 -9.43
C SER A 283 -11.17 -21.80 -10.23
N THR A 284 -11.95 -21.40 -11.23
CA THR A 284 -11.57 -20.29 -12.07
C THR A 284 -11.50 -19.02 -11.24
N LEU A 285 -12.53 -18.80 -10.40
CA LEU A 285 -12.56 -17.63 -9.52
C LEU A 285 -11.35 -17.57 -8.54
N ASN A 286 -11.01 -18.69 -7.91
CA ASN A 286 -9.84 -18.76 -7.01
C ASN A 286 -8.52 -18.25 -7.55
N VAL A 287 -8.31 -18.56 -8.83
CA VAL A 287 -7.08 -18.32 -9.60
C VAL A 287 -6.76 -16.82 -9.62
N MET A 288 -7.80 -16.00 -9.47
CA MET A 288 -7.67 -14.56 -9.67
C MET A 288 -7.65 -13.65 -8.43
N ILE A 289 -7.06 -14.11 -7.32
CA ILE A 289 -6.79 -13.30 -6.13
C ILE A 289 -5.74 -14.05 -5.33
N ARG A 290 -5.19 -13.40 -4.34
CA ARG A 290 -4.34 -14.05 -3.38
C ARG A 290 -5.28 -14.38 -2.27
N GLY A 291 -5.18 -15.59 -1.73
CA GLY A 291 -6.13 -16.07 -0.74
C GLY A 291 -6.76 -17.31 -1.32
N ASP A 292 -6.75 -18.37 -0.53
CA ASP A 292 -7.25 -19.64 -1.02
C ASP A 292 -8.76 -19.71 -0.90
N GLN A 293 -9.28 -18.91 0.03
CA GLN A 293 -10.63 -19.02 0.54
C GLN A 293 -11.54 -17.79 0.33
N GLU A 294 -10.98 -16.58 0.22
CA GLU A 294 -11.84 -15.41 0.03
C GLU A 294 -12.54 -15.28 -1.33
N ASN A 295 -12.21 -16.11 -2.31
CA ASN A 295 -12.94 -16.01 -3.57
C ASN A 295 -13.90 -17.12 -3.79
N LEU A 296 -14.00 -18.05 -2.83
CA LEU A 296 -14.86 -19.21 -3.02
C LEU A 296 -16.30 -18.75 -3.12
N PRO A 297 -16.94 -19.10 -4.23
CA PRO A 297 -18.29 -18.65 -4.51
C PRO A 297 -19.28 -19.54 -3.86
N THR A 298 -20.49 -19.24 -4.28
CA THR A 298 -21.72 -19.60 -3.66
C THR A 298 -22.56 -20.09 -4.83
N THR A 299 -23.51 -20.99 -4.56
CA THR A 299 -24.31 -21.55 -5.64
C THR A 299 -24.94 -20.41 -6.49
N LYS A 300 -25.51 -19.38 -5.84
CA LYS A 300 -25.94 -18.16 -6.54
C LYS A 300 -24.83 -17.48 -7.38
N ASP A 301 -23.67 -17.22 -6.77
CA ASP A 301 -22.53 -16.64 -7.48
C ASP A 301 -22.09 -17.45 -8.71
N ILE A 302 -21.97 -18.77 -8.57
CA ILE A 302 -21.62 -19.61 -9.69
C ILE A 302 -22.67 -19.41 -10.80
N GLU A 303 -23.94 -19.37 -10.38
CA GLU A 303 -24.99 -19.28 -11.39
C GLU A 303 -24.87 -17.98 -12.18
N THR A 304 -24.68 -16.89 -11.44
CA THR A 304 -24.42 -15.60 -12.05
C THR A 304 -23.29 -15.74 -13.03
N PHE A 305 -22.15 -16.26 -12.57
CA PHE A 305 -21.00 -16.44 -13.45
C PHE A 305 -21.47 -17.12 -14.74
N LEU A 306 -22.26 -18.18 -14.59
CA LEU A 306 -22.62 -18.98 -15.75
C LEU A 306 -23.58 -18.28 -16.70
N ARG A 307 -24.56 -17.55 -16.18
CA ARG A 307 -25.53 -16.85 -17.02
C ARG A 307 -24.85 -15.84 -17.93
N GLU A 308 -24.00 -15.00 -17.35
CA GLU A 308 -23.33 -13.97 -18.15
C GLU A 308 -22.12 -14.47 -18.95
N MET A 309 -21.94 -15.78 -19.04
CA MET A 309 -20.94 -16.32 -19.99
C MET A 309 -21.63 -16.98 -21.22
N LYS A 310 -22.75 -16.36 -21.62
CA LYS A 310 -23.70 -16.83 -22.62
C LYS A 310 -24.52 -17.97 -22.01
N ALA B 2 40.00 -1.38 11.53
CA ALA B 2 39.63 -2.56 12.38
C ALA B 2 38.73 -3.58 11.65
N LYS B 3 39.00 -4.86 11.85
CA LYS B 3 38.09 -5.86 11.34
C LYS B 3 37.27 -6.50 12.49
N LEU B 4 35.96 -6.59 12.31
CA LEU B 4 35.16 -7.38 13.24
C LEU B 4 34.68 -8.63 12.54
N ILE B 5 34.70 -9.74 13.27
CA ILE B 5 34.05 -10.95 12.81
C ILE B 5 33.08 -11.41 13.88
N THR B 6 31.81 -11.47 13.50
CA THR B 6 30.78 -11.93 14.43
C THR B 6 30.25 -13.24 13.96
N LEU B 7 29.73 -13.98 14.91
CA LEU B 7 29.42 -15.39 14.73
C LEU B 7 28.00 -15.60 15.23
N GLY B 8 27.06 -15.84 14.31
CA GLY B 8 25.63 -15.80 14.64
C GLY B 8 24.65 -16.34 13.60
N GLU B 9 23.36 -16.07 13.84
CA GLU B 9 22.28 -16.45 12.93
C GLU B 9 21.64 -15.24 12.34
N ILE B 10 21.75 -15.11 11.03
CA ILE B 10 21.03 -14.08 10.32
C ILE B 10 19.63 -14.60 10.20
N LEU B 11 18.68 -13.75 10.55
CA LEU B 11 17.31 -14.17 10.52
C LEU B 11 16.64 -13.35 9.45
N ILE B 12 15.46 -13.75 9.01
CA ILE B 12 14.66 -12.91 8.12
C ILE B 12 13.41 -12.42 8.84
N GLU B 13 13.19 -11.10 8.79
CA GLU B 13 12.18 -10.45 9.60
C GLU B 13 10.95 -10.07 8.82
N PHE B 14 9.82 -10.57 9.27
CA PHE B 14 8.56 -10.07 8.77
C PHE B 14 7.92 -9.16 9.80
N ASN B 15 8.05 -7.86 9.57
CA ASN B 15 7.55 -6.87 10.49
C ASN B 15 6.09 -6.55 10.22
N ALA B 16 5.21 -6.68 11.23
CA ALA B 16 3.78 -6.32 11.11
C ALA B 16 3.55 -4.90 10.65
N LEU B 17 2.87 -4.70 9.52
CA LEU B 17 2.66 -3.34 9.01
C LEU B 17 1.84 -2.36 9.94
N SER B 18 1.03 -2.89 10.85
CA SER B 18 0.22 -2.05 11.73
C SER B 18 0.56 -2.53 13.10
N PRO B 19 0.24 -1.80 14.16
CA PRO B 19 0.40 -2.37 15.48
C PRO B 19 -0.77 -3.40 15.72
N GLY B 20 -0.87 -4.09 16.87
CA GLY B 20 -1.98 -5.01 17.12
C GLY B 20 -1.66 -6.52 17.02
N PRO B 21 -2.55 -7.37 17.53
CA PRO B 21 -2.27 -8.81 17.53
C PRO B 21 -2.22 -9.29 16.09
N LEU B 22 -1.22 -10.11 15.78
CA LEU B 22 -0.96 -10.49 14.41
C LEU B 22 -2.16 -11.09 13.76
N ARG B 23 -2.98 -11.79 14.54
CA ARG B 23 -4.20 -12.42 14.02
C ARG B 23 -5.10 -11.42 13.26
N HIS B 24 -4.92 -10.12 13.50
CA HIS B 24 -5.71 -9.08 12.82
C HIS B 24 -4.79 -8.12 12.04
N VAL B 25 -3.60 -8.56 11.69
CA VAL B 25 -2.63 -7.73 10.98
C VAL B 25 -2.56 -8.41 9.67
N SER B 26 -2.71 -7.71 8.56
CA SER B 26 -2.71 -8.41 7.28
C SER B 26 -1.42 -8.32 6.44
N TYR B 27 -0.60 -7.30 6.67
CA TYR B 27 0.57 -7.06 5.84
C TYR B 27 1.88 -7.13 6.61
N PHE B 28 2.79 -7.92 6.09
CA PHE B 28 4.06 -8.05 6.78
C PHE B 28 5.12 -7.57 5.83
N GLU B 29 6.11 -6.90 6.40
CA GLU B 29 7.15 -6.20 5.64
C GLU B 29 8.50 -6.87 5.93
N LYS B 30 9.20 -7.27 4.86
CA LYS B 30 10.38 -8.13 5.05
C LYS B 30 11.67 -7.35 5.32
N HIS B 31 12.48 -7.88 6.24
CA HIS B 31 13.80 -7.32 6.55
C HIS B 31 14.85 -8.40 6.86
N VAL B 32 16.11 -8.07 6.59
CA VAL B 32 17.26 -8.89 6.97
C VAL B 32 17.63 -8.43 8.33
N ALA B 33 17.81 -9.36 9.27
CA ALA B 33 18.12 -9.02 10.68
C ALA B 33 18.88 -10.14 11.44
N GLY B 34 18.74 -10.18 12.78
CA GLY B 34 19.44 -11.16 13.62
C GLY B 34 20.61 -10.44 14.29
N SER B 35 20.82 -10.60 15.59
CA SER B 35 21.72 -9.71 16.34
C SER B 35 23.07 -9.40 15.64
N GLU B 36 23.86 -10.46 15.44
CA GLU B 36 25.21 -10.41 14.86
C GLU B 36 25.22 -9.73 13.49
N ALA B 37 24.20 -10.00 12.68
CA ALA B 37 24.00 -9.28 11.43
C ALA B 37 23.90 -7.79 11.65
N ASN B 38 23.08 -7.36 12.61
CA ASN B 38 22.93 -5.93 12.92
C ASN B 38 24.23 -5.30 13.47
N TYR B 39 25.11 -6.11 14.08
CA TYR B 39 26.33 -5.57 14.69
C TYR B 39 27.26 -5.27 13.53
N CYS B 40 27.38 -6.21 12.59
CA CYS B 40 28.25 -6.03 11.42
C CYS B 40 27.98 -4.68 10.76
N VAL B 41 26.74 -4.44 10.36
CA VAL B 41 26.51 -3.25 9.58
C VAL B 41 26.61 -2.01 10.44
N ALA B 42 26.32 -2.10 11.73
CA ALA B 42 26.55 -0.95 12.60
C ALA B 42 28.05 -0.67 12.64
N PHE B 43 28.83 -1.74 12.83
CA PHE B 43 30.29 -1.63 12.80
C PHE B 43 30.83 -1.01 11.48
N ILE B 44 30.39 -1.51 10.33
CA ILE B 44 30.87 -0.96 9.07
C ILE B 44 30.58 0.54 8.87
N LYS B 45 29.43 1.02 9.35
CA LYS B 45 29.01 2.37 9.03
C LYS B 45 29.94 3.44 9.60
N GLN B 46 30.65 3.10 10.67
CA GLN B 46 31.67 3.97 11.22
C GLN B 46 33.05 3.82 10.54
N GLY B 47 33.06 3.24 9.34
CA GLY B 47 34.25 3.20 8.51
C GLY B 47 35.22 2.10 8.84
N ASN B 48 34.82 1.13 9.66
CA ASN B 48 35.64 -0.04 9.87
C ASN B 48 35.11 -1.20 9.01
N GLU B 49 35.80 -2.33 9.05
CA GLU B 49 35.43 -3.46 8.23
C GLU B 49 34.86 -4.53 9.08
N CYS B 50 34.18 -5.49 8.45
CA CYS B 50 33.56 -6.58 9.19
C CYS B 50 33.15 -7.76 8.32
N GLY B 51 33.11 -8.95 8.93
CA GLY B 51 32.65 -10.17 8.30
C GLY B 51 31.80 -10.98 9.27
N ILE B 52 31.10 -11.98 8.73
CA ILE B 52 30.18 -12.79 9.54
C ILE B 52 30.35 -14.26 9.22
N ILE B 53 30.45 -15.09 10.27
CA ILE B 53 30.37 -16.53 10.13
C ILE B 53 28.94 -16.91 10.53
N ALA B 54 28.23 -17.49 9.56
CA ALA B 54 26.81 -17.81 9.66
C ALA B 54 26.44 -18.87 8.62
N LYS B 55 25.42 -19.66 8.94
CA LYS B 55 24.96 -20.63 7.97
C LYS B 55 23.56 -20.27 7.49
N VAL B 56 23.34 -20.19 6.18
CA VAL B 56 21.94 -20.06 5.72
C VAL B 56 21.39 -21.22 4.90
N GLY B 57 20.08 -21.18 4.70
CA GLY B 57 19.40 -22.11 3.83
C GLY B 57 19.75 -21.84 2.39
N ASP B 58 19.61 -22.89 1.60
CA ASP B 58 19.80 -22.81 0.16
C ASP B 58 18.49 -22.43 -0.52
N ASP B 59 17.94 -21.28 -0.11
CA ASP B 59 16.60 -20.87 -0.47
C ASP B 59 16.55 -19.36 -0.67
N GLU B 60 15.36 -18.84 -0.97
CA GLU B 60 15.23 -17.44 -1.34
C GLU B 60 15.64 -16.52 -0.23
N PHE B 61 15.33 -16.90 1.01
CA PHE B 61 15.71 -16.10 2.20
C PHE B 61 17.23 -16.13 2.43
N GLY B 62 17.86 -17.27 2.14
CA GLY B 62 19.28 -17.43 2.33
C GLY B 62 19.98 -16.41 1.47
N TYR B 63 19.69 -16.48 0.17
CA TYR B 63 20.18 -15.48 -0.77
C TYR B 63 19.76 -14.04 -0.41
N ASN B 64 18.57 -13.88 0.16
CA ASN B 64 18.17 -12.55 0.62
C ASN B 64 19.23 -11.95 1.54
N ALA B 65 19.77 -12.78 2.44
CA ALA B 65 20.65 -12.35 3.53
C ALA B 65 22.11 -12.06 3.10
N ILE B 66 22.58 -12.90 2.15
CA ILE B 66 23.87 -12.71 1.51
C ILE B 66 23.80 -11.44 0.67
N GLU B 67 22.71 -11.27 -0.10
CA GLU B 67 22.60 -10.13 -1.04
C GLU B 67 22.58 -8.84 -0.29
N TRP B 68 21.71 -8.80 0.69
CA TRP B 68 21.65 -7.67 1.58
C TRP B 68 23.00 -7.41 2.19
N LEU B 69 23.62 -8.41 2.80
CA LEU B 69 24.82 -8.07 3.58
C LEU B 69 26.02 -7.73 2.70
N ARG B 70 26.12 -8.42 1.54
CA ARG B 70 27.18 -8.11 0.58
C ARG B 70 26.93 -6.66 0.20
N GLY B 71 25.64 -6.35 0.00
CA GLY B 71 25.19 -5.01 -0.30
C GLY B 71 25.72 -3.97 0.66
N GLN B 72 25.80 -4.28 1.94
CA GLN B 72 26.22 -3.31 2.94
C GLN B 72 27.73 -3.26 3.18
N GLY B 73 28.50 -3.99 2.37
CA GLY B 73 29.96 -4.04 2.47
C GLY B 73 30.49 -5.06 3.46
N VAL B 74 29.63 -5.95 3.94
CA VAL B 74 30.04 -6.98 4.90
C VAL B 74 30.64 -8.17 4.14
N ASP B 75 31.70 -8.77 4.69
CA ASP B 75 32.29 -9.95 4.09
C ASP B 75 31.36 -11.15 4.27
N VAL B 76 30.99 -11.75 3.15
CA VAL B 76 30.03 -12.84 3.20
C VAL B 76 30.62 -14.11 2.58
N SER B 77 31.89 -14.06 2.26
CA SER B 77 32.62 -15.17 1.66
C SER B 77 32.91 -16.33 2.63
N HIS B 78 32.50 -16.24 3.89
CA HIS B 78 32.63 -17.38 4.81
C HIS B 78 31.29 -17.73 5.44
N MET B 79 30.23 -17.24 4.82
CA MET B 79 28.93 -17.75 5.12
C MET B 79 28.83 -19.12 4.48
N LYS B 80 28.03 -20.00 5.07
CA LYS B 80 27.88 -21.32 4.50
C LYS B 80 26.42 -21.45 4.08
N ILE B 81 26.13 -22.41 3.20
CA ILE B 81 24.78 -22.65 2.78
C ILE B 81 24.48 -24.09 3.06
N ASP B 82 23.41 -24.34 3.82
CA ASP B 82 23.00 -25.70 4.05
C ASP B 82 21.86 -26.04 3.12
N PRO B 83 22.04 -27.04 2.27
CA PRO B 83 20.96 -27.41 1.36
C PRO B 83 19.86 -28.18 2.12
N SER B 84 20.20 -28.74 3.30
CA SER B 84 19.29 -29.59 4.07
C SER B 84 18.30 -28.87 5.03
N ALA B 85 18.63 -27.72 5.59
CA ALA B 85 17.66 -27.00 6.43
C ALA B 85 17.41 -25.59 5.91
N PRO B 86 16.25 -25.00 6.26
CA PRO B 86 15.88 -23.64 5.81
C PRO B 86 16.43 -22.49 6.61
N THR B 87 16.42 -21.32 5.97
CA THR B 87 16.71 -20.08 6.68
C THR B 87 15.69 -19.78 7.77
N GLY B 88 16.20 -19.29 8.89
CA GLY B 88 15.41 -19.01 10.08
C GLY B 88 14.76 -17.66 9.97
N ILE B 89 13.47 -17.61 10.28
CA ILE B 89 12.67 -16.40 10.13
C ILE B 89 12.07 -16.04 11.47
N PHE B 90 11.45 -14.86 11.55
CA PHE B 90 10.56 -14.49 12.67
C PHE B 90 9.65 -13.33 12.34
N PHE B 91 8.58 -13.22 13.13
CA PHE B 91 7.64 -12.12 12.97
C PHE B 91 7.78 -11.18 14.15
N ILE B 92 7.68 -9.87 13.90
CA ILE B 92 7.45 -8.94 15.01
C ILE B 92 5.97 -8.47 15.16
N GLN B 93 5.40 -8.70 16.34
CA GLN B 93 4.15 -8.08 16.83
C GLN B 93 4.49 -6.76 17.51
N ARG B 94 3.76 -5.71 17.17
CA ARG B 94 4.19 -4.38 17.57
C ARG B 94 3.18 -3.60 18.42
N HIS B 95 3.62 -3.11 19.59
CA HIS B 95 2.78 -2.30 20.51
C HIS B 95 1.44 -2.93 20.98
N TYR B 96 1.37 -4.25 20.98
CA TYR B 96 0.20 -4.97 21.44
C TYR B 96 0.62 -6.28 22.07
N PRO B 97 0.25 -6.54 23.35
CA PRO B 97 -0.61 -5.66 24.16
C PRO B 97 0.11 -4.57 24.97
N VAL B 98 1.39 -4.29 24.69
CA VAL B 98 2.10 -3.21 25.39
C VAL B 98 2.63 -2.15 24.45
N PRO B 99 2.13 -0.93 24.60
CA PRO B 99 2.65 0.23 23.88
C PRO B 99 4.17 0.29 23.92
N LEU B 100 4.76 0.66 22.78
CA LEU B 100 6.20 0.92 22.63
C LEU B 100 7.07 -0.32 22.51
N LYS B 101 6.52 -1.46 22.97
CA LYS B 101 7.22 -2.74 23.03
C LYS B 101 6.95 -3.54 21.76
N SER B 102 7.79 -4.56 21.53
CA SER B 102 7.79 -5.44 20.36
C SER B 102 8.10 -6.90 20.76
N GLU B 103 7.42 -7.85 20.10
CA GLU B 103 7.52 -9.26 20.40
C GLU B 103 8.07 -9.98 19.21
N SER B 104 8.94 -10.94 19.43
CA SER B 104 9.40 -11.74 18.33
C SER B 104 8.81 -13.11 18.42
N ILE B 105 8.26 -13.56 17.29
CA ILE B 105 7.68 -14.89 17.14
C ILE B 105 8.52 -15.75 16.19
N TYR B 106 9.23 -16.72 16.78
CA TYR B 106 10.28 -17.48 16.08
C TYR B 106 9.85 -18.74 15.30
N TYR B 107 10.22 -18.80 14.03
CA TYR B 107 10.19 -20.03 13.25
C TYR B 107 11.65 -20.34 12.89
N ARG B 108 12.37 -20.85 13.89
CA ARG B 108 13.81 -21.04 13.78
C ARG B 108 14.34 -22.30 14.42
N LYS B 109 13.48 -23.17 14.95
CA LYS B 109 13.93 -24.44 15.53
C LYS B 109 14.48 -25.34 14.44
N GLY B 110 15.74 -25.75 14.55
CA GLY B 110 16.34 -26.64 13.56
C GLY B 110 16.48 -26.03 12.17
N SER B 111 16.76 -24.73 12.14
CA SER B 111 17.02 -24.02 10.92
C SER B 111 18.46 -24.27 10.48
N ALA B 112 18.76 -23.89 9.23
CA ALA B 112 20.11 -23.92 8.68
C ALA B 112 21.01 -23.09 9.60
N GLY B 113 20.46 -21.94 10.01
CA GLY B 113 21.17 -20.98 10.81
C GLY B 113 21.70 -21.63 12.07
N SER B 114 20.95 -22.58 12.62
CA SER B 114 21.30 -23.22 13.90
C SER B 114 22.21 -24.42 13.74
N LYS B 115 22.38 -24.91 12.51
CA LYS B 115 23.35 -25.93 12.18
C LYS B 115 24.73 -25.33 12.02
N LEU B 116 24.89 -24.08 12.42
CA LEU B 116 26.20 -23.47 12.55
C LEU B 116 27.10 -24.40 13.40
N SER B 117 28.24 -24.82 12.84
CA SER B 117 29.11 -25.83 13.46
C SER B 117 30.57 -25.38 13.56
N PRO B 118 31.33 -25.94 14.52
CA PRO B 118 32.79 -25.65 14.62
C PRO B 118 33.49 -25.71 13.26
N GLU B 119 33.01 -26.57 12.38
CA GLU B 119 33.67 -26.83 11.10
C GLU B 119 33.49 -25.65 10.13
N ASP B 120 32.64 -24.71 10.52
CA ASP B 120 32.39 -23.50 9.75
C ASP B 120 33.34 -22.37 10.21
N VAL B 121 33.98 -22.59 11.34
CA VAL B 121 34.90 -21.59 11.84
C VAL B 121 36.34 -21.97 11.46
N ASP B 122 36.76 -21.51 10.28
CA ASP B 122 38.14 -21.64 9.82
C ASP B 122 38.97 -20.61 10.55
N GLU B 123 40.08 -21.04 11.16
CA GLU B 123 40.94 -20.16 11.98
C GLU B 123 41.75 -19.14 11.17
N GLU B 124 42.11 -19.47 9.93
CA GLU B 124 42.84 -18.54 9.07
C GLU B 124 42.07 -17.23 8.92
N TYR B 125 40.76 -17.34 8.66
CA TYR B 125 39.84 -16.19 8.64
C TYR B 125 39.73 -15.50 10.00
N VAL B 126 39.41 -16.28 11.04
CA VAL B 126 39.24 -15.70 12.37
C VAL B 126 40.42 -14.88 12.88
N LYS B 127 41.63 -15.45 12.97
CA LYS B 127 42.78 -14.69 13.54
C LYS B 127 43.16 -13.46 12.70
N SER B 128 42.55 -13.33 11.51
CA SER B 128 42.53 -12.07 10.75
C SER B 128 41.69 -10.94 11.37
N ALA B 129 40.99 -11.20 12.46
CA ALA B 129 40.14 -10.15 13.02
C ALA B 129 40.79 -9.47 14.18
N ASP B 130 40.49 -8.19 14.33
CA ASP B 130 40.84 -7.46 15.54
C ASP B 130 39.96 -7.84 16.74
N LEU B 131 38.77 -8.36 16.43
CA LEU B 131 37.69 -8.53 17.40
C LEU B 131 36.69 -9.54 16.91
N VAL B 132 36.45 -10.53 17.77
CA VAL B 132 35.53 -11.62 17.50
C VAL B 132 34.37 -11.48 18.48
N HIS B 133 33.15 -11.33 17.96
CA HIS B 133 31.92 -11.04 18.75
C HIS B 133 30.92 -12.18 18.61
N SER B 134 30.15 -12.46 19.65
CA SER B 134 28.95 -13.32 19.53
C SER B 134 28.00 -13.00 20.66
N SER B 135 26.94 -13.78 20.84
CA SER B 135 25.92 -13.41 21.82
C SER B 135 25.30 -14.62 22.46
N GLY B 136 24.36 -14.37 23.39
CA GLY B 136 23.63 -15.44 24.07
C GLY B 136 22.67 -16.13 23.13
N ILE B 137 22.29 -15.40 22.07
CA ILE B 137 21.38 -15.93 21.07
C ILE B 137 22.10 -17.10 20.44
N THR B 138 23.41 -16.94 20.27
CA THR B 138 24.22 -17.92 19.56
C THR B 138 24.43 -19.17 20.39
N LEU B 139 24.63 -18.96 21.67
CA LEU B 139 24.60 -20.05 22.62
C LEU B 139 23.23 -20.76 22.69
N ALA B 140 22.13 -20.02 22.71
CA ALA B 140 20.84 -20.67 22.95
C ALA B 140 20.36 -21.47 21.78
N ILE B 141 20.67 -21.04 20.55
CA ILE B 141 20.03 -21.65 19.40
C ILE B 141 20.30 -23.12 19.31
N SER B 142 21.53 -23.56 19.55
CA SER B 142 21.89 -24.99 19.47
C SER B 142 23.21 -25.35 20.18
N SER B 143 23.56 -26.64 20.24
CA SER B 143 24.85 -27.04 20.84
C SER B 143 25.97 -26.75 19.87
N THR B 144 25.77 -27.16 18.62
CA THR B 144 26.76 -27.01 17.54
C THR B 144 27.19 -25.54 17.34
N ALA B 145 26.19 -24.63 17.37
CA ALA B 145 26.40 -23.17 17.35
C ALA B 145 27.05 -22.63 18.61
N LYS B 146 26.66 -23.14 19.76
CA LYS B 146 27.31 -22.77 21.01
C LYS B 146 28.79 -23.16 20.95
N GLU B 147 29.06 -24.34 20.39
CA GLU B 147 30.44 -24.81 20.18
C GLU B 147 31.27 -23.96 19.20
N ALA B 148 30.60 -23.46 18.14
CA ALA B 148 31.22 -22.54 17.20
C ALA B 148 31.72 -21.27 17.90
N VAL B 149 31.00 -20.81 18.92
CA VAL B 149 31.49 -19.71 19.74
C VAL B 149 32.69 -20.16 20.55
N TYR B 150 32.59 -21.35 21.13
CA TYR B 150 33.69 -21.91 21.91
C TYR B 150 34.99 -21.95 21.10
N LYS B 151 34.95 -22.59 19.91
CA LYS B 151 36.05 -22.55 18.95
C LYS B 151 36.55 -21.13 18.68
N ALA B 152 35.82 -20.39 17.87
CA ALA B 152 36.15 -19.02 17.52
C ALA B 152 36.76 -18.27 18.68
N PHE B 153 36.07 -18.31 19.83
CA PHE B 153 36.58 -17.64 21.03
C PHE B 153 37.91 -18.13 21.54
N GLU B 154 38.29 -19.39 21.25
CA GLU B 154 39.59 -19.84 21.71
C GLU B 154 40.71 -19.54 20.73
N ILE B 155 40.40 -19.42 19.44
CA ILE B 155 41.36 -18.86 18.50
C ILE B 155 41.52 -17.35 18.76
N ALA B 156 40.40 -16.69 19.02
CA ALA B 156 40.35 -15.25 19.23
C ALA B 156 41.33 -14.74 20.27
N SER B 157 42.07 -13.72 19.86
CA SER B 157 42.88 -12.95 20.78
C SER B 157 41.90 -12.08 21.55
N ASN B 158 41.19 -11.22 20.81
CA ASN B 158 40.22 -10.31 21.43
C ASN B 158 38.77 -10.68 21.15
N ARG B 159 37.93 -10.48 22.19
CA ARG B 159 36.62 -11.11 22.35
C ARG B 159 35.54 -10.13 22.83
N SER B 160 34.36 -10.24 22.21
CA SER B 160 33.19 -9.40 22.53
C SER B 160 31.95 -10.26 22.65
N PHE B 161 31.15 -9.94 23.66
CA PHE B 161 29.97 -10.71 23.96
C PHE B 161 28.81 -9.86 24.36
N ASP B 162 27.70 -10.01 23.64
CA ASP B 162 26.41 -9.43 24.01
C ASP B 162 25.58 -10.52 24.70
N THR B 163 25.20 -10.32 25.96
CA THR B 163 24.51 -11.42 26.66
C THR B 163 23.24 -11.77 25.91
N ASN B 164 22.46 -10.72 25.56
CA ASN B 164 21.28 -10.86 24.69
C ASN B 164 20.46 -12.10 24.96
N ILE B 165 20.05 -12.27 26.23
CA ILE B 165 19.26 -13.43 26.67
C ILE B 165 17.83 -13.34 26.17
N ARG B 166 17.43 -14.34 25.39
CA ARG B 166 16.07 -14.44 24.92
C ARG B 166 15.43 -15.61 25.64
N LEU B 167 14.51 -15.26 26.52
CA LEU B 167 13.83 -16.24 27.37
C LEU B 167 12.94 -17.22 26.59
N LYS B 168 12.53 -16.84 25.38
CA LYS B 168 11.80 -17.76 24.53
C LYS B 168 12.71 -18.89 24.03
N LEU B 169 14.02 -18.67 24.04
CA LEU B 169 14.94 -19.60 23.42
C LEU B 169 15.48 -20.61 24.41
N TRP B 170 15.61 -20.16 25.66
CA TRP B 170 16.03 -21.00 26.77
C TRP B 170 15.54 -20.41 28.11
N SER B 171 15.72 -21.16 29.20
CA SER B 171 15.21 -20.75 30.52
C SER B 171 16.25 -19.97 31.30
N ALA B 172 15.79 -19.09 32.18
CA ALA B 172 16.66 -18.17 32.93
C ALA B 172 17.89 -18.83 33.53
N GLU B 173 17.75 -20.12 33.86
CA GLU B 173 18.74 -20.91 34.60
C GLU B 173 19.75 -21.48 33.65
N GLU B 174 19.25 -21.82 32.46
CA GLU B 174 20.05 -22.28 31.34
C GLU B 174 20.97 -21.13 30.86
N ALA B 175 20.37 -19.97 30.59
CA ALA B 175 21.12 -18.76 30.37
C ALA B 175 22.22 -18.66 31.43
N LYS B 176 21.83 -18.55 32.72
CA LYS B 176 22.75 -18.29 33.84
C LYS B 176 23.93 -19.25 33.86
N ARG B 177 23.66 -20.56 33.83
CA ARG B 177 24.75 -21.53 33.78
C ARG B 177 25.71 -21.32 32.60
N GLU B 178 25.15 -21.20 31.39
CA GLU B 178 25.94 -21.20 30.16
C GLU B 178 26.74 -19.92 29.93
N ILE B 179 26.17 -18.75 30.26
CA ILE B 179 26.90 -17.51 30.09
C ILE B 179 28.08 -17.46 31.07
N LEU B 180 27.84 -17.77 32.36
CA LEU B 180 28.87 -18.07 33.36
C LEU B 180 29.94 -19.06 32.87
N LYS B 181 29.50 -20.25 32.43
CA LYS B 181 30.44 -21.27 31.94
C LYS B 181 31.33 -20.73 30.81
N LEU B 182 30.74 -20.00 29.87
CA LEU B 182 31.48 -19.28 28.83
C LEU B 182 32.49 -18.32 29.45
N LEU B 183 32.03 -17.53 30.42
CA LEU B 183 32.84 -16.49 31.08
C LEU B 183 33.94 -17.04 32.00
N SER B 184 33.82 -18.32 32.39
CA SER B 184 34.87 -19.08 33.08
C SER B 184 36.14 -19.24 32.23
N LYS B 185 36.08 -20.00 31.13
CA LYS B 185 37.12 -19.96 30.09
C LYS B 185 37.11 -18.51 29.55
N PHE B 186 37.71 -18.19 28.40
CA PHE B 186 37.43 -16.88 27.74
C PHE B 186 37.21 -15.58 28.62
N HIS B 187 38.22 -14.71 28.69
CA HIS B 187 38.08 -13.38 29.29
C HIS B 187 37.67 -12.42 28.15
N LEU B 188 37.14 -11.24 28.48
CA LEU B 188 36.52 -10.34 27.50
C LEU B 188 37.04 -8.89 27.50
N LYS B 189 37.43 -8.38 26.34
CA LYS B 189 37.70 -6.95 26.20
C LYS B 189 36.42 -6.13 26.30
N PHE B 190 35.33 -6.75 25.84
CA PHE B 190 34.06 -6.06 25.72
C PHE B 190 32.96 -6.99 26.20
N LEU B 191 32.19 -6.50 27.17
CA LEU B 191 30.95 -7.20 27.57
C LEU B 191 29.77 -6.25 27.42
N ILE B 192 28.77 -6.70 26.67
CA ILE B 192 27.57 -5.89 26.47
C ILE B 192 26.38 -6.63 27.04
N THR B 193 25.62 -5.91 27.86
CA THR B 193 24.48 -6.47 28.55
C THR B 193 23.59 -5.40 29.19
N ASP B 194 22.64 -5.84 30.00
CA ASP B 194 21.68 -4.92 30.59
C ASP B 194 21.23 -5.42 31.96
N THR B 195 20.64 -4.49 32.70
CA THR B 195 19.94 -4.74 33.95
C THR B 195 19.20 -6.07 34.08
N ASP B 196 18.41 -6.42 33.06
CA ASP B 196 17.51 -7.56 33.19
C ASP B 196 18.25 -8.87 32.97
N ASP B 197 19.13 -8.87 31.96
CA ASP B 197 20.07 -9.95 31.72
C ASP B 197 20.93 -10.15 32.96
N SER B 198 21.21 -9.04 33.67
CA SER B 198 22.04 -9.04 34.84
C SER B 198 21.38 -9.71 36.02
N LYS B 199 20.10 -9.44 36.26
CA LYS B 199 19.34 -10.19 37.27
C LYS B 199 19.38 -11.68 36.92
N ILE B 200 18.88 -12.05 35.75
CA ILE B 200 18.94 -13.43 35.30
C ILE B 200 20.32 -14.08 35.52
N ILE B 201 21.40 -13.36 35.23
CA ILE B 201 22.74 -13.95 35.32
C ILE B 201 23.25 -14.03 36.74
N LEU B 202 23.17 -12.91 37.45
CA LEU B 202 23.96 -12.74 38.66
C LEU B 202 23.06 -12.71 39.89
N GLY B 203 21.95 -12.01 39.77
CA GLY B 203 21.01 -11.82 40.84
C GLY B 203 21.16 -10.38 41.24
N GLU B 204 21.89 -9.63 40.41
CA GLU B 204 22.15 -8.20 40.63
C GLU B 204 21.63 -7.24 39.53
N SER B 205 20.70 -6.36 39.88
CA SER B 205 20.07 -5.51 38.89
C SER B 205 20.41 -4.06 39.09
N ASP B 206 21.31 -3.78 40.03
CA ASP B 206 21.90 -2.43 40.05
C ASP B 206 23.02 -2.40 39.01
N PRO B 207 22.98 -1.42 38.12
CA PRO B 207 24.04 -1.25 37.11
C PRO B 207 25.47 -1.38 37.67
N ASP B 208 25.89 -0.57 38.64
CA ASP B 208 27.24 -0.69 39.27
C ASP B 208 27.59 -2.06 39.89
N LYS B 209 26.73 -2.61 40.74
CA LYS B 209 27.00 -3.91 41.36
C LYS B 209 27.16 -5.04 40.33
N ALA B 210 26.33 -5.06 39.28
CA ALA B 210 26.49 -6.06 38.22
C ALA B 210 27.77 -5.82 37.41
N ALA B 211 28.05 -4.54 37.22
CA ALA B 211 29.28 -4.09 36.57
C ALA B 211 30.50 -4.58 37.31
N LYS B 212 30.53 -4.29 38.62
CA LYS B 212 31.64 -4.66 39.49
C LYS B 212 31.84 -6.19 39.51
N ALA B 213 30.75 -6.93 39.68
CA ALA B 213 30.81 -8.37 39.60
C ALA B 213 31.33 -8.85 38.23
N PHE B 214 30.89 -8.20 37.14
CA PHE B 214 31.34 -8.57 35.78
C PHE B 214 32.77 -8.10 35.40
N SER B 215 33.24 -7.07 36.11
CA SER B 215 34.51 -6.38 35.81
C SER B 215 35.67 -7.26 36.11
N ASP B 216 35.40 -8.38 36.76
CA ASP B 216 36.36 -9.47 36.82
C ASP B 216 36.60 -10.03 35.42
N TYR B 217 35.52 -10.27 34.67
CA TYR B 217 35.65 -10.96 33.38
C TYR B 217 35.74 -10.09 32.10
N ALA B 218 35.72 -8.76 32.26
CA ALA B 218 35.67 -7.87 31.11
C ALA B 218 36.38 -6.54 31.31
N GLU B 219 37.24 -6.17 30.38
CA GLU B 219 37.88 -4.86 30.37
C GLU B 219 36.80 -3.75 30.29
N ILE B 220 35.95 -3.81 29.26
CA ILE B 220 34.94 -2.75 29.00
C ILE B 220 33.50 -3.27 29.02
N ILE B 221 32.66 -2.67 29.87
CA ILE B 221 31.28 -3.15 30.04
C ILE B 221 30.28 -2.09 29.70
N VAL B 222 29.36 -2.45 28.81
CA VAL B 222 28.21 -1.61 28.50
C VAL B 222 26.93 -2.20 29.11
N MET B 223 26.27 -1.36 29.90
CA MET B 223 24.93 -1.59 30.39
C MET B 223 23.96 -0.84 29.49
N LYS B 224 23.21 -1.56 28.63
CA LYS B 224 22.05 -1.00 27.90
C LYS B 224 20.91 -0.71 28.91
N LEU B 225 20.43 0.53 28.92
CA LEU B 225 19.34 0.89 29.82
C LEU B 225 17.99 0.97 29.11
N GLY B 226 17.98 0.71 27.81
CA GLY B 226 16.80 0.92 27.00
C GLY B 226 16.49 2.41 26.91
N PRO B 227 15.24 2.80 27.23
CA PRO B 227 14.82 4.22 27.12
C PRO B 227 15.73 5.25 27.85
N LYS B 228 16.20 4.94 29.05
CA LYS B 228 17.06 5.88 29.77
C LYS B 228 18.53 6.00 29.23
N GLY B 229 18.93 5.16 28.30
CA GLY B 229 20.25 5.27 27.69
C GLY B 229 21.22 4.11 27.89
N ALA B 230 22.46 4.44 28.22
CA ALA B 230 23.48 3.45 28.58
C ALA B 230 24.49 4.00 29.57
N ILE B 231 25.25 3.07 30.16
CA ILE B 231 26.39 3.36 31.02
C ILE B 231 27.57 2.52 30.55
N VAL B 232 28.76 3.10 30.68
CA VAL B 232 30.00 2.41 30.29
C VAL B 232 30.92 2.36 31.48
N TYR B 233 31.59 1.22 31.68
CA TYR B 233 32.52 1.02 32.79
C TYR B 233 33.87 0.53 32.32
N TYR B 234 34.89 1.34 32.56
CA TYR B 234 36.26 1.02 32.17
C TYR B 234 37.26 1.58 33.19
N ASP B 235 38.29 0.81 33.54
CA ASP B 235 39.38 1.35 34.32
C ASP B 235 38.83 2.08 35.56
N GLY B 236 37.87 1.46 36.25
CA GLY B 236 37.30 2.05 37.46
C GLY B 236 36.65 3.43 37.30
N LYS B 237 36.33 3.79 36.06
CA LYS B 237 35.50 4.96 35.72
C LYS B 237 34.04 4.54 35.37
N LYS B 238 33.09 5.48 35.44
CA LYS B 238 31.67 5.20 35.17
C LYS B 238 31.10 6.36 34.42
N TYR B 239 30.44 6.06 33.31
CA TYR B 239 29.83 7.12 32.49
C TYR B 239 28.42 6.74 31.98
N TYR B 240 27.46 7.63 32.24
CA TYR B 240 26.06 7.46 31.90
C TYR B 240 25.69 8.48 30.83
N SER B 241 25.24 8.02 29.65
CA SER B 241 24.70 8.93 28.63
C SER B 241 23.19 8.72 28.43
N SER B 242 22.40 9.77 28.67
CA SER B 242 20.95 9.68 28.67
C SER B 242 20.36 9.55 27.26
N GLY B 243 19.16 8.96 27.18
CA GLY B 243 18.50 8.67 25.92
C GLY B 243 17.74 9.86 25.38
N TYR B 244 17.10 9.70 24.23
CA TYR B 244 16.35 10.83 23.64
C TYR B 244 14.85 10.51 23.59
N GLN B 245 13.99 11.52 23.80
CA GLN B 245 12.56 11.33 23.59
C GLN B 245 12.32 11.41 22.08
N VAL B 246 11.89 10.30 21.47
CA VAL B 246 11.72 10.18 20.04
C VAL B 246 10.57 9.18 19.75
N PRO B 247 9.74 9.41 18.75
CA PRO B 247 8.59 8.49 18.55
C PRO B 247 9.06 7.05 18.24
N VAL B 248 8.40 6.04 18.82
CA VAL B 248 8.76 4.61 18.64
C VAL B 248 7.93 3.81 17.57
N GLU B 249 8.61 3.25 16.58
CA GLU B 249 7.94 2.40 15.60
C GLU B 249 8.29 0.96 15.87
N ASP B 250 9.58 0.63 15.88
CA ASP B 250 10.04 -0.69 16.22
C ASP B 250 11.36 -0.64 16.99
N VAL B 251 11.28 -1.09 18.25
CA VAL B 251 12.38 -1.07 19.20
C VAL B 251 13.44 -2.16 18.91
N THR B 252 13.06 -3.17 18.11
CA THR B 252 13.96 -4.28 17.85
C THR B 252 15.04 -3.80 16.91
N GLY B 253 16.22 -4.38 17.04
CA GLY B 253 17.40 -3.84 16.43
C GLY B 253 18.16 -2.85 17.32
N ALA B 254 17.50 -2.18 18.26
CA ALA B 254 18.14 -1.02 18.87
C ALA B 254 19.34 -1.21 19.84
N GLY B 255 19.41 -2.32 20.58
CA GLY B 255 20.58 -2.59 21.38
C GLY B 255 21.79 -2.96 20.55
N ASP B 256 21.54 -3.66 19.46
CA ASP B 256 22.51 -3.93 18.44
C ASP B 256 23.02 -2.62 17.84
N ALA B 257 22.10 -1.73 17.48
CA ALA B 257 22.52 -0.46 16.92
C ALA B 257 23.59 0.17 17.86
N LEU B 258 23.34 0.08 19.17
CA LEU B 258 24.20 0.60 20.23
C LEU B 258 25.61 -0.03 20.26
N GLY B 259 25.66 -1.35 20.47
CA GLY B 259 26.92 -2.05 20.70
C GLY B 259 27.84 -2.09 19.50
N GLY B 260 27.26 -2.37 18.33
CA GLY B 260 27.97 -2.32 17.06
C GLY B 260 28.54 -0.94 16.77
N THR B 261 27.78 0.11 17.01
CA THR B 261 28.29 1.45 16.73
C THR B 261 29.46 1.74 17.66
N PHE B 262 29.29 1.31 18.89
CA PHE B 262 30.19 1.62 19.97
C PHE B 262 31.48 0.91 19.70
N LEU B 263 31.39 -0.40 19.43
CA LEU B 263 32.56 -1.21 19.14
C LEU B 263 33.40 -0.57 18.05
N SER B 264 32.75 -0.02 17.03
CA SER B 264 33.48 0.46 15.89
C SER B 264 34.20 1.75 16.23
N LEU B 265 33.54 2.54 17.07
CA LEU B 265 34.03 3.87 17.38
C LEU B 265 35.27 3.81 18.26
N TYR B 266 35.24 2.88 19.20
CA TYR B 266 36.43 2.49 19.96
C TYR B 266 37.65 2.34 19.04
N TYR B 267 37.52 1.51 17.99
CA TYR B 267 38.60 1.25 17.05
C TYR B 267 38.96 2.42 16.15
N LYS B 268 38.22 3.52 16.26
CA LYS B 268 38.50 4.72 15.47
C LYS B 268 39.38 5.73 16.22
N GLY B 269 39.44 5.62 17.55
CA GLY B 269 40.31 6.43 18.37
C GLY B 269 39.56 7.28 19.37
N PHE B 270 38.31 6.91 19.60
CA PHE B 270 37.31 7.76 20.21
C PHE B 270 37.33 7.55 21.69
N GLU B 271 37.11 8.63 22.42
CA GLU B 271 36.94 8.57 23.86
C GLU B 271 35.81 7.56 24.11
N MET B 272 35.89 6.84 25.23
CA MET B 272 34.86 5.88 25.64
C MET B 272 33.49 6.55 25.78
N GLU B 273 33.52 7.81 26.25
CA GLU B 273 32.30 8.60 26.51
C GLU B 273 31.68 9.18 25.26
N LYS B 274 32.49 9.80 24.41
CA LYS B 274 32.09 10.19 23.06
C LYS B 274 31.66 8.94 22.22
N ALA B 275 32.28 7.77 22.42
CA ALA B 275 31.85 6.55 21.74
C ALA B 275 30.49 6.06 22.21
N LEU B 276 30.18 6.25 23.50
CA LEU B 276 28.84 5.93 23.99
C LEU B 276 27.78 6.94 23.55
N ASP B 277 28.05 8.23 23.77
CA ASP B 277 27.19 9.32 23.28
C ASP B 277 26.69 9.03 21.86
N TYR B 278 27.64 8.78 20.97
CA TYR B 278 27.36 8.42 19.58
C TYR B 278 26.52 7.15 19.50
N ALA B 279 27.01 6.05 20.06
CA ALA B 279 26.24 4.81 19.94
C ALA B 279 24.79 4.97 20.42
N ILE B 280 24.60 5.89 21.39
CA ILE B 280 23.26 6.22 21.91
C ILE B 280 22.41 6.74 20.77
N VAL B 281 22.91 7.71 20.00
CA VAL B 281 22.13 8.27 18.90
C VAL B 281 21.83 7.20 17.84
N ALA B 282 22.81 6.35 17.56
CA ALA B 282 22.53 5.27 16.63
C ALA B 282 21.32 4.52 17.20
N SER B 283 21.37 4.15 18.48
CA SER B 283 20.29 3.45 19.17
C SER B 283 18.92 4.14 19.00
N THR B 284 18.84 5.43 19.35
CA THR B 284 17.59 6.19 19.25
C THR B 284 17.05 6.31 17.82
N LEU B 285 17.92 6.48 16.83
CA LEU B 285 17.48 6.52 15.42
C LEU B 285 16.80 5.21 14.98
N ASN B 286 17.19 4.11 15.63
CA ASN B 286 16.77 2.76 15.22
C ASN B 286 15.30 2.52 15.40
N VAL B 287 14.77 3.28 16.35
CA VAL B 287 13.56 2.96 17.06
C VAL B 287 12.34 3.48 16.28
N MET B 288 12.63 4.36 15.30
CA MET B 288 11.68 5.21 14.57
C MET B 288 11.13 4.54 13.30
N ILE B 289 11.80 3.45 12.90
CA ILE B 289 11.43 2.72 11.70
C ILE B 289 11.35 1.25 12.01
N ARG B 290 10.76 0.50 11.06
CA ARG B 290 10.75 -0.95 11.02
C ARG B 290 11.97 -1.42 10.27
N GLY B 291 12.64 -2.43 10.80
CA GLY B 291 13.89 -2.85 10.21
C GLY B 291 15.03 -2.43 11.12
N ASP B 292 15.95 -3.35 11.30
CA ASP B 292 16.98 -3.21 12.30
C ASP B 292 18.10 -2.38 11.74
N GLN B 293 18.29 -2.47 10.43
CA GLN B 293 19.52 -2.03 9.77
C GLN B 293 19.41 -0.81 8.86
N GLU B 294 18.25 -0.66 8.22
CA GLU B 294 18.04 0.43 7.25
C GLU B 294 18.25 1.83 7.86
N ASN B 295 18.26 1.93 9.19
CA ASN B 295 18.42 3.22 9.84
C ASN B 295 19.74 3.40 10.53
N LEU B 296 20.60 2.38 10.44
CA LEU B 296 21.87 2.49 11.09
C LEU B 296 22.70 3.68 10.55
N PRO B 297 23.08 4.61 11.45
CA PRO B 297 23.80 5.83 11.07
C PRO B 297 25.29 5.68 10.77
N THR B 298 25.66 6.35 9.69
CA THR B 298 26.99 6.84 9.45
C THR B 298 27.47 7.77 10.56
N THR B 299 28.79 7.84 10.74
CA THR B 299 29.45 8.70 11.75
C THR B 299 29.15 10.15 11.47
N LYS B 300 29.44 10.60 10.25
CA LYS B 300 29.03 11.92 9.77
C LYS B 300 27.50 12.21 10.03
N ASP B 301 26.69 11.18 9.84
CA ASP B 301 25.28 11.25 10.08
C ASP B 301 25.02 11.46 11.55
N ILE B 302 25.72 10.70 12.41
CA ILE B 302 25.51 10.86 13.85
C ILE B 302 25.92 12.25 14.28
N GLU B 303 26.89 12.82 13.57
CA GLU B 303 27.42 14.15 13.91
C GLU B 303 26.39 15.26 13.60
N THR B 304 25.61 15.07 12.53
CA THR B 304 24.55 16.01 12.13
C THR B 304 23.47 16.05 13.20
N PHE B 305 23.16 14.87 13.74
CA PHE B 305 22.15 14.71 14.78
C PHE B 305 22.61 15.48 16.02
N LEU B 306 23.87 15.31 16.41
CA LEU B 306 24.40 16.00 17.60
C LEU B 306 24.44 17.51 17.38
N ARG B 307 25.00 17.94 16.24
CA ARG B 307 25.02 19.35 15.89
C ARG B 307 23.62 19.97 15.99
N GLU B 308 22.60 19.25 15.51
CA GLU B 308 21.26 19.82 15.43
C GLU B 308 20.55 19.84 16.76
N MET B 309 20.93 18.92 17.65
CA MET B 309 20.38 18.91 19.00
C MET B 309 21.08 19.96 19.89
N LYS B 310 21.82 20.89 19.24
CA LYS B 310 22.91 21.73 19.85
C LYS B 310 24.13 20.89 20.35
N ALA C 2 34.59 -15.97 -17.29
CA ALA C 2 34.77 -14.74 -18.10
C ALA C 2 34.37 -13.48 -17.34
N LYS C 3 35.09 -12.38 -17.56
CA LYS C 3 34.83 -11.11 -16.90
C LYS C 3 34.20 -10.19 -17.93
N LEU C 4 33.09 -9.54 -17.59
CA LEU C 4 32.55 -8.48 -18.44
C LEU C 4 32.81 -7.11 -17.83
N ILE C 5 33.19 -6.15 -18.67
CA ILE C 5 33.22 -4.77 -18.22
C ILE C 5 32.29 -3.93 -19.09
N THR C 6 31.35 -3.24 -18.43
CA THR C 6 30.40 -2.29 -19.06
C THR C 6 30.72 -0.87 -18.65
N LEU C 7 30.49 0.07 -19.57
CA LEU C 7 30.56 1.51 -19.22
C LEU C 7 29.26 2.12 -19.55
N GLY C 8 28.72 2.98 -18.67
CA GLY C 8 27.50 3.71 -18.99
C GLY C 8 26.92 4.45 -17.80
N GLU C 9 25.66 4.83 -17.91
CA GLU C 9 25.02 5.51 -16.77
C GLU C 9 24.08 4.63 -15.92
N ILE C 10 24.41 4.41 -14.65
CA ILE C 10 23.42 3.83 -13.77
C ILE C 10 22.32 4.88 -13.48
N LEU C 11 21.05 4.48 -13.59
CA LEU C 11 19.96 5.34 -13.20
C LEU C 11 19.16 4.76 -12.07
N ILE C 12 18.62 5.66 -11.26
CA ILE C 12 17.55 5.34 -10.35
C ILE C 12 16.21 5.49 -11.07
N GLU C 13 15.38 4.46 -10.94
CA GLU C 13 14.06 4.36 -11.58
C GLU C 13 12.91 4.61 -10.59
N PHE C 14 12.00 5.52 -10.96
CA PHE C 14 10.78 5.72 -10.18
C PHE C 14 9.57 5.30 -11.01
N ASN C 15 9.16 4.06 -10.76
CA ASN C 15 8.21 3.30 -11.59
C ASN C 15 6.73 3.52 -11.19
N ALA C 16 5.91 3.97 -12.14
CA ALA C 16 4.52 4.30 -11.82
C ALA C 16 3.84 3.09 -11.23
N LEU C 17 3.34 3.24 -10.00
CA LEU C 17 2.73 2.12 -9.29
C LEU C 17 1.38 1.75 -9.92
N SER C 18 1.01 2.45 -10.98
CA SER C 18 -0.20 2.12 -11.72
C SER C 18 -0.07 2.61 -13.16
N PRO C 19 -0.79 2.00 -14.11
CA PRO C 19 -0.79 2.47 -15.51
C PRO C 19 -1.37 3.89 -15.62
N GLY C 20 -1.35 4.53 -16.78
CA GLY C 20 -2.01 5.83 -16.86
C GLY C 20 -1.09 7.04 -16.92
N PRO C 21 -1.62 8.19 -17.31
CA PRO C 21 -0.78 9.36 -17.51
C PRO C 21 -0.28 9.76 -16.14
N LEU C 22 0.96 10.22 -16.10
CA LEU C 22 1.64 10.36 -14.81
C LEU C 22 0.99 11.42 -13.94
N ARG C 23 0.34 12.42 -14.55
CA ARG C 23 -0.33 13.48 -13.79
C ARG C 23 -1.45 12.98 -12.89
N HIS C 24 -1.79 11.69 -13.00
CA HIS C 24 -2.73 11.04 -12.12
C HIS C 24 -2.16 9.77 -11.51
N VAL C 25 -0.85 9.60 -11.53
CA VAL C 25 -0.31 8.49 -10.76
C VAL C 25 0.22 9.02 -9.43
N SER C 26 -0.20 8.41 -8.33
CA SER C 26 0.15 8.95 -7.03
C SER C 26 1.37 8.33 -6.36
N TYR C 27 1.80 7.16 -6.83
CA TYR C 27 2.73 6.39 -6.04
C TYR C 27 3.83 5.88 -6.96
N PHE C 28 5.08 5.96 -6.48
CA PHE C 28 6.24 5.58 -7.30
C PHE C 28 7.14 4.64 -6.52
N GLU C 29 7.52 3.57 -7.19
CA GLU C 29 8.32 2.53 -6.56
C GLU C 29 9.75 2.65 -7.14
N LYS C 30 10.75 2.62 -6.27
CA LYS C 30 12.15 2.79 -6.67
C LYS C 30 12.92 1.50 -6.98
N HIS C 31 13.63 1.53 -8.09
CA HIS C 31 14.47 0.42 -8.53
C HIS C 31 15.75 1.01 -9.03
N VAL C 32 16.82 0.22 -8.99
CA VAL C 32 18.05 0.63 -9.62
C VAL C 32 18.12 0.14 -11.09
N ALA C 33 18.54 0.99 -12.02
CA ALA C 33 18.68 0.51 -13.39
C ALA C 33 19.71 1.23 -14.23
N GLY C 34 19.47 1.31 -15.54
CA GLY C 34 20.46 1.79 -16.49
C GLY C 34 20.78 0.54 -17.27
N SER C 35 20.74 0.59 -18.60
CA SER C 35 20.95 -0.59 -19.42
C SER C 35 22.24 -1.39 -19.10
N GLU C 36 23.40 -0.72 -19.04
CA GLU C 36 24.67 -1.39 -18.71
C GLU C 36 24.66 -2.09 -17.34
N ALA C 37 23.91 -1.56 -16.38
CA ALA C 37 23.88 -2.16 -15.06
C ALA C 37 22.99 -3.37 -15.11
N ASN C 38 21.91 -3.28 -15.90
CA ASN C 38 21.03 -4.44 -16.11
C ASN C 38 21.82 -5.60 -16.74
N TYR C 39 22.60 -5.25 -17.78
CA TYR C 39 23.51 -6.18 -18.45
C TYR C 39 24.38 -6.86 -17.43
N CYS C 40 25.10 -6.09 -16.60
CA CYS C 40 25.96 -6.63 -15.51
C CYS C 40 25.32 -7.78 -14.73
N VAL C 41 24.20 -7.48 -14.11
CA VAL C 41 23.50 -8.42 -13.25
C VAL C 41 22.99 -9.60 -14.04
N ALA C 42 22.38 -9.32 -15.19
CA ALA C 42 21.91 -10.42 -16.06
C ALA C 42 23.03 -11.41 -16.24
N PHE C 43 24.19 -10.86 -16.61
CA PHE C 43 25.44 -11.56 -16.82
C PHE C 43 25.88 -12.44 -15.61
N ILE C 44 25.98 -11.86 -14.42
CA ILE C 44 26.48 -12.58 -13.26
C ILE C 44 25.49 -13.67 -12.83
N LYS C 45 24.22 -13.45 -13.16
CA LYS C 45 23.23 -14.45 -12.86
C LYS C 45 23.49 -15.72 -13.67
N GLN C 46 24.49 -15.74 -14.54
CA GLN C 46 24.92 -17.02 -15.13
C GLN C 46 26.32 -17.50 -14.67
N GLY C 47 26.81 -16.95 -13.57
CA GLY C 47 28.01 -17.49 -12.99
C GLY C 47 29.32 -17.00 -13.60
N ASN C 48 29.26 -15.98 -14.44
CA ASN C 48 30.47 -15.30 -14.89
C ASN C 48 30.58 -14.09 -13.98
N GLU C 49 31.69 -13.36 -14.09
CA GLU C 49 31.96 -12.13 -13.32
C GLU C 49 31.65 -10.84 -14.11
N CYS C 50 31.39 -9.72 -13.45
CA CYS C 50 31.23 -8.47 -14.18
C CYS C 50 31.55 -7.21 -13.36
N GLY C 51 31.99 -6.16 -14.07
CA GLY C 51 32.13 -4.85 -13.48
C GLY C 51 31.55 -3.75 -14.36
N ILE C 52 31.40 -2.58 -13.72
CA ILE C 52 30.87 -1.41 -14.37
C ILE C 52 31.75 -0.18 -14.08
N ILE C 53 31.95 0.63 -15.12
CA ILE C 53 32.60 1.92 -14.97
C ILE C 53 31.48 2.98 -15.11
N ALA C 54 31.28 3.75 -14.03
CA ALA C 54 30.12 4.66 -13.95
C ALA C 54 30.33 5.65 -12.80
N LYS C 55 29.73 6.83 -12.95
CA LYS C 55 29.79 7.89 -11.98
C LYS C 55 28.40 8.11 -11.40
N VAL C 56 28.31 8.11 -10.08
CA VAL C 56 27.05 8.53 -9.43
C VAL C 56 27.33 9.68 -8.49
N GLY C 57 26.28 10.29 -7.99
CA GLY C 57 26.46 11.44 -7.15
C GLY C 57 26.82 11.07 -5.74
N ASP C 58 27.26 12.07 -4.98
CA ASP C 58 27.39 11.95 -3.52
C ASP C 58 26.02 12.17 -2.90
N ASP C 59 25.11 11.26 -3.15
CA ASP C 59 23.75 11.46 -2.71
C ASP C 59 23.16 10.08 -2.44
N GLU C 60 22.05 10.04 -1.69
CA GLU C 60 21.39 8.77 -1.35
C GLU C 60 21.17 7.84 -2.55
N PHE C 61 20.85 8.42 -3.70
CA PHE C 61 20.58 7.61 -4.89
C PHE C 61 21.85 6.99 -5.44
N GLY C 62 22.98 7.69 -5.30
CA GLY C 62 24.25 7.16 -5.73
C GLY C 62 24.57 5.93 -4.93
N TYR C 63 24.36 6.03 -3.63
CA TYR C 63 24.64 4.93 -2.71
C TYR C 63 23.69 3.74 -2.81
N ASN C 64 22.45 4.02 -3.19
CA ASN C 64 21.44 3.02 -3.55
C ASN C 64 22.00 2.16 -4.67
N ALA C 65 22.57 2.85 -5.67
CA ALA C 65 23.08 2.18 -6.85
C ALA C 65 24.25 1.29 -6.46
N ILE C 66 25.13 1.83 -5.62
CA ILE C 66 26.28 1.05 -5.16
C ILE C 66 25.87 -0.14 -4.28
N GLU C 67 24.95 0.09 -3.35
CA GLU C 67 24.50 -1.00 -2.49
C GLU C 67 23.78 -2.06 -3.32
N TRP C 68 22.87 -1.63 -4.17
CA TRP C 68 22.17 -2.64 -4.93
C TRP C 68 23.16 -3.57 -5.66
N LEU C 69 24.07 -2.98 -6.44
CA LEU C 69 24.90 -3.74 -7.38
C LEU C 69 25.92 -4.55 -6.63
N ARG C 70 26.52 -4.00 -5.56
CA ARG C 70 27.33 -4.81 -4.66
C ARG C 70 26.54 -6.07 -4.26
N GLY C 71 25.33 -5.88 -3.70
CA GLY C 71 24.49 -6.98 -3.28
C GLY C 71 24.46 -8.07 -4.32
N GLN C 72 24.41 -7.63 -5.59
CA GLN C 72 24.17 -8.52 -6.69
C GLN C 72 25.43 -9.27 -7.08
N GLY C 73 26.53 -8.91 -6.44
CA GLY C 73 27.86 -9.42 -6.75
C GLY C 73 28.61 -8.68 -7.85
N VAL C 74 28.06 -7.56 -8.32
CA VAL C 74 28.75 -6.74 -9.29
C VAL C 74 30.01 -6.12 -8.72
N ASP C 75 31.08 -6.10 -9.51
CA ASP C 75 32.27 -5.30 -9.23
C ASP C 75 32.02 -3.76 -9.36
N VAL C 76 31.85 -3.10 -8.21
CA VAL C 76 31.62 -1.65 -8.18
C VAL C 76 32.85 -0.79 -7.81
N SER C 77 34.04 -1.41 -7.72
CA SER C 77 35.18 -0.73 -7.07
C SER C 77 35.80 0.26 -8.02
N HIS C 78 35.42 0.15 -9.28
CA HIS C 78 35.87 1.07 -10.31
C HIS C 78 34.86 2.18 -10.63
N MET C 79 33.89 2.39 -9.74
CA MET C 79 32.88 3.42 -9.94
C MET C 79 33.41 4.74 -9.41
N LYS C 80 32.90 5.86 -9.91
CA LYS C 80 33.21 7.17 -9.35
C LYS C 80 32.06 7.79 -8.57
N ILE C 81 32.39 8.43 -7.46
CA ILE C 81 31.47 9.29 -6.70
C ILE C 81 31.81 10.78 -6.97
N ASP C 82 30.82 11.56 -7.39
CA ASP C 82 31.04 12.94 -7.78
C ASP C 82 30.22 13.97 -6.96
N PRO C 83 30.87 14.69 -6.03
CA PRO C 83 30.16 15.74 -5.24
C PRO C 83 29.51 16.87 -6.05
N SER C 84 29.92 17.12 -7.29
CA SER C 84 29.41 18.28 -7.99
C SER C 84 28.09 18.02 -8.67
N ALA C 85 27.71 16.77 -8.92
CA ALA C 85 26.46 16.55 -9.67
C ALA C 85 25.56 15.46 -9.05
N PRO C 86 24.25 15.52 -9.34
CA PRO C 86 23.32 14.49 -8.82
C PRO C 86 23.35 13.20 -9.66
N THR C 87 23.01 12.07 -9.03
CA THR C 87 22.69 10.83 -9.78
C THR C 87 21.49 10.98 -10.70
N GLY C 88 21.61 10.41 -11.89
CA GLY C 88 20.56 10.41 -12.89
C GLY C 88 19.37 9.56 -12.51
N ILE C 89 18.17 10.05 -12.80
CA ILE C 89 16.91 9.36 -12.43
C ILE C 89 15.98 9.50 -13.62
N PHE C 90 14.98 8.64 -13.70
CA PHE C 90 13.94 8.75 -14.71
C PHE C 90 12.64 8.17 -14.17
N PHE C 91 11.49 8.68 -14.63
CA PHE C 91 10.20 8.07 -14.22
C PHE C 91 9.71 7.17 -15.33
N ILE C 92 9.03 6.09 -14.97
CA ILE C 92 8.35 5.26 -15.99
C ILE C 92 6.81 5.41 -15.98
N GLN C 93 6.28 5.98 -17.07
CA GLN C 93 4.85 6.00 -17.33
C GLN C 93 4.48 4.72 -18.03
N ARG C 94 3.66 3.89 -17.37
CA ARG C 94 3.32 2.56 -17.89
C ARG C 94 1.99 2.51 -18.63
N HIS C 95 2.07 1.92 -19.84
CA HIS C 95 0.90 1.48 -20.63
C HIS C 95 -0.07 2.57 -21.06
N TYR C 96 0.40 3.81 -21.09
CA TYR C 96 -0.42 4.93 -21.52
C TYR C 96 0.43 6.01 -22.23
N PRO C 97 0.06 6.45 -23.44
CA PRO C 97 -1.22 6.14 -24.11
C PRO C 97 -1.26 4.91 -24.98
N VAL C 98 -0.23 4.06 -24.92
CA VAL C 98 -0.21 2.78 -25.66
C VAL C 98 -0.13 1.57 -24.71
N PRO C 99 -1.14 0.69 -24.74
CA PRO C 99 -1.11 -0.48 -23.85
C PRO C 99 0.16 -1.27 -24.14
N LEU C 100 0.69 -1.99 -23.15
CA LEU C 100 1.92 -2.83 -23.24
C LEU C 100 3.24 -2.03 -23.22
N LYS C 101 3.26 -0.90 -23.93
CA LYS C 101 4.47 -0.08 -24.02
C LYS C 101 4.75 0.62 -22.68
N SER C 102 6.01 1.02 -22.45
CA SER C 102 6.37 1.85 -21.32
C SER C 102 7.15 3.02 -21.84
N GLU C 103 7.15 4.12 -21.09
CA GLU C 103 7.80 5.36 -21.52
C GLU C 103 8.66 5.94 -20.39
N SER C 104 9.86 6.41 -20.77
CA SER C 104 10.78 7.01 -19.82
C SER C 104 10.73 8.52 -19.83
N ILE C 105 10.74 9.11 -18.65
CA ILE C 105 10.76 10.55 -18.59
C ILE C 105 11.96 10.85 -17.77
N TYR C 106 12.93 11.52 -18.41
CA TYR C 106 14.27 11.66 -17.87
C TYR C 106 14.54 12.96 -17.10
N TYR C 107 15.32 12.83 -16.03
CA TYR C 107 15.90 13.94 -15.30
C TYR C 107 17.36 13.54 -15.15
N ARG C 108 18.14 13.67 -16.23
CA ARG C 108 19.53 13.21 -16.28
C ARG C 108 20.54 14.21 -16.87
N LYS C 109 20.06 15.34 -17.36
CA LYS C 109 20.94 16.37 -17.94
C LYS C 109 21.92 16.84 -16.90
N GLY C 110 23.22 16.71 -17.19
CA GLY C 110 24.28 17.22 -16.33
C GLY C 110 24.37 16.43 -15.06
N SER C 111 23.95 15.18 -15.13
CA SER C 111 24.06 14.25 -14.01
C SER C 111 25.50 13.90 -13.79
N ALA C 112 25.75 13.36 -12.59
CA ALA C 112 26.99 12.69 -12.25
C ALA C 112 27.34 11.61 -13.28
N GLY C 113 26.44 10.67 -13.56
CA GLY C 113 26.61 9.73 -14.67
C GLY C 113 27.01 10.30 -16.04
N SER C 114 26.47 11.46 -16.43
CA SER C 114 26.85 12.06 -17.72
C SER C 114 28.33 12.57 -17.75
N LYS C 115 28.91 12.81 -16.57
CA LYS C 115 30.25 13.35 -16.47
C LYS C 115 31.23 12.17 -16.44
N LEU C 116 30.75 10.99 -16.81
CA LEU C 116 31.66 9.86 -17.09
C LEU C 116 32.61 10.27 -18.22
N SER C 117 33.92 10.18 -17.97
CA SER C 117 34.93 10.60 -18.94
C SER C 117 35.98 9.50 -19.21
N PRO C 118 36.88 9.74 -20.17
CA PRO C 118 38.06 8.91 -20.43
C PRO C 118 39.01 8.74 -19.24
N GLU C 119 39.08 9.73 -18.36
CA GLU C 119 39.97 9.66 -17.20
C GLU C 119 39.46 8.64 -16.18
N ASP C 120 38.28 8.09 -16.43
CA ASP C 120 37.61 7.21 -15.51
C ASP C 120 37.87 5.81 -15.96
N VAL C 121 37.88 5.63 -17.29
CA VAL C 121 38.24 4.34 -17.85
C VAL C 121 39.74 4.15 -17.71
N ASP C 122 40.11 3.14 -16.92
CA ASP C 122 41.49 2.79 -16.61
C ASP C 122 41.95 1.55 -17.42
N GLU C 123 43.03 1.75 -18.18
CA GLU C 123 43.53 0.77 -19.15
C GLU C 123 43.83 -0.62 -18.57
N GLU C 124 44.41 -0.70 -17.38
CA GLU C 124 44.71 -1.99 -16.74
C GLU C 124 43.45 -2.74 -16.29
N TYR C 125 42.44 -1.99 -15.86
CA TYR C 125 41.16 -2.58 -15.57
C TYR C 125 40.57 -3.03 -16.89
N VAL C 126 40.54 -2.15 -17.89
CA VAL C 126 39.90 -2.48 -19.18
C VAL C 126 40.48 -3.71 -19.85
N LYS C 127 41.81 -3.84 -19.88
CA LYS C 127 42.39 -5.12 -20.34
C LYS C 127 42.36 -6.05 -19.13
N SER C 128 41.70 -7.19 -19.28
CA SER C 128 41.41 -8.06 -18.14
C SER C 128 39.93 -8.37 -18.10
N ALA C 129 39.16 -7.67 -18.92
CA ALA C 129 37.85 -8.18 -19.30
C ALA C 129 38.12 -9.07 -20.49
N ASP C 130 37.23 -10.03 -20.69
CA ASP C 130 37.21 -10.78 -21.92
C ASP C 130 36.25 -10.05 -22.81
N LEU C 131 35.33 -9.28 -22.22
CA LEU C 131 34.37 -8.53 -22.99
C LEU C 131 34.21 -7.12 -22.43
N VAL C 132 34.22 -6.13 -23.31
CA VAL C 132 33.95 -4.76 -22.92
C VAL C 132 32.76 -4.33 -23.76
N HIS C 133 31.77 -3.79 -23.06
CA HIS C 133 30.44 -3.54 -23.62
C HIS C 133 29.94 -2.18 -23.20
N SER C 134 29.33 -1.49 -24.15
CA SER C 134 28.65 -0.24 -23.88
C SER C 134 27.44 -0.14 -24.81
N SER C 135 26.89 1.06 -24.96
CA SER C 135 25.66 1.19 -25.71
C SER C 135 25.55 2.58 -26.30
N GLY C 136 24.56 2.79 -27.15
CA GLY C 136 24.21 4.11 -27.63
C GLY C 136 23.73 5.12 -26.61
N ILE C 137 23.10 4.68 -25.54
CA ILE C 137 22.74 5.66 -24.54
C ILE C 137 24.03 6.35 -24.03
N THR C 138 25.11 5.60 -23.98
CA THR C 138 26.33 6.14 -23.42
C THR C 138 27.01 7.12 -24.40
N LEU C 139 26.76 6.91 -25.69
CA LEU C 139 27.34 7.75 -26.73
C LEU C 139 26.54 9.06 -26.82
N ALA C 140 25.30 8.98 -26.33
CA ALA C 140 24.31 10.03 -26.42
C ALA C 140 24.33 10.98 -25.22
N ILE C 141 24.56 10.46 -24.02
CA ILE C 141 24.31 11.29 -22.83
C ILE C 141 25.24 12.48 -22.69
N SER C 142 26.44 12.40 -23.22
CA SER C 142 27.42 13.48 -23.09
C SER C 142 28.66 13.17 -23.98
N SER C 143 29.36 14.23 -24.37
CA SER C 143 30.52 14.03 -25.17
C SER C 143 31.66 13.38 -24.34
N THR C 144 31.79 13.68 -23.05
CA THR C 144 32.81 12.94 -22.25
C THR C 144 32.52 11.44 -22.18
N ALA C 145 31.26 11.07 -21.93
CA ALA C 145 30.89 9.64 -21.91
C ALA C 145 31.24 8.99 -23.25
N LYS C 146 30.94 9.69 -24.34
CA LYS C 146 31.19 9.15 -25.68
C LYS C 146 32.68 8.95 -25.85
N GLU C 147 33.47 9.93 -25.40
CA GLU C 147 34.93 9.80 -25.46
C GLU C 147 35.35 8.61 -24.60
N ALA C 148 34.76 8.46 -23.42
CA ALA C 148 35.00 7.25 -22.59
C ALA C 148 34.82 5.91 -23.34
N VAL C 149 33.83 5.81 -24.21
CA VAL C 149 33.61 4.57 -24.92
C VAL C 149 34.68 4.35 -25.97
N TYR C 150 35.03 5.41 -26.70
CA TYR C 150 36.21 5.39 -27.56
C TYR C 150 37.49 4.90 -26.86
N LYS C 151 37.88 5.54 -25.77
CA LYS C 151 39.00 5.01 -25.02
C LYS C 151 38.82 3.50 -24.68
N ALA C 152 37.75 3.14 -23.98
CA ALA C 152 37.60 1.75 -23.53
C ALA C 152 37.66 0.74 -24.68
N PHE C 153 37.21 1.17 -25.85
CA PHE C 153 37.18 0.29 -27.02
C PHE C 153 38.55 0.19 -27.71
N GLU C 154 39.35 1.27 -27.63
CA GLU C 154 40.68 1.23 -28.27
C GLU C 154 41.73 0.53 -27.37
N ILE C 155 41.25 -0.24 -26.39
CA ILE C 155 42.10 -0.98 -25.47
C ILE C 155 41.56 -2.39 -25.44
N ALA C 156 40.29 -2.54 -25.79
CA ALA C 156 39.49 -3.69 -25.38
C ALA C 156 39.88 -5.07 -25.88
N SER C 157 40.36 -5.18 -27.11
CA SER C 157 40.50 -6.52 -27.79
C SER C 157 39.19 -7.30 -28.13
N ASN C 158 38.20 -7.33 -27.23
CA ASN C 158 36.83 -7.74 -27.59
C ASN C 158 35.74 -6.81 -27.10
N ARG C 159 34.83 -6.48 -27.99
CA ARG C 159 33.88 -5.41 -27.71
C ARG C 159 32.48 -5.85 -27.96
N SER C 160 31.55 -5.18 -27.33
CA SER C 160 30.14 -5.46 -27.49
C SER C 160 29.35 -4.16 -27.37
N PHE C 161 28.57 -3.87 -28.38
CA PHE C 161 27.78 -2.67 -28.34
C PHE C 161 26.31 -2.96 -28.62
N ASP C 162 25.47 -2.45 -27.71
CA ASP C 162 24.02 -2.49 -27.83
C ASP C 162 23.61 -1.14 -28.39
N THR C 163 23.01 -1.16 -29.57
CA THR C 163 22.78 0.08 -30.28
C THR C 163 21.91 0.97 -29.43
N ASN C 164 20.79 0.43 -28.94
CA ASN C 164 19.97 1.06 -27.89
C ASN C 164 19.74 2.56 -28.05
N ILE C 165 19.08 2.89 -29.16
CA ILE C 165 18.78 4.26 -29.59
C ILE C 165 17.55 4.85 -28.87
N ARG C 166 17.74 6.02 -28.24
CA ARG C 166 16.66 6.75 -27.56
C ARG C 166 16.56 8.10 -28.21
N LEU C 167 15.42 8.37 -28.85
CA LEU C 167 15.22 9.63 -29.56
C LEU C 167 14.97 10.78 -28.59
N LYS C 168 14.74 10.47 -27.32
CA LYS C 168 14.69 11.52 -26.29
C LYS C 168 16.07 12.13 -25.99
N LEU C 169 17.16 11.38 -26.21
CA LEU C 169 18.52 11.89 -25.93
C LEU C 169 19.18 12.48 -27.18
N TRP C 170 18.83 12.00 -28.37
CA TRP C 170 19.40 12.56 -29.62
C TRP C 170 18.52 12.22 -30.82
N SER C 171 18.65 13.00 -31.89
CA SER C 171 17.89 12.79 -33.11
C SER C 171 18.25 11.45 -33.79
N ALA C 172 17.26 10.90 -34.49
CA ALA C 172 17.46 9.70 -35.28
C ALA C 172 18.71 9.86 -36.17
N GLU C 173 18.78 11.06 -36.75
CA GLU C 173 19.83 11.49 -37.63
C GLU C 173 21.20 11.35 -36.97
N GLU C 174 21.39 12.07 -35.87
CA GLU C 174 22.66 12.12 -35.17
C GLU C 174 23.17 10.74 -34.75
N ALA C 175 22.21 9.93 -34.32
CA ALA C 175 22.44 8.61 -33.80
C ALA C 175 22.98 7.69 -34.89
N LYS C 176 22.35 7.71 -36.06
CA LYS C 176 22.87 7.06 -37.27
C LYS C 176 24.36 7.46 -37.43
N ARG C 177 24.62 8.75 -37.55
CA ARG C 177 25.97 9.27 -37.77
C ARG C 177 26.99 8.78 -36.72
N GLU C 178 26.55 8.74 -35.47
CA GLU C 178 27.45 8.43 -34.38
C GLU C 178 27.68 6.92 -34.25
N ILE C 179 26.63 6.12 -34.44
CA ILE C 179 26.76 4.68 -34.41
C ILE C 179 27.59 4.11 -35.59
N LEU C 180 27.35 4.61 -36.80
CA LEU C 180 28.15 4.28 -37.98
C LEU C 180 29.64 4.63 -37.78
N LYS C 181 29.92 5.84 -37.29
CA LYS C 181 31.28 6.22 -36.95
C LYS C 181 31.94 5.22 -35.98
N LEU C 182 31.22 4.86 -34.90
CA LEU C 182 31.76 3.94 -33.89
C LEU C 182 32.12 2.64 -34.60
N LEU C 183 31.11 2.07 -35.25
CA LEU C 183 31.26 0.80 -35.93
C LEU C 183 32.39 0.88 -36.94
N SER C 184 32.74 2.10 -37.37
CA SER C 184 33.77 2.34 -38.40
C SER C 184 35.16 2.07 -37.90
N LYS C 185 35.39 2.47 -36.66
CA LYS C 185 36.71 2.52 -36.09
C LYS C 185 36.96 1.28 -35.20
N PHE C 186 35.92 0.54 -34.82
CA PHE C 186 36.15 -0.65 -33.99
C PHE C 186 35.30 -1.80 -34.49
N HIS C 187 35.93 -2.95 -34.71
CA HIS C 187 35.17 -4.13 -35.07
C HIS C 187 34.63 -4.83 -33.77
N LEU C 188 33.39 -5.31 -33.83
CA LEU C 188 32.72 -5.89 -32.66
C LEU C 188 32.66 -7.41 -32.67
N LYS C 189 32.63 -8.00 -31.47
CA LYS C 189 32.41 -9.40 -31.34
C LYS C 189 30.90 -9.56 -31.28
N PHE C 190 30.25 -8.69 -30.51
CA PHE C 190 28.78 -8.67 -30.48
C PHE C 190 28.14 -7.31 -30.80
N LEU C 191 27.14 -7.34 -31.68
CA LEU C 191 26.24 -6.23 -31.94
C LEU C 191 24.85 -6.62 -31.44
N ILE C 192 24.27 -5.86 -30.51
CA ILE C 192 22.90 -6.14 -30.10
C ILE C 192 22.06 -4.97 -30.51
N THR C 193 21.00 -5.27 -31.27
CA THR C 193 20.13 -4.24 -31.78
C THR C 193 18.74 -4.78 -32.03
N ASP C 194 17.93 -4.00 -32.73
CA ASP C 194 16.60 -4.47 -33.08
C ASP C 194 16.13 -3.91 -34.40
N THR C 195 14.93 -4.32 -34.78
CA THR C 195 14.41 -3.91 -36.06
C THR C 195 14.33 -2.39 -36.13
N ASP C 196 13.96 -1.74 -35.02
CA ASP C 196 13.84 -0.26 -34.98
C ASP C 196 15.15 0.49 -35.16
N ASP C 197 16.19 0.16 -34.38
CA ASP C 197 17.49 0.83 -34.53
C ASP C 197 18.04 0.59 -35.94
N SER C 198 17.81 -0.60 -36.50
CA SER C 198 18.23 -0.92 -37.88
C SER C 198 17.64 -0.02 -38.97
N LYS C 199 16.33 0.22 -38.94
CA LYS C 199 15.72 1.23 -39.81
C LYS C 199 16.37 2.65 -39.62
N ILE C 200 16.75 3.00 -38.40
CA ILE C 200 17.40 4.31 -38.13
C ILE C 200 18.84 4.39 -38.64
N ILE C 201 19.57 3.26 -38.61
CA ILE C 201 20.95 3.25 -39.09
C ILE C 201 21.11 2.92 -40.58
N LEU C 202 20.20 2.16 -41.17
CA LEU C 202 20.50 1.60 -42.48
C LEU C 202 19.47 1.92 -43.53
N GLY C 203 18.25 2.18 -43.09
CA GLY C 203 17.17 2.34 -44.04
C GLY C 203 16.58 0.98 -44.24
N GLU C 204 17.12 -0.01 -43.54
CA GLU C 204 16.59 -1.36 -43.60
C GLU C 204 15.91 -1.88 -42.31
N SER C 205 14.64 -2.27 -42.42
CA SER C 205 13.93 -2.76 -41.24
C SER C 205 13.83 -4.30 -41.21
N ASP C 206 14.14 -4.90 -42.35
CA ASP C 206 14.23 -6.34 -42.50
C ASP C 206 15.42 -6.90 -41.70
N PRO C 207 15.19 -7.73 -40.69
CA PRO C 207 16.31 -8.26 -39.91
C PRO C 207 17.43 -8.87 -40.77
N ASP C 208 17.08 -9.70 -41.75
CA ASP C 208 18.06 -10.42 -42.56
C ASP C 208 18.91 -9.43 -43.35
N LYS C 209 18.22 -8.47 -43.96
CA LYS C 209 18.85 -7.45 -44.78
C LYS C 209 19.71 -6.49 -43.94
N ALA C 210 19.27 -6.22 -42.72
CA ALA C 210 20.05 -5.38 -41.78
C ALA C 210 21.26 -6.11 -41.24
N ALA C 211 21.05 -7.38 -40.88
CA ALA C 211 22.12 -8.30 -40.52
C ALA C 211 23.23 -8.40 -41.60
N LYS C 212 22.86 -8.45 -42.88
CA LYS C 212 23.89 -8.42 -43.91
C LYS C 212 24.71 -7.12 -43.82
N ALA C 213 24.03 -5.97 -43.74
CA ALA C 213 24.74 -4.69 -43.75
C ALA C 213 25.57 -4.58 -42.49
N PHE C 214 25.02 -5.07 -41.38
CA PHE C 214 25.73 -4.99 -40.10
C PHE C 214 26.97 -5.90 -40.05
N SER C 215 26.91 -7.06 -40.69
CA SER C 215 27.93 -8.11 -40.47
C SER C 215 29.32 -7.79 -40.97
N ASP C 216 29.52 -6.66 -41.63
CA ASP C 216 30.88 -6.25 -41.94
C ASP C 216 31.61 -5.81 -40.67
N TYR C 217 30.85 -5.34 -39.68
CA TYR C 217 31.41 -4.71 -38.47
C TYR C 217 31.29 -5.59 -37.22
N ALA C 218 30.43 -6.61 -37.28
CA ALA C 218 30.15 -7.44 -36.09
C ALA C 218 30.09 -8.95 -36.37
N GLU C 219 30.76 -9.74 -35.54
CA GLU C 219 30.82 -11.17 -35.78
C GLU C 219 29.53 -11.89 -35.39
N ILE C 220 28.99 -11.63 -34.19
CA ILE C 220 27.70 -12.19 -33.78
C ILE C 220 26.66 -11.06 -33.75
N ILE C 221 25.51 -11.25 -34.37
CA ILE C 221 24.48 -10.17 -34.30
C ILE C 221 23.12 -10.62 -33.69
N VAL C 222 22.57 -9.83 -32.77
CA VAL C 222 21.34 -10.18 -32.07
C VAL C 222 20.25 -9.21 -32.51
N MET C 223 19.23 -9.74 -33.15
CA MET C 223 18.18 -8.90 -33.68
C MET C 223 16.99 -9.07 -32.77
N LYS C 224 16.93 -8.29 -31.69
CA LYS C 224 15.78 -8.29 -30.78
C LYS C 224 14.53 -7.99 -31.61
N LEU C 225 13.57 -8.91 -31.55
CA LEU C 225 12.37 -8.77 -32.36
C LEU C 225 11.10 -8.36 -31.61
N GLY C 226 11.23 -8.03 -30.33
CA GLY C 226 10.10 -7.61 -29.50
C GLY C 226 9.41 -8.79 -28.83
N PRO C 227 8.10 -8.75 -28.66
CA PRO C 227 7.38 -9.97 -28.24
C PRO C 227 7.53 -11.12 -29.28
N LYS C 228 7.88 -10.82 -30.53
CA LYS C 228 8.10 -11.86 -31.52
C LYS C 228 9.37 -12.70 -31.21
N GLY C 229 10.32 -12.11 -30.49
CA GLY C 229 11.45 -12.87 -29.98
C GLY C 229 12.81 -12.31 -30.37
N ALA C 230 13.67 -13.15 -30.95
CA ALA C 230 15.01 -12.71 -31.38
C ALA C 230 15.55 -13.60 -32.48
N ILE C 231 16.60 -13.13 -33.15
CA ILE C 231 17.29 -13.85 -34.20
C ILE C 231 18.74 -13.53 -34.00
N VAL C 232 19.57 -14.57 -33.92
CA VAL C 232 21.02 -14.39 -33.90
C VAL C 232 21.56 -14.85 -35.22
N TYR C 233 22.60 -14.14 -35.67
CA TYR C 233 23.29 -14.35 -36.95
C TYR C 233 24.78 -14.49 -36.68
N TYR C 234 25.31 -15.69 -36.86
CA TYR C 234 26.73 -15.95 -36.60
C TYR C 234 27.25 -16.83 -37.71
N ASP C 235 28.33 -16.41 -38.38
CA ASP C 235 28.99 -17.26 -39.37
C ASP C 235 28.03 -17.81 -40.44
N GLY C 236 27.30 -16.93 -41.12
CA GLY C 236 26.35 -17.34 -42.14
C GLY C 236 24.99 -17.84 -41.64
N LYS C 237 24.97 -18.74 -40.64
CA LYS C 237 23.68 -19.19 -40.06
C LYS C 237 22.75 -18.05 -39.53
N LYS C 238 21.45 -18.38 -39.44
CA LYS C 238 20.39 -17.53 -38.89
C LYS C 238 19.49 -18.37 -37.97
N TYR C 239 19.20 -17.85 -36.80
CA TYR C 239 18.36 -18.60 -35.90
C TYR C 239 17.35 -17.69 -35.23
N TYR C 240 16.10 -17.84 -35.63
CA TYR C 240 15.00 -17.23 -34.99
C TYR C 240 14.52 -18.16 -33.86
N SER C 241 14.27 -17.55 -32.70
CA SER C 241 13.79 -18.22 -31.50
C SER C 241 12.56 -17.44 -31.04
N SER C 242 11.39 -18.04 -31.02
CA SER C 242 10.19 -17.23 -30.83
C SER C 242 9.84 -16.87 -29.38
N GLY C 243 9.00 -15.84 -29.25
CA GLY C 243 8.66 -15.23 -27.97
C GLY C 243 7.65 -16.01 -27.15
N TYR C 244 7.18 -15.43 -26.05
CA TYR C 244 6.13 -16.08 -25.25
C TYR C 244 5.02 -15.11 -24.96
N GLN C 245 3.79 -15.61 -24.85
CA GLN C 245 2.74 -14.75 -24.32
C GLN C 245 2.77 -14.82 -22.79
N VAL C 246 2.87 -13.66 -22.15
CA VAL C 246 3.03 -13.54 -20.70
C VAL C 246 2.35 -12.22 -20.29
N PRO C 247 1.77 -12.10 -19.11
CA PRO C 247 1.23 -10.79 -18.71
C PRO C 247 2.35 -9.74 -18.75
N VAL C 248 2.00 -8.52 -19.08
CA VAL C 248 3.01 -7.51 -19.19
C VAL C 248 2.79 -6.47 -18.09
N GLU C 249 3.69 -6.41 -17.14
CA GLU C 249 3.66 -5.27 -16.22
C GLU C 249 4.51 -4.04 -16.73
N ASP C 250 5.79 -4.27 -17.10
CA ASP C 250 6.70 -3.24 -17.62
C ASP C 250 7.90 -3.78 -18.43
N VAL C 251 7.90 -3.50 -19.75
CA VAL C 251 9.00 -3.92 -20.65
C VAL C 251 10.38 -3.26 -20.38
N THR C 252 10.38 -2.04 -19.82
CA THR C 252 11.62 -1.40 -19.41
C THR C 252 12.39 -2.48 -18.70
N GLY C 253 13.56 -2.82 -19.29
CA GLY C 253 14.49 -3.81 -18.75
C GLY C 253 14.71 -5.03 -19.63
N ALA C 254 13.63 -5.55 -20.24
CA ALA C 254 13.65 -6.81 -20.94
C ALA C 254 14.77 -6.89 -22.01
N GLY C 255 14.85 -5.91 -22.90
CA GLY C 255 15.95 -5.85 -23.83
C GLY C 255 17.28 -6.24 -23.18
N ASP C 256 17.61 -5.58 -22.07
CA ASP C 256 18.89 -5.81 -21.40
C ASP C 256 19.05 -7.19 -20.80
N ALA C 257 17.96 -7.71 -20.24
CA ALA C 257 17.96 -9.01 -19.66
C ALA C 257 18.34 -9.97 -20.75
N LEU C 258 17.82 -9.72 -21.95
CA LEU C 258 18.07 -10.56 -23.12
C LEU C 258 19.57 -10.51 -23.46
N GLY C 259 20.07 -9.33 -23.78
CA GLY C 259 21.48 -9.13 -24.10
C GLY C 259 22.45 -9.74 -23.10
N GLY C 260 22.25 -9.42 -21.82
CA GLY C 260 23.17 -9.83 -20.77
C GLY C 260 23.23 -11.34 -20.49
N THR C 261 22.08 -12.00 -20.55
CA THR C 261 22.03 -13.43 -20.44
C THR C 261 22.68 -14.11 -21.66
N PHE C 262 22.34 -13.61 -22.84
CA PHE C 262 22.93 -14.07 -24.09
C PHE C 262 24.46 -14.04 -24.04
N LEU C 263 25.02 -12.87 -23.70
CA LEU C 263 26.48 -12.75 -23.60
C LEU C 263 27.09 -13.74 -22.57
N SER C 264 26.45 -13.90 -21.42
CA SER C 264 26.96 -14.74 -20.36
C SER C 264 26.91 -16.23 -20.71
N LEU C 265 25.86 -16.64 -21.41
CA LEU C 265 25.71 -18.04 -21.66
C LEU C 265 26.67 -18.42 -22.77
N TYR C 266 27.03 -17.45 -23.61
CA TYR C 266 28.04 -17.64 -24.62
C TYR C 266 29.37 -17.93 -23.92
N TYR C 267 29.77 -17.13 -22.94
CA TYR C 267 31.02 -17.46 -22.21
C TYR C 267 30.99 -18.76 -21.39
N LYS C 268 29.82 -19.15 -20.94
CA LYS C 268 29.62 -20.42 -20.25
C LYS C 268 29.73 -21.65 -21.18
N GLY C 269 29.49 -21.45 -22.47
CA GLY C 269 29.67 -22.51 -23.44
C GLY C 269 28.43 -23.11 -24.08
N PHE C 270 27.27 -22.49 -23.95
CA PHE C 270 26.09 -22.88 -24.71
C PHE C 270 26.28 -22.44 -26.15
N GLU C 271 25.96 -23.32 -27.11
CA GLU C 271 25.89 -22.91 -28.52
C GLU C 271 24.86 -21.80 -28.68
N MET C 272 25.07 -20.92 -29.64
CA MET C 272 24.19 -19.77 -29.90
C MET C 272 22.71 -20.01 -29.80
N GLU C 273 22.21 -21.07 -30.44
CA GLU C 273 20.80 -21.39 -30.40
C GLU C 273 20.28 -21.49 -28.96
N LYS C 274 20.98 -22.25 -28.13
CA LYS C 274 20.51 -22.35 -26.76
C LYS C 274 20.67 -20.98 -26.03
N ALA C 275 21.82 -20.33 -26.16
CA ALA C 275 22.02 -19.00 -25.59
C ALA C 275 20.83 -18.05 -25.93
N LEU C 276 20.44 -17.95 -27.19
CA LEU C 276 19.27 -17.18 -27.51
C LEU C 276 18.03 -17.71 -26.82
N ASP C 277 17.73 -19.01 -26.96
CA ASP C 277 16.59 -19.58 -26.26
C ASP C 277 16.56 -19.08 -24.79
N TYR C 278 17.70 -19.20 -24.13
CA TYR C 278 17.76 -18.93 -22.71
C TYR C 278 17.57 -17.46 -22.40
N ALA C 279 18.19 -16.60 -23.21
CA ALA C 279 18.03 -15.18 -23.11
C ALA C 279 16.57 -14.76 -23.29
N ILE C 280 15.83 -15.39 -24.22
CA ILE C 280 14.42 -15.02 -24.44
C ILE C 280 13.58 -15.19 -23.16
N VAL C 281 13.75 -16.32 -22.48
CA VAL C 281 13.08 -16.55 -21.21
C VAL C 281 13.42 -15.40 -20.21
N ALA C 282 14.69 -15.03 -20.13
CA ALA C 282 15.05 -13.92 -19.29
C ALA C 282 14.26 -12.64 -19.66
N SER C 283 14.29 -12.24 -20.91
CA SER C 283 13.57 -11.06 -21.28
C SER C 283 12.07 -11.27 -21.04
N THR C 284 11.61 -12.50 -21.31
CA THR C 284 10.20 -12.86 -21.11
C THR C 284 9.76 -12.69 -19.63
N LEU C 285 10.58 -13.16 -18.69
CA LEU C 285 10.26 -13.05 -17.29
C LEU C 285 10.22 -11.61 -16.86
N ASN C 286 11.20 -10.85 -17.35
CA ASN C 286 11.49 -9.47 -16.94
C ASN C 286 10.30 -8.54 -17.07
N VAL C 287 9.66 -8.67 -18.22
CA VAL C 287 8.45 -7.98 -18.65
C VAL C 287 7.31 -8.02 -17.62
N MET C 288 7.29 -9.07 -16.78
CA MET C 288 6.18 -9.36 -15.90
C MET C 288 6.15 -8.61 -14.60
N ILE C 289 7.13 -7.75 -14.35
CA ILE C 289 7.17 -6.96 -13.11
C ILE C 289 7.72 -5.54 -13.30
N ARG C 290 7.38 -4.64 -12.39
CA ARG C 290 8.06 -3.37 -12.29
C ARG C 290 9.49 -3.68 -11.86
N GLY C 291 10.47 -3.05 -12.50
CA GLY C 291 11.86 -3.22 -12.10
C GLY C 291 12.68 -3.99 -13.13
N ASP C 292 13.90 -3.51 -13.41
CA ASP C 292 14.74 -4.04 -14.48
C ASP C 292 15.56 -5.23 -14.11
N GLN C 293 15.92 -5.35 -12.83
CA GLN C 293 16.78 -6.43 -12.36
C GLN C 293 16.20 -7.46 -11.37
N GLU C 294 15.18 -7.06 -10.60
CA GLU C 294 14.69 -7.93 -9.51
C GLU C 294 14.16 -9.28 -9.98
N ASN C 295 13.88 -9.39 -11.27
CA ASN C 295 13.28 -10.58 -11.87
C ASN C 295 14.24 -11.42 -12.70
N LEU C 296 15.50 -10.98 -12.83
CA LEU C 296 16.42 -11.64 -13.76
C LEU C 296 16.78 -13.05 -13.27
N PRO C 297 16.61 -14.04 -14.14
CA PRO C 297 16.78 -15.43 -13.73
C PRO C 297 18.24 -15.94 -13.75
N THR C 298 18.48 -16.79 -12.76
CA THR C 298 19.64 -17.63 -12.62
C THR C 298 19.56 -18.72 -13.70
N THR C 299 20.68 -19.39 -14.01
CA THR C 299 20.70 -20.36 -15.13
C THR C 299 19.74 -21.53 -14.83
N LYS C 300 19.83 -22.03 -13.59
CA LYS C 300 18.89 -22.99 -12.97
C LYS C 300 17.43 -22.50 -13.13
N ASP C 301 17.14 -21.28 -12.67
CA ASP C 301 15.81 -20.67 -12.84
C ASP C 301 15.33 -20.68 -14.29
N ILE C 302 16.23 -20.42 -15.24
CA ILE C 302 15.85 -20.50 -16.66
C ILE C 302 15.49 -21.92 -17.04
N GLU C 303 16.31 -22.89 -16.61
CA GLU C 303 16.02 -24.30 -16.92
C GLU C 303 14.67 -24.81 -16.35
N THR C 304 14.33 -24.35 -15.14
CA THR C 304 13.07 -24.69 -14.54
C THR C 304 11.92 -24.24 -15.44
N PHE C 305 12.00 -22.98 -15.92
CA PHE C 305 11.11 -22.43 -16.95
C PHE C 305 11.01 -23.36 -18.17
N LEU C 306 12.14 -23.69 -18.79
CA LEU C 306 12.10 -24.52 -19.99
C LEU C 306 11.55 -25.94 -19.76
N ARG C 307 11.91 -26.58 -18.67
CA ARG C 307 11.42 -27.92 -18.43
C ARG C 307 9.89 -27.92 -18.31
N GLU C 308 9.35 -26.96 -17.54
CA GLU C 308 7.91 -26.88 -17.26
C GLU C 308 7.13 -26.34 -18.46
N MET C 309 7.78 -26.36 -19.62
CA MET C 309 7.19 -25.92 -20.90
C MET C 309 7.52 -26.97 -22.00
N LYS C 310 8.18 -28.05 -21.57
CA LYS C 310 8.39 -29.29 -22.35
C LYS C 310 9.32 -29.12 -23.56
N ALA D 2 -9.77 40.42 -1.06
CA ALA D 2 -8.55 40.89 -1.75
C ALA D 2 -8.06 39.83 -2.70
N LYS D 3 -7.04 40.17 -3.47
CA LYS D 3 -6.37 39.30 -4.45
C LYS D 3 -4.89 39.25 -4.05
N LEU D 4 -4.32 38.04 -4.06
CA LEU D 4 -2.88 37.80 -3.84
C LEU D 4 -2.28 37.33 -5.15
N ILE D 5 -1.21 37.97 -5.60
CA ILE D 5 -0.47 37.36 -6.70
C ILE D 5 0.92 36.89 -6.22
N THR D 6 1.20 35.60 -6.40
CA THR D 6 2.55 35.10 -6.09
C THR D 6 3.30 34.81 -7.39
N LEU D 7 4.61 34.80 -7.26
CA LEU D 7 5.55 34.79 -8.37
C LEU D 7 6.64 33.79 -7.92
N GLY D 8 6.73 32.64 -8.58
CA GLY D 8 7.70 31.62 -8.21
C GLY D 8 7.72 30.32 -9.00
N GLU D 9 8.38 29.29 -8.42
CA GLU D 9 8.42 27.98 -9.07
C GLU D 9 7.50 26.95 -8.43
N ILE D 10 6.55 26.43 -9.20
CA ILE D 10 5.82 25.28 -8.70
C ILE D 10 6.74 24.07 -8.92
N LEU D 11 6.67 23.12 -7.98
CA LEU D 11 7.45 21.89 -8.06
C LEU D 11 6.57 20.67 -7.75
N ILE D 12 6.80 19.55 -8.44
CA ILE D 12 6.18 18.30 -8.03
C ILE D 12 7.05 17.71 -6.94
N GLU D 13 6.43 17.27 -5.85
CA GLU D 13 7.15 16.73 -4.72
C GLU D 13 6.88 15.26 -4.55
N PHE D 14 7.94 14.51 -4.37
CA PHE D 14 7.90 13.09 -4.17
C PHE D 14 8.30 12.80 -2.73
N ASN D 15 7.28 12.60 -1.91
CA ASN D 15 7.43 12.44 -0.46
C ASN D 15 7.71 11.00 -0.05
N ALA D 16 8.82 10.77 0.66
CA ALA D 16 9.16 9.43 1.10
C ALA D 16 8.01 8.82 1.90
N LEU D 17 7.50 7.68 1.46
CA LEU D 17 6.39 7.04 2.17
C LEU D 17 6.77 6.54 3.56
N SER D 18 8.07 6.36 3.84
CA SER D 18 8.55 6.01 5.18
C SER D 18 9.78 6.83 5.56
N PRO D 19 9.97 7.07 6.86
CA PRO D 19 11.16 7.82 7.34
C PRO D 19 12.46 7.02 7.05
N GLY D 20 13.63 7.60 7.29
CA GLY D 20 14.87 6.91 7.00
C GLY D 20 15.60 7.46 5.77
N PRO D 21 16.85 7.03 5.55
CA PRO D 21 17.66 7.47 4.41
C PRO D 21 17.01 7.11 3.07
N LEU D 22 16.98 8.05 2.14
CA LEU D 22 16.25 7.80 0.92
C LEU D 22 16.72 6.51 0.21
N ARG D 23 17.94 6.07 0.48
CA ARG D 23 18.48 4.90 -0.18
C ARG D 23 17.86 3.59 0.28
N HIS D 24 17.00 3.66 1.29
CA HIS D 24 16.31 2.46 1.75
C HIS D 24 14.81 2.64 1.74
N VAL D 25 14.34 3.72 1.12
CA VAL D 25 12.93 3.99 1.01
C VAL D 25 12.50 3.51 -0.37
N SER D 26 11.36 2.82 -0.44
CA SER D 26 10.93 2.19 -1.68
C SER D 26 9.89 2.94 -2.50
N TYR D 27 9.11 3.78 -1.80
CA TYR D 27 7.93 4.45 -2.34
C TYR D 27 7.90 5.94 -2.02
N PHE D 28 7.39 6.64 -3.03
CA PHE D 28 7.20 8.06 -2.96
C PHE D 28 5.75 8.37 -3.36
N GLU D 29 5.22 9.37 -2.65
CA GLU D 29 3.88 9.89 -2.83
C GLU D 29 3.97 11.25 -3.48
N LYS D 30 3.39 11.35 -4.68
CA LYS D 30 3.39 12.56 -5.50
C LYS D 30 2.59 13.64 -4.78
N HIS D 31 3.13 14.85 -4.76
CA HIS D 31 2.40 16.00 -4.20
C HIS D 31 2.80 17.27 -4.94
N VAL D 32 1.80 18.13 -5.17
CA VAL D 32 2.06 19.39 -5.79
C VAL D 32 2.44 20.38 -4.67
N ALA D 33 3.53 21.10 -4.89
CA ALA D 33 4.13 21.91 -3.83
C ALA D 33 4.95 23.07 -4.42
N GLY D 34 5.85 23.62 -3.64
CA GLY D 34 6.41 24.90 -4.01
C GLY D 34 5.83 26.00 -3.14
N SER D 35 6.75 26.75 -2.51
CA SER D 35 6.43 27.79 -1.56
C SER D 35 5.26 28.78 -1.96
N GLU D 36 5.42 29.48 -3.09
CA GLU D 36 4.44 30.46 -3.60
C GLU D 36 3.10 29.82 -3.92
N ALA D 37 3.15 28.62 -4.48
CA ALA D 37 1.93 27.90 -4.77
C ALA D 37 1.25 27.54 -3.44
N ASN D 38 2.01 27.02 -2.48
CA ASN D 38 1.49 26.84 -1.14
C ASN D 38 0.81 28.12 -0.58
N TYR D 39 1.50 29.26 -0.69
CA TYR D 39 0.95 30.53 -0.16
C TYR D 39 -0.44 30.81 -0.78
N CYS D 40 -0.55 30.65 -2.11
CA CYS D 40 -1.80 30.82 -2.84
C CYS D 40 -2.94 29.99 -2.25
N VAL D 41 -2.67 28.72 -2.02
CA VAL D 41 -3.76 27.88 -1.56
C VAL D 41 -4.18 28.20 -0.12
N ALA D 42 -3.20 28.36 0.78
CA ALA D 42 -3.42 28.89 2.12
C ALA D 42 -4.25 30.18 2.05
N PHE D 43 -3.87 31.08 1.16
CA PHE D 43 -4.58 32.34 1.03
C PHE D 43 -6.08 32.13 0.62
N ILE D 44 -6.32 31.45 -0.52
CA ILE D 44 -7.67 31.19 -1.02
C ILE D 44 -8.55 30.48 0.03
N LYS D 45 -7.91 29.69 0.89
CA LYS D 45 -8.65 28.95 1.93
C LYS D 45 -9.39 29.88 2.87
N GLN D 46 -8.88 31.09 3.04
CA GLN D 46 -9.55 32.03 3.93
C GLN D 46 -10.69 32.85 3.27
N GLY D 47 -11.00 32.57 2.00
CA GLY D 47 -11.96 33.36 1.23
C GLY D 47 -11.40 34.53 0.43
N ASN D 48 -10.12 34.49 0.08
CA ASN D 48 -9.65 35.57 -0.79
C ASN D 48 -9.33 34.97 -2.14
N GLU D 49 -9.14 35.84 -3.14
CA GLU D 49 -8.69 35.40 -4.47
C GLU D 49 -7.18 35.17 -4.44
N CYS D 50 -6.63 34.61 -5.49
CA CYS D 50 -5.19 34.53 -5.67
C CYS D 50 -4.85 34.00 -7.07
N GLY D 51 -3.68 34.38 -7.55
CA GLY D 51 -3.13 33.76 -8.75
C GLY D 51 -1.63 33.63 -8.59
N ILE D 52 -1.07 32.77 -9.44
CA ILE D 52 0.35 32.55 -9.46
C ILE D 52 0.89 32.82 -10.86
N ILE D 53 2.00 33.58 -10.89
CA ILE D 53 2.79 33.70 -12.12
C ILE D 53 3.98 32.75 -11.98
N ALA D 54 3.95 31.70 -12.81
CA ALA D 54 4.90 30.58 -12.76
C ALA D 54 5.02 29.95 -14.13
N LYS D 55 6.06 29.16 -14.32
CA LYS D 55 6.28 28.51 -15.60
C LYS D 55 6.63 27.06 -15.36
N VAL D 56 5.94 26.16 -16.07
CA VAL D 56 6.13 24.73 -15.95
C VAL D 56 6.43 24.09 -17.33
N GLY D 57 6.77 22.80 -17.35
CA GLY D 57 7.12 22.17 -18.58
C GLY D 57 5.86 21.75 -19.31
N ASP D 58 5.99 21.57 -20.61
CA ASP D 58 4.97 20.93 -21.39
C ASP D 58 5.00 19.46 -21.07
N ASP D 59 4.67 19.09 -19.83
CA ASP D 59 4.74 17.69 -19.47
C ASP D 59 3.64 17.24 -18.52
N GLU D 60 3.54 15.93 -18.29
CA GLU D 60 2.65 15.38 -17.28
C GLU D 60 2.73 16.18 -15.99
N PHE D 61 3.97 16.40 -15.53
CA PHE D 61 4.20 17.06 -14.26
C PHE D 61 3.71 18.51 -14.22
N GLY D 62 3.94 19.25 -15.31
CA GLY D 62 3.45 20.62 -15.40
C GLY D 62 1.95 20.63 -15.40
N TYR D 63 1.39 19.80 -16.27
CA TYR D 63 -0.05 19.64 -16.36
C TYR D 63 -0.62 19.16 -15.02
N ASN D 64 0.16 18.35 -14.32
CA ASN D 64 -0.19 18.04 -12.96
C ASN D 64 -0.37 19.31 -12.10
N ALA D 65 0.64 20.18 -12.12
CA ALA D 65 0.66 21.44 -11.41
C ALA D 65 -0.54 22.36 -11.71
N ILE D 66 -0.83 22.55 -13.01
CA ILE D 66 -1.99 23.37 -13.41
C ILE D 66 -3.34 22.84 -12.89
N GLU D 67 -3.59 21.54 -13.07
CA GLU D 67 -4.89 20.91 -12.80
C GLU D 67 -5.16 21.00 -11.33
N TRP D 68 -4.13 20.68 -10.55
CA TRP D 68 -4.21 20.72 -9.13
C TRP D 68 -4.52 22.10 -8.64
N LEU D 69 -3.82 23.11 -9.16
CA LEU D 69 -4.06 24.46 -8.66
C LEU D 69 -5.39 25.02 -9.13
N ARG D 70 -5.80 24.71 -10.38
CA ARG D 70 -7.17 25.05 -10.84
C ARG D 70 -8.21 24.49 -9.83
N GLY D 71 -8.10 23.22 -9.43
CA GLY D 71 -9.08 22.60 -8.55
C GLY D 71 -9.27 23.37 -7.26
N GLN D 72 -8.13 23.69 -6.64
CA GLN D 72 -8.04 24.54 -5.45
C GLN D 72 -8.63 25.95 -5.63
N GLY D 73 -8.82 26.40 -6.86
CA GLY D 73 -9.46 27.69 -7.14
C GLY D 73 -8.49 28.77 -7.55
N VAL D 74 -7.22 28.38 -7.74
CA VAL D 74 -6.16 29.33 -8.07
C VAL D 74 -6.20 29.76 -9.56
N ASP D 75 -6.15 31.06 -9.76
CA ASP D 75 -6.11 31.63 -11.06
C ASP D 75 -4.72 31.32 -11.66
N VAL D 76 -4.74 30.53 -12.73
CA VAL D 76 -3.54 30.00 -13.35
C VAL D 76 -3.57 30.44 -14.80
N SER D 77 -4.49 31.33 -15.12
CA SER D 77 -4.52 31.86 -16.48
C SER D 77 -3.19 32.55 -16.85
N HIS D 78 -2.41 33.00 -15.86
CA HIS D 78 -1.22 33.78 -16.15
C HIS D 78 0.06 32.98 -15.96
N MET D 79 -0.08 31.66 -15.92
CA MET D 79 1.07 30.75 -15.94
C MET D 79 1.58 30.59 -17.37
N LYS D 80 2.82 30.15 -17.54
CA LYS D 80 3.26 29.73 -18.88
C LYS D 80 3.76 28.30 -18.87
N ILE D 81 3.66 27.68 -20.04
CA ILE D 81 4.21 26.33 -20.27
C ILE D 81 5.39 26.42 -21.23
N ASP D 82 6.46 25.69 -20.96
CA ASP D 82 7.68 25.80 -21.78
C ASP D 82 8.01 24.48 -22.46
N PRO D 83 8.10 24.48 -23.79
CA PRO D 83 8.51 23.26 -24.53
C PRO D 83 9.98 22.89 -24.27
N SER D 84 10.83 23.86 -23.99
CA SER D 84 12.24 23.53 -23.84
C SER D 84 12.70 22.92 -22.47
N ALA D 85 11.89 22.98 -21.43
CA ALA D 85 12.38 22.51 -20.15
C ALA D 85 11.36 21.71 -19.32
N PRO D 86 11.86 20.83 -18.43
CA PRO D 86 11.00 19.95 -17.65
C PRO D 86 10.60 20.61 -16.33
N THR D 87 9.39 20.34 -15.86
CA THR D 87 8.88 20.86 -14.59
C THR D 87 9.86 20.49 -13.44
N GLY D 88 10.19 21.45 -12.58
CA GLY D 88 11.04 21.11 -11.46
C GLY D 88 10.36 20.13 -10.51
N ILE D 89 11.18 19.31 -9.86
CA ILE D 89 10.70 18.28 -8.95
C ILE D 89 11.67 18.23 -7.78
N PHE D 90 11.26 17.64 -6.68
CA PHE D 90 12.22 17.40 -5.62
C PHE D 90 11.80 16.20 -4.78
N PHE D 91 12.73 15.63 -4.05
CA PHE D 91 12.39 14.54 -3.12
C PHE D 91 12.41 14.97 -1.63
N ILE D 92 11.53 14.40 -0.81
CA ILE D 92 11.63 14.67 0.61
C ILE D 92 12.17 13.44 1.31
N GLN D 93 13.18 13.67 2.15
CA GLN D 93 13.65 12.68 3.07
C GLN D 93 13.26 13.10 4.48
N ARG D 94 12.70 12.16 5.24
CA ARG D 94 12.06 12.51 6.50
C ARG D 94 12.67 11.85 7.73
N HIS D 95 12.86 12.69 8.74
CA HIS D 95 13.25 12.28 10.09
C HIS D 95 14.61 11.59 10.08
N TYR D 96 15.44 11.87 9.08
CA TYR D 96 16.72 11.20 8.99
C TYR D 96 17.72 12.09 8.25
N PRO D 97 18.90 12.37 8.83
CA PRO D 97 19.33 11.87 10.14
C PRO D 97 18.79 12.58 11.40
N VAL D 98 17.94 13.57 11.28
CA VAL D 98 17.44 14.26 12.46
C VAL D 98 15.94 14.02 12.61
N PRO D 99 15.49 13.46 13.74
CA PRO D 99 14.05 13.31 14.01
C PRO D 99 13.21 14.61 13.80
N LEU D 100 11.94 14.46 13.47
CA LEU D 100 11.07 15.63 13.36
C LEU D 100 11.35 16.49 12.11
N LYS D 101 12.56 16.39 11.58
CA LYS D 101 13.01 17.28 10.51
C LYS D 101 12.86 16.68 9.10
N SER D 102 12.90 17.47 8.05
CA SER D 102 12.73 16.92 6.72
C SER D 102 13.76 17.58 5.83
N GLU D 103 14.32 16.83 4.90
CA GLU D 103 15.32 17.34 3.95
C GLU D 103 14.73 17.31 2.53
N SER D 104 15.06 18.32 1.72
CA SER D 104 14.61 18.37 0.34
C SER D 104 15.77 18.08 -0.62
N ILE D 105 15.53 17.22 -1.61
CA ILE D 105 16.55 16.79 -2.58
C ILE D 105 16.11 17.17 -3.99
N TYR D 106 16.81 18.14 -4.60
CA TYR D 106 16.29 18.81 -5.80
C TYR D 106 16.63 18.22 -7.19
N TYR D 107 15.69 18.32 -8.12
CA TYR D 107 15.98 18.12 -9.54
C TYR D 107 15.28 19.25 -10.30
N ARG D 108 15.93 20.39 -10.27
CA ARG D 108 15.33 21.65 -10.66
C ARG D 108 16.23 22.57 -11.52
N LYS D 109 17.54 22.31 -11.57
CA LYS D 109 18.44 23.14 -12.41
C LYS D 109 17.99 23.22 -13.89
N GLY D 110 17.82 24.42 -14.41
CA GLY D 110 17.36 24.56 -15.78
C GLY D 110 15.92 24.08 -15.97
N SER D 111 15.11 24.09 -14.90
CA SER D 111 13.72 23.66 -15.00
C SER D 111 12.91 24.75 -15.68
N ALA D 112 11.76 24.37 -16.22
CA ALA D 112 10.86 25.35 -16.79
C ALA D 112 10.68 26.47 -15.80
N GLY D 113 10.47 26.05 -14.54
CA GLY D 113 10.33 26.95 -13.42
C GLY D 113 11.44 27.99 -13.26
N SER D 114 12.69 27.58 -13.47
CA SER D 114 13.81 28.52 -13.37
C SER D 114 13.86 29.52 -14.50
N LYS D 115 13.07 29.28 -15.56
CA LYS D 115 13.07 30.13 -16.75
C LYS D 115 11.94 31.15 -16.71
N LEU D 116 11.28 31.24 -15.56
CA LEU D 116 10.42 32.39 -15.21
C LEU D 116 11.18 33.67 -15.48
N SER D 117 10.63 34.56 -16.30
CA SER D 117 11.32 35.84 -16.56
C SER D 117 10.38 37.06 -16.64
N PRO D 118 10.99 38.26 -16.65
CA PRO D 118 10.24 39.51 -16.57
C PRO D 118 9.01 39.61 -17.47
N GLU D 119 9.13 39.33 -18.77
CA GLU D 119 8.03 39.38 -19.73
C GLU D 119 6.79 38.56 -19.36
N ASP D 120 6.97 37.56 -18.49
CA ASP D 120 5.89 36.73 -17.93
C ASP D 120 5.08 37.46 -16.87
N VAL D 121 5.72 38.36 -16.08
CA VAL D 121 4.96 39.29 -15.20
C VAL D 121 4.39 40.46 -15.99
N ASP D 122 3.08 40.62 -15.91
CA ASP D 122 2.35 41.62 -16.70
C ASP D 122 1.81 42.72 -15.81
N GLU D 123 1.77 43.97 -16.28
CA GLU D 123 1.47 45.15 -15.43
C GLU D 123 0.02 45.23 -15.02
N GLU D 124 -0.86 45.11 -15.99
CA GLU D 124 -2.29 45.18 -15.67
C GLU D 124 -2.67 44.06 -14.70
N TYR D 125 -2.13 42.87 -14.93
CA TYR D 125 -2.42 41.74 -14.07
C TYR D 125 -1.95 42.03 -12.67
N VAL D 126 -0.67 42.32 -12.54
CA VAL D 126 -0.05 42.45 -11.23
C VAL D 126 -0.64 43.60 -10.45
N LYS D 127 -1.21 44.60 -11.09
CA LYS D 127 -1.76 45.69 -10.28
C LYS D 127 -3.26 45.56 -9.94
N SER D 128 -3.85 44.44 -10.36
CA SER D 128 -5.19 44.03 -9.97
C SER D 128 -5.16 43.28 -8.63
N ALA D 129 -3.98 43.20 -7.99
CA ALA D 129 -3.83 42.62 -6.64
C ALA D 129 -3.49 43.63 -5.49
N ASP D 130 -3.95 43.29 -4.29
CA ASP D 130 -3.75 44.09 -3.11
C ASP D 130 -2.40 43.77 -2.53
N LEU D 131 -1.84 42.66 -2.99
CA LEU D 131 -0.57 42.18 -2.46
C LEU D 131 0.16 41.34 -3.49
N VAL D 132 1.47 41.58 -3.57
CA VAL D 132 2.32 40.88 -4.50
C VAL D 132 3.46 40.26 -3.68
N HIS D 133 3.59 38.95 -3.79
CA HIS D 133 4.38 38.13 -2.90
C HIS D 133 5.38 37.18 -3.59
N SER D 134 6.46 36.87 -2.86
CA SER D 134 7.54 35.99 -3.31
C SER D 134 8.63 35.76 -2.26
N SER D 135 9.69 35.09 -2.68
CA SER D 135 10.61 34.52 -1.72
C SER D 135 12.05 34.43 -2.21
N GLY D 136 12.94 34.17 -1.26
CA GLY D 136 14.31 33.82 -1.56
C GLY D 136 14.48 32.70 -2.54
N ILE D 137 13.57 31.72 -2.52
CA ILE D 137 13.66 30.61 -3.46
C ILE D 137 13.60 31.16 -4.89
N THR D 138 12.73 32.13 -5.14
CA THR D 138 12.56 32.64 -6.51
C THR D 138 13.78 33.48 -6.93
N LEU D 139 14.41 34.08 -5.94
CA LEU D 139 15.57 34.91 -6.20
C LEU D 139 16.79 34.03 -6.55
N ALA D 140 16.96 32.92 -5.82
CA ALA D 140 18.06 31.96 -6.03
C ALA D 140 17.99 31.13 -7.27
N ILE D 141 16.80 30.80 -7.78
CA ILE D 141 16.72 29.82 -8.88
C ILE D 141 17.29 30.18 -10.23
N SER D 142 17.38 31.48 -10.52
CA SER D 142 18.07 32.02 -11.73
C SER D 142 18.05 33.57 -11.85
N SER D 143 18.92 34.13 -12.68
CA SER D 143 18.84 35.55 -13.07
C SER D 143 17.44 35.96 -13.50
N THR D 144 16.82 35.14 -14.37
CA THR D 144 15.57 35.57 -14.98
C THR D 144 14.44 35.62 -13.94
N ALA D 145 14.28 34.56 -13.17
CA ALA D 145 13.28 34.61 -12.09
C ALA D 145 13.57 35.74 -11.03
N LYS D 146 14.83 35.91 -10.65
CA LYS D 146 15.20 37.06 -9.83
C LYS D 146 14.68 38.33 -10.47
N GLU D 147 15.06 38.50 -11.73
CA GLU D 147 14.66 39.64 -12.51
C GLU D 147 13.12 39.79 -12.41
N ALA D 148 12.40 38.69 -12.52
CA ALA D 148 10.96 38.78 -12.59
C ALA D 148 10.34 39.24 -11.27
N VAL D 149 10.97 38.84 -10.17
CA VAL D 149 10.55 39.33 -8.87
C VAL D 149 10.71 40.83 -8.91
N TYR D 150 11.92 41.29 -9.24
CA TYR D 150 12.19 42.73 -9.28
C TYR D 150 11.14 43.50 -10.10
N LYS D 151 10.76 42.99 -11.26
CA LYS D 151 9.73 43.65 -12.07
C LYS D 151 8.33 43.62 -11.39
N ALA D 152 7.88 42.46 -10.90
CA ALA D 152 6.64 42.42 -10.10
C ALA D 152 6.65 43.50 -9.02
N PHE D 153 7.78 43.61 -8.32
CA PHE D 153 7.94 44.55 -7.20
C PHE D 153 7.91 46.04 -7.59
N GLU D 154 8.50 46.44 -8.75
CA GLU D 154 8.36 47.85 -9.24
C GLU D 154 6.93 48.23 -9.59
N ILE D 155 6.27 47.36 -10.32
CA ILE D 155 4.85 47.45 -10.56
C ILE D 155 3.98 47.59 -9.29
N ALA D 156 4.27 46.76 -8.29
CA ALA D 156 3.42 46.67 -7.09
C ALA D 156 3.52 47.90 -6.20
N SER D 157 2.46 48.22 -5.46
CA SER D 157 2.61 49.19 -4.35
C SER D 157 2.85 48.49 -3.01
N ASN D 158 2.03 47.47 -2.72
CA ASN D 158 2.17 46.64 -1.51
C ASN D 158 2.79 45.28 -1.85
N ARG D 159 3.89 44.95 -1.17
CA ARG D 159 4.66 43.75 -1.48
C ARG D 159 5.00 42.90 -0.27
N SER D 160 5.18 41.61 -0.53
CA SER D 160 5.43 40.63 0.49
C SER D 160 6.63 39.73 0.14
N PHE D 161 7.48 39.50 1.13
CA PHE D 161 8.66 38.68 0.92
C PHE D 161 8.83 37.66 2.03
N ASP D 162 8.84 36.36 1.66
CA ASP D 162 9.26 35.31 2.60
C ASP D 162 10.73 35.10 2.34
N THR D 163 11.61 35.39 3.30
CA THR D 163 13.06 35.31 3.00
C THR D 163 13.41 33.92 2.51
N ASN D 164 12.76 32.92 3.11
CA ASN D 164 12.83 31.55 2.65
C ASN D 164 14.22 31.06 2.16
N ILE D 165 15.27 31.29 2.93
CA ILE D 165 16.60 30.92 2.48
C ILE D 165 16.75 29.41 2.30
N ARG D 166 17.31 28.97 1.17
CA ARG D 166 17.61 27.55 0.95
C ARG D 166 19.05 27.30 0.53
N LEU D 167 19.83 26.74 1.43
CA LEU D 167 21.26 26.69 1.24
C LEU D 167 21.72 25.71 0.19
N LYS D 168 20.91 24.74 -0.19
CA LYS D 168 21.28 23.92 -1.35
C LYS D 168 21.14 24.68 -2.66
N LEU D 169 20.68 25.93 -2.62
CA LEU D 169 20.31 26.68 -3.83
C LEU D 169 21.35 27.77 -4.17
N TRP D 170 21.85 28.41 -3.12
CA TRP D 170 22.88 29.41 -3.25
C TRP D 170 23.59 29.46 -1.89
N SER D 171 24.86 29.88 -1.89
CA SER D 171 25.63 30.04 -0.66
C SER D 171 25.00 31.06 0.28
N ALA D 172 25.42 31.02 1.54
CA ALA D 172 24.96 31.96 2.56
C ALA D 172 25.35 33.38 2.20
N GLU D 173 26.60 33.56 1.76
CA GLU D 173 27.03 34.93 1.52
C GLU D 173 26.22 35.50 0.33
N GLU D 174 25.80 34.59 -0.56
CA GLU D 174 24.97 34.93 -1.72
C GLU D 174 23.56 35.40 -1.38
N ALA D 175 22.90 34.69 -0.48
CA ALA D 175 21.56 35.04 -0.03
C ALA D 175 21.56 36.39 0.67
N LYS D 176 22.51 36.61 1.59
CA LYS D 176 22.62 37.88 2.29
C LYS D 176 22.65 39.02 1.27
N ARG D 177 23.65 38.95 0.38
CA ARG D 177 23.89 39.96 -0.66
C ARG D 177 22.63 40.30 -1.45
N GLU D 178 21.96 39.27 -1.94
CA GLU D 178 20.82 39.43 -2.83
C GLU D 178 19.53 39.83 -2.10
N ILE D 179 19.26 39.23 -0.93
CA ILE D 179 18.11 39.58 -0.14
C ILE D 179 18.27 41.04 0.28
N LEU D 180 19.48 41.40 0.72
CA LEU D 180 19.72 42.78 1.15
C LEU D 180 19.68 43.81 0.03
N LYS D 181 20.17 43.47 -1.15
CA LYS D 181 20.07 44.41 -2.24
C LYS D 181 18.62 44.58 -2.74
N LEU D 182 17.80 43.54 -2.53
CA LEU D 182 16.36 43.52 -2.84
C LEU D 182 15.56 44.41 -1.88
N LEU D 183 15.87 44.34 -0.59
CA LEU D 183 15.25 45.21 0.41
C LEU D 183 15.78 46.63 0.31
N SER D 184 16.95 46.77 -0.31
CA SER D 184 17.58 48.08 -0.48
C SER D 184 16.72 49.01 -1.36
N LYS D 185 16.14 48.52 -2.46
CA LYS D 185 14.91 49.17 -2.99
C LYS D 185 13.71 48.43 -2.40
N PHE D 186 12.51 48.85 -2.75
CA PHE D 186 11.30 48.19 -2.23
C PHE D 186 11.21 48.07 -0.73
N HIS D 187 10.79 49.12 -0.06
CA HIS D 187 10.11 48.98 1.21
C HIS D 187 9.06 47.86 1.00
N LEU D 188 8.81 47.04 2.02
CA LEU D 188 7.79 45.97 1.97
C LEU D 188 6.62 46.19 2.92
N LYS D 189 5.42 45.77 2.50
CA LYS D 189 4.33 45.62 3.46
C LYS D 189 4.58 44.51 4.52
N PHE D 190 4.97 43.32 4.08
CA PHE D 190 5.20 42.16 4.95
C PHE D 190 6.58 41.60 4.71
N LEU D 191 7.27 41.28 5.80
CA LEU D 191 8.50 40.51 5.76
C LEU D 191 8.23 39.27 6.58
N ILE D 192 8.27 38.11 5.91
CA ILE D 192 8.11 36.79 6.54
C ILE D 192 9.47 36.09 6.61
N THR D 193 10.04 35.99 7.80
CA THR D 193 11.29 35.30 7.91
C THR D 193 11.30 34.43 9.17
N ASP D 194 12.45 33.86 9.49
CA ASP D 194 12.67 33.25 10.78
C ASP D 194 14.04 33.51 11.39
N THR D 195 14.27 32.80 12.48
CA THR D 195 15.48 32.95 13.30
C THR D 195 16.79 32.60 12.58
N ASP D 196 16.69 31.55 11.75
CA ASP D 196 17.78 31.03 10.95
C ASP D 196 18.09 32.01 9.87
N ASP D 197 17.05 32.47 9.21
CA ASP D 197 17.24 33.32 8.07
C ASP D 197 17.85 34.64 8.54
N SER D 198 17.60 34.98 9.82
CA SER D 198 18.23 36.13 10.46
C SER D 198 19.69 35.97 10.88
N LYS D 199 20.12 34.79 11.36
CA LYS D 199 21.58 34.54 11.49
C LYS D 199 22.26 34.78 10.14
N ILE D 200 21.67 34.27 9.06
CA ILE D 200 22.28 34.37 7.75
C ILE D 200 22.37 35.80 7.18
N ILE D 201 21.22 36.51 7.15
CA ILE D 201 21.10 37.86 6.57
C ILE D 201 21.67 38.95 7.47
N LEU D 202 21.31 38.93 8.75
CA LEU D 202 21.75 39.98 9.68
C LEU D 202 22.97 39.65 10.55
N GLY D 203 23.29 38.37 10.77
CA GLY D 203 24.21 37.96 11.82
C GLY D 203 23.49 37.84 13.17
N GLU D 204 22.16 37.93 13.14
CA GLU D 204 21.36 38.09 14.37
C GLU D 204 20.28 37.04 14.56
N SER D 205 20.46 36.17 15.55
CA SER D 205 19.51 35.10 15.87
C SER D 205 18.35 35.48 16.81
N ASP D 206 18.39 36.65 17.42
CA ASP D 206 17.37 37.04 18.38
C ASP D 206 16.20 37.69 17.62
N PRO D 207 15.00 37.13 17.75
CA PRO D 207 13.83 37.64 17.02
C PRO D 207 13.57 39.13 17.19
N ASP D 208 13.71 39.63 18.41
CA ASP D 208 13.46 41.05 18.70
C ASP D 208 14.47 41.94 17.99
N LYS D 209 15.75 41.69 18.30
CA LYS D 209 16.87 42.43 17.71
C LYS D 209 16.78 42.41 16.20
N ALA D 210 16.41 41.28 15.59
CA ALA D 210 16.37 41.19 14.13
C ALA D 210 15.22 41.93 13.48
N ALA D 211 14.07 41.91 14.15
CA ALA D 211 12.92 42.64 13.67
C ALA D 211 13.21 44.12 13.73
N LYS D 212 14.13 44.54 14.60
CA LYS D 212 14.39 45.99 14.77
C LYS D 212 15.31 46.42 13.64
N ALA D 213 16.26 45.54 13.33
CA ALA D 213 17.11 45.68 12.15
C ALA D 213 16.28 45.65 10.87
N PHE D 214 15.21 44.85 10.86
CA PHE D 214 14.38 44.71 9.68
C PHE D 214 13.33 45.80 9.50
N SER D 215 13.04 46.54 10.57
CA SER D 215 11.89 47.47 10.66
C SER D 215 11.87 48.66 9.70
N ASP D 216 13.04 49.12 9.29
CA ASP D 216 13.15 50.16 8.28
C ASP D 216 12.91 49.65 6.84
N TYR D 217 12.60 48.35 6.69
CA TYR D 217 12.28 47.69 5.40
C TYR D 217 10.86 47.10 5.29
N ALA D 218 10.21 46.91 6.43
CA ALA D 218 8.88 46.33 6.45
C ALA D 218 7.92 46.84 7.56
N GLU D 219 6.80 47.37 7.09
CA GLU D 219 5.68 47.69 7.93
C GLU D 219 5.46 46.60 8.99
N ILE D 220 5.19 45.36 8.52
CA ILE D 220 4.86 44.19 9.37
C ILE D 220 5.90 43.08 9.23
N ILE D 221 6.42 42.60 10.33
CA ILE D 221 7.39 41.50 10.28
C ILE D 221 6.84 40.23 10.93
N VAL D 222 7.03 39.08 10.29
CA VAL D 222 6.68 37.81 10.92
C VAL D 222 7.93 36.96 11.16
N MET D 223 8.16 36.64 12.44
CA MET D 223 9.29 35.85 12.88
C MET D 223 8.90 34.42 13.23
N LYS D 224 9.21 33.43 12.39
CA LYS D 224 8.69 32.10 12.65
C LYS D 224 9.60 31.34 13.58
N LEU D 225 8.98 30.70 14.56
CA LEU D 225 9.72 30.07 15.64
C LEU D 225 9.65 28.53 15.60
N GLY D 226 9.25 27.95 14.45
CA GLY D 226 8.97 26.53 14.35
C GLY D 226 7.94 26.06 15.36
N PRO D 227 8.25 25.00 16.11
CA PRO D 227 7.31 24.53 17.15
C PRO D 227 7.12 25.52 18.28
N LYS D 228 8.00 26.50 18.49
CA LYS D 228 7.74 27.50 19.55
C LYS D 228 6.51 28.38 19.17
N GLY D 229 6.46 28.85 17.91
CA GLY D 229 5.31 29.55 17.36
C GLY D 229 5.73 30.55 16.29
N ALA D 230 5.39 31.82 16.51
CA ALA D 230 5.84 32.92 15.67
C ALA D 230 5.58 34.22 16.41
N ILE D 231 6.28 35.27 16.03
CA ILE D 231 6.01 36.59 16.57
C ILE D 231 5.65 37.51 15.42
N VAL D 232 4.57 38.28 15.54
CA VAL D 232 4.38 39.34 14.57
C VAL D 232 4.80 40.70 15.16
N TYR D 233 5.50 41.53 14.38
CA TYR D 233 5.90 42.86 14.83
C TYR D 233 5.23 43.86 13.93
N TYR D 234 4.38 44.69 14.55
CA TYR D 234 3.59 45.75 13.88
C TYR D 234 3.41 46.95 14.80
N ASP D 235 3.40 48.15 14.21
CA ASP D 235 3.14 49.42 14.91
C ASP D 235 3.83 49.54 16.27
N GLY D 236 5.08 49.12 16.43
CA GLY D 236 5.73 49.18 17.73
C GLY D 236 5.22 48.18 18.78
N LYS D 237 4.37 47.24 18.35
CA LYS D 237 3.95 46.19 19.27
C LYS D 237 4.51 44.82 18.83
N LYS D 238 4.81 43.98 19.82
CA LYS D 238 5.24 42.61 19.56
C LYS D 238 4.21 41.70 20.19
N TYR D 239 3.62 40.80 19.41
CA TYR D 239 2.73 39.78 19.96
C TYR D 239 3.34 38.40 19.75
N TYR D 240 3.51 37.65 20.84
CA TYR D 240 4.02 36.28 20.70
C TYR D 240 2.85 35.29 20.68
N SER D 241 2.92 34.29 19.80
CA SER D 241 1.81 33.34 19.70
C SER D 241 2.40 31.94 19.72
N SER D 242 2.14 31.17 20.76
CA SER D 242 2.87 29.91 20.94
C SER D 242 2.33 28.82 20.07
N GLY D 243 3.07 27.73 19.96
CA GLY D 243 2.62 26.57 19.19
C GLY D 243 1.98 25.42 19.98
N TYR D 244 1.78 24.29 19.31
CA TYR D 244 1.13 23.15 19.90
C TYR D 244 1.98 21.88 19.78
N GLN D 245 1.97 21.05 20.82
CA GLN D 245 2.37 19.64 20.71
C GLN D 245 1.44 19.02 19.65
N VAL D 246 1.96 18.17 18.77
CA VAL D 246 1.17 17.52 17.71
C VAL D 246 2.06 16.49 16.98
N PRO D 247 1.56 15.28 16.68
CA PRO D 247 2.38 14.30 15.93
C PRO D 247 3.03 14.96 14.70
N VAL D 248 4.30 14.70 14.43
CA VAL D 248 4.92 15.30 13.26
C VAL D 248 5.16 14.21 12.22
N GLU D 249 4.79 14.50 10.98
CA GLU D 249 4.92 13.53 9.90
C GLU D 249 5.87 14.14 8.88
N ASP D 250 5.64 15.43 8.60
CA ASP D 250 6.39 16.16 7.60
C ASP D 250 6.29 17.68 7.76
N VAL D 251 7.33 18.25 8.30
CA VAL D 251 7.37 19.67 8.51
C VAL D 251 7.23 20.48 7.23
N THR D 252 7.60 19.90 6.10
CA THR D 252 7.68 20.74 4.92
C THR D 252 6.28 21.17 4.52
N GLY D 253 6.19 22.42 4.12
CA GLY D 253 4.89 23.04 3.95
C GLY D 253 4.44 23.98 5.08
N ALA D 254 4.97 23.81 6.30
CA ALA D 254 4.39 24.49 7.47
C ALA D 254 4.61 26.01 7.53
N GLY D 255 5.83 26.47 7.30
CA GLY D 255 6.12 27.87 7.06
C GLY D 255 5.16 28.56 6.10
N ASP D 256 4.84 27.89 5.00
CA ASP D 256 3.90 28.49 4.04
C ASP D 256 2.49 28.52 4.55
N ALA D 257 2.08 27.46 5.21
CA ALA D 257 0.75 27.47 5.82
C ALA D 257 0.56 28.71 6.71
N LEU D 258 1.52 29.00 7.59
CA LEU D 258 1.47 30.19 8.46
C LEU D 258 1.43 31.50 7.66
N GLY D 259 2.44 31.70 6.81
CA GLY D 259 2.53 32.86 5.92
C GLY D 259 1.29 33.20 5.12
N GLY D 260 0.88 32.26 4.27
CA GLY D 260 -0.30 32.40 3.42
C GLY D 260 -1.59 32.66 4.18
N THR D 261 -1.78 31.91 5.26
CA THR D 261 -2.93 32.04 6.16
C THR D 261 -2.94 33.39 6.90
N PHE D 262 -1.78 33.78 7.41
CA PHE D 262 -1.65 35.06 8.07
C PHE D 262 -1.90 36.18 7.09
N LEU D 263 -1.37 36.08 5.88
CA LEU D 263 -1.62 37.13 4.90
C LEU D 263 -3.08 37.24 4.61
N SER D 264 -3.73 36.11 4.33
CA SER D 264 -5.13 36.13 3.88
C SER D 264 -6.07 36.75 4.88
N LEU D 265 -5.91 36.35 6.14
CA LEU D 265 -6.77 36.83 7.21
C LEU D 265 -6.61 38.31 7.42
N TYR D 266 -5.38 38.82 7.35
CA TYR D 266 -5.16 40.25 7.41
C TYR D 266 -6.15 40.91 6.42
N TYR D 267 -6.09 40.50 5.17
CA TYR D 267 -6.87 41.16 4.16
C TYR D 267 -8.30 40.88 4.43
N LYS D 268 -8.55 39.82 5.19
CA LYS D 268 -9.91 39.48 5.56
C LYS D 268 -10.47 40.35 6.68
N GLY D 269 -9.65 41.26 7.20
CA GLY D 269 -10.06 42.16 8.26
C GLY D 269 -9.60 41.83 9.67
N PHE D 270 -9.25 40.56 9.92
CA PHE D 270 -8.85 40.11 11.26
C PHE D 270 -7.88 41.06 11.97
N GLU D 271 -8.25 41.39 13.20
CA GLU D 271 -7.32 41.90 14.19
C GLU D 271 -6.03 41.02 14.18
N MET D 272 -4.88 41.69 14.24
CA MET D 272 -3.56 41.06 14.00
C MET D 272 -3.19 39.81 14.83
N GLU D 273 -3.34 39.90 16.15
CA GLU D 273 -3.13 38.78 17.08
C GLU D 273 -3.92 37.53 16.65
N LYS D 274 -5.19 37.75 16.36
CA LYS D 274 -6.09 36.69 15.92
C LYS D 274 -5.61 36.12 14.60
N ALA D 275 -5.28 37.02 13.67
CA ALA D 275 -4.74 36.62 12.40
C ALA D 275 -3.50 35.72 12.55
N LEU D 276 -2.66 35.98 13.53
CA LEU D 276 -1.49 35.16 13.74
C LEU D 276 -1.81 33.93 14.56
N ASP D 277 -2.81 34.02 15.44
CA ASP D 277 -3.28 32.86 16.21
C ASP D 277 -3.74 31.81 15.16
N TYR D 278 -4.57 32.23 14.20
CA TYR D 278 -5.16 31.29 13.24
C TYR D 278 -4.06 30.69 12.36
N ALA D 279 -3.19 31.55 11.83
CA ALA D 279 -2.01 31.09 11.11
C ALA D 279 -1.26 29.94 11.81
N ILE D 280 -1.16 30.00 13.14
CA ILE D 280 -0.45 28.94 13.85
C ILE D 280 -1.15 27.62 13.65
N VAL D 281 -2.47 27.62 13.68
CA VAL D 281 -3.13 26.35 13.63
C VAL D 281 -3.02 25.79 12.21
N ALA D 282 -3.05 26.67 11.22
CA ALA D 282 -2.81 26.26 9.84
C ALA D 282 -1.48 25.53 9.74
N SER D 283 -0.48 26.12 10.39
CA SER D 283 0.90 25.68 10.28
C SER D 283 1.08 24.49 11.17
N THR D 284 0.22 24.37 12.20
CA THR D 284 0.31 23.16 13.02
C THR D 284 -0.45 21.96 12.48
N LEU D 285 -1.58 22.17 11.82
CA LEU D 285 -2.18 21.05 11.12
C LEU D 285 -1.24 20.52 10.00
N ASN D 286 -0.66 21.43 9.22
CA ASN D 286 0.18 21.03 8.07
C ASN D 286 1.21 19.92 8.40
N VAL D 287 1.94 20.15 9.46
CA VAL D 287 3.03 19.36 9.90
C VAL D 287 2.68 17.89 10.06
N MET D 288 1.41 17.56 10.37
CA MET D 288 1.09 16.15 10.60
C MET D 288 0.69 15.31 9.39
N ILE D 289 1.06 15.71 8.18
CA ILE D 289 0.81 14.92 6.95
C ILE D 289 1.88 15.12 5.88
N ARG D 290 2.13 14.09 5.09
CA ARG D 290 2.88 14.26 3.87
C ARG D 290 2.05 15.08 2.87
N GLY D 291 2.58 16.14 2.28
CA GLY D 291 1.74 16.94 1.42
C GLY D 291 1.60 18.34 2.02
N ASP D 292 2.18 19.32 1.34
CA ASP D 292 2.11 20.72 1.70
C ASP D 292 0.73 21.37 1.66
N GLN D 293 -0.17 20.86 0.81
CA GLN D 293 -1.42 21.57 0.56
C GLN D 293 -2.67 20.85 1.05
N GLU D 294 -2.65 19.54 0.98
CA GLU D 294 -3.86 18.81 1.25
C GLU D 294 -4.52 19.01 2.64
N ASN D 295 -3.72 19.30 3.69
CA ASN D 295 -4.20 19.71 5.05
C ASN D 295 -4.53 21.18 5.27
N LEU D 296 -4.43 22.02 4.23
CA LEU D 296 -4.59 23.45 4.46
C LEU D 296 -6.00 23.80 4.97
N PRO D 297 -6.10 24.35 6.17
CA PRO D 297 -7.40 24.60 6.77
C PRO D 297 -8.13 25.85 6.25
N THR D 298 -9.43 25.73 6.37
CA THR D 298 -10.40 26.75 6.12
C THR D 298 -10.56 27.64 7.39
N THR D 299 -11.04 28.87 7.23
CA THR D 299 -11.37 29.65 8.44
C THR D 299 -12.27 28.85 9.39
N LYS D 300 -13.36 28.31 8.86
CA LYS D 300 -14.27 27.57 9.72
C LYS D 300 -13.49 26.44 10.39
N ASP D 301 -12.59 25.81 9.65
CA ASP D 301 -11.81 24.66 10.19
C ASP D 301 -10.89 25.09 11.31
N ILE D 302 -10.28 26.27 11.14
CA ILE D 302 -9.42 26.80 12.17
C ILE D 302 -10.22 27.08 13.42
N GLU D 303 -11.45 27.54 13.28
CA GLU D 303 -12.22 27.90 14.46
C GLU D 303 -12.71 26.66 15.19
N THR D 304 -13.02 25.61 14.43
CA THR D 304 -13.28 24.31 15.03
C THR D 304 -12.09 23.84 15.87
N PHE D 305 -10.88 23.93 15.33
CA PHE D 305 -9.65 23.67 16.10
C PHE D 305 -9.66 24.49 17.40
N LEU D 306 -9.98 25.78 17.28
CA LEU D 306 -9.88 26.71 18.41
C LEU D 306 -10.95 26.48 19.45
N ARG D 307 -12.20 26.26 19.01
CA ARG D 307 -13.29 25.83 19.89
C ARG D 307 -12.92 24.54 20.61
N GLU D 308 -12.47 23.53 19.87
CA GLU D 308 -12.27 22.20 20.44
C GLU D 308 -10.85 21.99 20.91
N MET D 309 -10.27 23.05 21.47
CA MET D 309 -9.09 23.01 22.32
C MET D 309 -9.49 23.84 23.55
N LYS D 310 -10.80 23.96 23.75
CA LYS D 310 -11.44 24.85 24.77
C LYS D 310 -10.93 26.34 24.66
N ALA E 2 -16.57 24.93 -28.88
CA ALA E 2 -17.97 24.44 -28.84
C ALA E 2 -18.31 24.07 -27.39
N LYS E 3 -19.47 24.50 -26.94
CA LYS E 3 -19.79 24.36 -25.51
C LYS E 3 -20.77 23.18 -25.25
N LEU E 4 -20.33 22.26 -24.39
CA LEU E 4 -21.21 21.18 -23.96
C LEU E 4 -21.66 21.47 -22.54
N ILE E 5 -22.97 21.34 -22.32
CA ILE E 5 -23.58 21.40 -21.02
C ILE E 5 -24.26 20.04 -20.79
N THR E 6 -23.95 19.46 -19.65
CA THR E 6 -24.58 18.25 -19.23
C THR E 6 -25.15 18.51 -17.87
N LEU E 7 -25.91 17.55 -17.41
CA LEU E 7 -26.89 17.73 -16.36
C LEU E 7 -27.04 16.31 -15.85
N GLY E 8 -26.68 16.09 -14.60
CA GLY E 8 -26.70 14.74 -14.08
C GLY E 8 -26.27 14.77 -12.64
N GLU E 9 -26.09 13.60 -12.03
CA GLU E 9 -25.52 13.56 -10.71
C GLU E 9 -24.03 13.12 -10.76
N ILE E 10 -23.16 13.77 -10.00
CA ILE E 10 -21.78 13.36 -9.93
C ILE E 10 -21.66 12.43 -8.77
N LEU E 11 -20.92 11.35 -8.92
CA LEU E 11 -20.79 10.47 -7.77
C LEU E 11 -19.35 10.26 -7.33
N ILE E 12 -19.18 10.05 -6.04
CA ILE E 12 -17.88 9.65 -5.58
C ILE E 12 -17.81 8.16 -5.67
N GLU E 13 -16.77 7.70 -6.33
CA GLU E 13 -16.50 6.29 -6.57
C GLU E 13 -15.56 5.68 -5.51
N PHE E 14 -15.97 4.51 -5.02
CA PHE E 14 -15.09 3.73 -4.13
C PHE E 14 -14.87 2.39 -4.79
N ASN E 15 -13.69 2.28 -5.40
CA ASN E 15 -13.34 1.18 -6.24
C ASN E 15 -12.56 0.24 -5.37
N ALA E 16 -13.00 -1.02 -5.30
CA ALA E 16 -12.20 -2.10 -4.69
C ALA E 16 -10.75 -2.18 -5.24
N LEU E 17 -9.77 -2.35 -4.34
CA LEU E 17 -8.35 -2.41 -4.71
C LEU E 17 -7.99 -3.80 -5.16
N SER E 18 -8.90 -4.74 -4.92
CA SER E 18 -8.69 -6.13 -5.29
C SER E 18 -10.00 -6.75 -5.79
N PRO E 19 -9.91 -7.69 -6.75
CA PRO E 19 -11.12 -8.32 -7.30
C PRO E 19 -11.79 -9.02 -6.17
N GLY E 20 -12.91 -9.65 -6.41
CA GLY E 20 -13.47 -10.41 -5.32
C GLY E 20 -14.65 -9.76 -4.60
N PRO E 21 -15.39 -10.59 -3.87
CA PRO E 21 -16.59 -10.12 -3.18
C PRO E 21 -16.16 -9.11 -2.12
N LEU E 22 -16.83 -7.97 -2.13
CA LEU E 22 -16.60 -6.86 -1.20
C LEU E 22 -16.41 -7.24 0.28
N ARG E 23 -16.90 -8.42 0.65
CA ARG E 23 -16.88 -8.81 2.04
C ARG E 23 -15.51 -9.30 2.41
N HIS E 24 -14.68 -9.61 1.42
CA HIS E 24 -13.30 -9.89 1.72
C HIS E 24 -12.38 -8.89 1.03
N VAL E 25 -12.88 -7.66 0.80
CA VAL E 25 -12.04 -6.58 0.29
C VAL E 25 -11.82 -5.52 1.38
N SER E 26 -10.57 -5.21 1.67
CA SER E 26 -10.24 -4.31 2.77
C SER E 26 -9.85 -2.89 2.39
N TYR E 27 -9.60 -2.66 1.10
CA TYR E 27 -9.23 -1.32 0.63
C TYR E 27 -10.03 -0.83 -0.56
N PHE E 28 -10.43 0.42 -0.47
CA PHE E 28 -11.14 1.06 -1.54
C PHE E 28 -10.44 2.33 -1.95
N GLU E 29 -10.29 2.49 -3.26
CA GLU E 29 -9.67 3.64 -3.88
C GLU E 29 -10.74 4.66 -4.35
N LYS E 30 -10.56 5.93 -3.96
CA LYS E 30 -11.57 6.95 -4.26
C LYS E 30 -11.33 7.71 -5.57
N HIS E 31 -12.43 7.95 -6.29
CA HIS E 31 -12.37 8.66 -7.54
C HIS E 31 -13.68 9.40 -7.67
N VAL E 32 -13.62 10.53 -8.38
CA VAL E 32 -14.80 11.22 -8.87
C VAL E 32 -15.31 10.57 -10.18
N ALA E 33 -16.61 10.32 -10.27
CA ALA E 33 -17.24 9.83 -11.51
C ALA E 33 -18.70 10.24 -11.59
N GLY E 34 -19.51 9.39 -12.23
CA GLY E 34 -20.87 9.75 -12.64
C GLY E 34 -20.82 10.00 -14.14
N SER E 35 -21.82 9.51 -14.86
CA SER E 35 -21.78 9.49 -16.33
C SER E 35 -21.51 10.84 -17.02
N GLU E 36 -22.19 11.91 -16.60
CA GLU E 36 -22.08 13.19 -17.30
C GLU E 36 -20.80 13.88 -16.92
N ALA E 37 -20.42 13.76 -15.65
CA ALA E 37 -19.11 14.23 -15.21
C ALA E 37 -18.07 13.68 -16.16
N ASN E 38 -18.13 12.36 -16.36
CA ASN E 38 -17.23 11.63 -17.23
C ASN E 38 -17.35 12.18 -18.65
N TYR E 39 -18.58 12.34 -19.14
CA TYR E 39 -18.77 12.93 -20.48
C TYR E 39 -18.08 14.29 -20.59
N CYS E 40 -18.37 15.17 -19.63
CA CYS E 40 -17.66 16.45 -19.51
C CYS E 40 -16.15 16.38 -19.80
N VAL E 41 -15.44 15.44 -19.18
CA VAL E 41 -13.97 15.42 -19.26
C VAL E 41 -13.50 14.91 -20.62
N ALA E 42 -14.12 13.82 -21.07
CA ALA E 42 -13.83 13.32 -22.40
C ALA E 42 -14.08 14.37 -23.50
N PHE E 43 -15.05 15.25 -23.27
CA PHE E 43 -15.38 16.33 -24.18
C PHE E 43 -14.29 17.42 -24.17
N ILE E 44 -13.88 17.78 -22.97
CA ILE E 44 -12.87 18.79 -22.89
C ILE E 44 -11.50 18.29 -23.40
N LYS E 45 -11.13 17.04 -23.07
CA LYS E 45 -9.85 16.44 -23.52
C LYS E 45 -9.61 16.49 -25.04
N GLN E 46 -10.67 16.66 -25.83
CA GLN E 46 -10.55 16.96 -27.26
C GLN E 46 -10.53 18.47 -27.60
N GLY E 47 -10.53 19.35 -26.60
CA GLY E 47 -10.29 20.77 -26.86
C GLY E 47 -11.54 21.59 -27.10
N ASN E 48 -12.67 21.18 -26.54
CA ASN E 48 -13.85 22.01 -26.50
C ASN E 48 -14.14 22.32 -25.05
N GLU E 49 -15.14 23.14 -24.79
CA GLU E 49 -15.42 23.60 -23.43
C GLU E 49 -16.63 22.85 -22.89
N CYS E 50 -16.71 22.65 -21.58
CA CYS E 50 -17.87 21.95 -21.03
C CYS E 50 -18.28 22.48 -19.68
N GLY E 51 -19.58 22.38 -19.39
CA GLY E 51 -20.13 22.75 -18.11
C GLY E 51 -21.05 21.66 -17.64
N ILE E 52 -21.32 21.65 -16.34
CA ILE E 52 -22.14 20.63 -15.74
C ILE E 52 -23.08 21.27 -14.72
N ILE E 53 -24.36 20.92 -14.83
CA ILE E 53 -25.38 21.38 -13.89
C ILE E 53 -25.68 20.22 -12.94
N ALA E 54 -25.08 20.24 -11.76
CA ALA E 54 -25.28 19.13 -10.83
C ALA E 54 -25.30 19.70 -9.43
N LYS E 55 -25.76 18.88 -8.50
CA LYS E 55 -25.94 19.32 -7.14
C LYS E 55 -25.20 18.36 -6.24
N VAL E 56 -24.33 18.94 -5.41
CA VAL E 56 -23.53 18.18 -4.42
C VAL E 56 -23.89 18.53 -2.97
N GLY E 57 -23.47 17.69 -2.03
CA GLY E 57 -23.67 17.97 -0.62
C GLY E 57 -22.73 19.04 -0.08
N ASP E 58 -23.06 19.61 1.06
CA ASP E 58 -22.15 20.54 1.71
C ASP E 58 -21.25 19.72 2.61
N ASP E 59 -20.38 18.93 1.98
CA ASP E 59 -19.57 17.97 2.72
C ASP E 59 -18.21 17.73 2.00
N GLU E 60 -17.39 16.83 2.56
CA GLU E 60 -16.10 16.51 1.93
C GLU E 60 -16.28 15.88 0.54
N PHE E 61 -17.21 14.96 0.41
CA PHE E 61 -17.42 14.39 -0.90
C PHE E 61 -17.83 15.41 -1.95
N GLY E 62 -18.70 16.36 -1.61
CA GLY E 62 -19.18 17.34 -2.58
C GLY E 62 -18.09 18.24 -3.13
N TYR E 63 -17.34 18.82 -2.20
CA TYR E 63 -16.17 19.61 -2.49
C TYR E 63 -15.14 18.81 -3.29
N ASN E 64 -15.05 17.51 -3.00
CA ASN E 64 -14.22 16.64 -3.83
C ASN E 64 -14.65 16.69 -5.29
N ALA E 65 -15.95 16.53 -5.56
CA ALA E 65 -16.48 16.65 -6.93
C ALA E 65 -16.05 17.97 -7.57
N ILE E 66 -16.34 19.09 -6.88
CA ILE E 66 -16.06 20.44 -7.39
C ILE E 66 -14.59 20.61 -7.69
N GLU E 67 -13.75 20.38 -6.69
CA GLU E 67 -12.31 20.51 -6.90
C GLU E 67 -11.79 19.71 -8.16
N TRP E 68 -12.21 18.45 -8.28
CA TRP E 68 -11.66 17.55 -9.28
C TRP E 68 -12.03 18.03 -10.66
N LEU E 69 -13.33 18.27 -10.85
CA LEU E 69 -13.82 18.77 -12.12
C LEU E 69 -13.23 20.12 -12.44
N ARG E 70 -13.11 20.97 -11.46
CA ARG E 70 -12.59 22.30 -11.76
C ARG E 70 -11.12 22.22 -12.21
N GLY E 71 -10.33 21.34 -11.59
CA GLY E 71 -8.99 21.07 -12.06
C GLY E 71 -8.93 20.53 -13.49
N GLN E 72 -10.01 19.82 -13.89
CA GLN E 72 -10.11 19.22 -15.23
C GLN E 72 -10.37 20.23 -16.34
N GLY E 73 -10.92 21.40 -15.93
CA GLY E 73 -11.26 22.49 -16.83
C GLY E 73 -12.75 22.73 -17.06
N VAL E 74 -13.60 21.92 -16.40
CA VAL E 74 -15.06 21.99 -16.49
C VAL E 74 -15.54 23.23 -15.80
N ASP E 75 -16.47 23.92 -16.44
CA ASP E 75 -17.22 25.00 -15.81
C ASP E 75 -18.05 24.42 -14.65
N VAL E 76 -17.78 24.83 -13.42
CA VAL E 76 -18.48 24.32 -12.24
C VAL E 76 -19.22 25.46 -11.58
N SER E 77 -19.21 26.59 -12.28
CA SER E 77 -19.86 27.79 -11.77
C SER E 77 -21.39 27.68 -11.74
N HIS E 78 -21.99 26.68 -12.37
CA HIS E 78 -23.43 26.48 -12.23
C HIS E 78 -23.80 25.24 -11.47
N MET E 79 -22.93 24.81 -10.56
CA MET E 79 -23.27 23.72 -9.65
C MET E 79 -23.94 24.23 -8.41
N LYS E 80 -24.58 23.33 -7.68
CA LYS E 80 -25.32 23.69 -6.48
C LYS E 80 -24.85 22.86 -5.29
N ILE E 81 -24.82 23.51 -4.13
CA ILE E 81 -24.38 22.88 -2.90
C ILE E 81 -25.57 22.83 -1.95
N ASP E 82 -26.18 21.65 -1.85
CA ASP E 82 -27.32 21.40 -0.98
C ASP E 82 -26.87 20.89 0.38
N PRO E 83 -27.07 21.70 1.45
CA PRO E 83 -26.68 21.32 2.83
C PRO E 83 -27.54 20.31 3.57
N SER E 84 -28.61 19.81 2.99
CA SER E 84 -29.45 18.94 3.80
C SER E 84 -29.44 17.51 3.24
N ALA E 85 -28.61 17.27 2.23
CA ALA E 85 -28.41 15.92 1.72
C ALA E 85 -26.95 15.68 1.31
N PRO E 86 -26.44 14.48 1.61
CA PRO E 86 -25.04 14.15 1.33
C PRO E 86 -24.83 13.92 -0.16
N THR E 87 -23.59 14.12 -0.60
CA THR E 87 -23.16 13.75 -1.94
C THR E 87 -23.37 12.24 -2.10
N GLY E 88 -24.04 11.82 -3.17
CA GLY E 88 -24.24 10.40 -3.38
C GLY E 88 -22.97 9.69 -3.78
N ILE E 89 -22.80 8.46 -3.32
CA ILE E 89 -21.61 7.67 -3.64
C ILE E 89 -22.00 6.23 -4.17
N PHE E 90 -21.00 5.41 -4.50
CA PHE E 90 -21.21 3.98 -4.74
C PHE E 90 -19.95 3.18 -4.66
N PHE E 91 -20.10 1.86 -4.58
CA PHE E 91 -18.95 0.98 -4.52
C PHE E 91 -18.89 0.10 -5.76
N ILE E 92 -17.68 -0.03 -6.33
CA ILE E 92 -17.42 -1.02 -7.35
C ILE E 92 -16.79 -2.35 -6.86
N GLN E 93 -17.55 -3.42 -7.03
CA GLN E 93 -16.99 -4.77 -6.96
C GLN E 93 -16.58 -5.17 -8.36
N ARG E 94 -15.30 -5.52 -8.53
CA ARG E 94 -14.74 -5.84 -9.83
C ARG E 94 -14.47 -7.32 -9.89
N HIS E 95 -14.88 -7.90 -11.03
CA HIS E 95 -14.55 -9.28 -11.48
C HIS E 95 -15.11 -10.43 -10.69
N TYR E 96 -16.07 -10.15 -9.82
CA TYR E 96 -16.70 -11.18 -9.02
C TYR E 96 -18.23 -10.98 -8.83
N PRO E 97 -19.05 -11.99 -9.15
CA PRO E 97 -18.63 -13.32 -9.55
C PRO E 97 -18.41 -13.54 -11.06
N VAL E 98 -18.53 -12.50 -11.87
CA VAL E 98 -18.27 -12.55 -13.31
C VAL E 98 -16.95 -11.83 -13.62
N PRO E 99 -15.96 -12.56 -14.12
CA PRO E 99 -14.70 -11.97 -14.57
C PRO E 99 -14.90 -10.89 -15.60
N LEU E 100 -14.01 -9.91 -15.59
CA LEU E 100 -13.96 -8.84 -16.57
C LEU E 100 -15.10 -7.86 -16.41
N LYS E 101 -15.98 -8.07 -15.43
CA LYS E 101 -17.12 -7.16 -15.19
C LYS E 101 -17.06 -6.47 -13.84
N SER E 102 -17.70 -5.31 -13.73
CA SER E 102 -17.67 -4.61 -12.48
C SER E 102 -19.10 -4.40 -12.07
N GLU E 103 -19.39 -4.26 -10.78
CA GLU E 103 -20.77 -4.04 -10.35
C GLU E 103 -20.78 -2.84 -9.47
N SER E 104 -21.77 -1.98 -9.68
CA SER E 104 -21.93 -0.81 -8.82
C SER E 104 -22.90 -1.11 -7.67
N ILE E 105 -22.52 -0.66 -6.47
CA ILE E 105 -23.35 -0.79 -5.26
C ILE E 105 -23.64 0.61 -4.71
N TYR E 106 -24.86 1.09 -4.96
CA TYR E 106 -25.18 2.50 -4.82
C TYR E 106 -25.61 2.87 -3.40
N TYR E 107 -25.14 4.02 -2.91
CA TYR E 107 -25.62 4.59 -1.66
C TYR E 107 -26.01 5.99 -2.04
N ARG E 108 -27.17 6.14 -2.67
CA ARG E 108 -27.54 7.39 -3.38
C ARG E 108 -28.99 7.87 -3.23
N LYS E 109 -29.89 7.04 -2.71
CA LYS E 109 -31.27 7.47 -2.46
C LYS E 109 -31.31 8.73 -1.56
N GLY E 110 -32.07 9.74 -1.98
CA GLY E 110 -32.18 10.98 -1.22
C GLY E 110 -30.96 11.92 -1.28
N SER E 111 -29.99 11.59 -2.11
CA SER E 111 -28.74 12.37 -2.21
C SER E 111 -28.94 13.81 -2.72
N ALA E 112 -28.01 14.70 -2.36
CA ALA E 112 -27.99 16.04 -2.93
C ALA E 112 -28.18 15.98 -4.44
N GLY E 113 -27.61 14.94 -5.05
CA GLY E 113 -27.54 14.78 -6.49
C GLY E 113 -28.89 14.45 -7.03
N SER E 114 -29.66 13.67 -6.27
CA SER E 114 -31.07 13.42 -6.60
C SER E 114 -31.96 14.67 -6.42
N LYS E 115 -31.44 15.70 -5.75
CA LYS E 115 -32.25 16.91 -5.50
C LYS E 115 -32.03 18.01 -6.57
N LEU E 116 -31.32 17.66 -7.66
CA LEU E 116 -31.40 18.43 -8.90
C LEU E 116 -32.87 18.76 -9.29
N SER E 117 -33.12 20.01 -9.65
CA SER E 117 -34.49 20.44 -10.01
C SER E 117 -34.45 21.52 -11.06
N PRO E 118 -35.55 21.75 -11.78
CA PRO E 118 -35.62 22.82 -12.79
C PRO E 118 -35.17 24.21 -12.29
N GLU E 119 -35.31 24.47 -10.99
CA GLU E 119 -34.89 25.77 -10.44
C GLU E 119 -33.39 25.89 -10.54
N ASP E 120 -32.70 24.75 -10.69
CA ASP E 120 -31.24 24.70 -10.75
C ASP E 120 -30.68 24.87 -12.15
N VAL E 121 -31.55 25.05 -13.13
CA VAL E 121 -31.06 25.23 -14.49
C VAL E 121 -31.48 26.58 -15.05
N ASP E 122 -30.47 27.44 -15.24
CA ASP E 122 -30.66 28.80 -15.71
C ASP E 122 -30.74 28.80 -17.22
N GLU E 123 -31.79 29.44 -17.72
CA GLU E 123 -32.00 29.62 -19.15
C GLU E 123 -30.85 30.33 -19.91
N GLU E 124 -30.21 31.33 -19.32
CA GLU E 124 -29.15 32.05 -20.06
C GLU E 124 -27.90 31.18 -20.25
N TYR E 125 -27.66 30.33 -19.26
CA TYR E 125 -26.60 29.33 -19.32
C TYR E 125 -26.82 28.35 -20.45
N VAL E 126 -27.95 27.65 -20.40
CA VAL E 126 -28.27 26.63 -21.39
C VAL E 126 -28.32 27.17 -22.82
N LYS E 127 -28.75 28.41 -22.96
CA LYS E 127 -28.89 29.06 -24.27
C LYS E 127 -27.55 29.18 -25.00
N SER E 128 -26.44 29.35 -24.27
CA SER E 128 -25.16 29.56 -24.96
C SER E 128 -24.32 28.27 -25.16
N ALA E 129 -24.96 27.12 -24.92
CA ALA E 129 -24.39 25.81 -25.19
C ALA E 129 -24.72 25.43 -26.62
N ASP E 130 -23.80 24.75 -27.29
CA ASP E 130 -24.03 24.17 -28.60
C ASP E 130 -24.69 22.81 -28.50
N LEU E 131 -24.47 22.11 -27.39
CA LEU E 131 -25.01 20.79 -27.16
C LEU E 131 -25.41 20.63 -25.70
N VAL E 132 -26.65 20.21 -25.48
CA VAL E 132 -27.08 19.92 -24.13
C VAL E 132 -27.22 18.40 -24.08
N HIS E 133 -26.54 17.78 -23.11
CA HIS E 133 -26.50 16.33 -22.99
C HIS E 133 -26.93 15.84 -21.59
N SER E 134 -27.64 14.71 -21.56
CA SER E 134 -27.95 14.00 -20.33
C SER E 134 -28.15 12.48 -20.55
N SER E 135 -28.74 11.80 -19.58
CA SER E 135 -28.87 10.35 -19.62
C SER E 135 -30.10 9.88 -18.84
N GLY E 136 -30.42 8.60 -19.02
CA GLY E 136 -31.49 7.92 -18.34
C GLY E 136 -31.14 7.63 -16.91
N ILE E 137 -29.87 7.82 -16.52
CA ILE E 137 -29.51 7.79 -15.09
C ILE E 137 -30.08 9.03 -14.46
N THR E 138 -29.88 10.17 -15.09
CA THR E 138 -30.36 11.43 -14.51
C THR E 138 -31.84 11.27 -14.40
N LEU E 139 -32.40 10.81 -15.52
CA LEU E 139 -33.82 10.57 -15.69
C LEU E 139 -34.41 9.62 -14.64
N ALA E 140 -33.60 8.69 -14.14
CA ALA E 140 -34.08 7.69 -13.18
C ALA E 140 -33.89 7.99 -11.71
N ILE E 141 -33.06 8.96 -11.36
CA ILE E 141 -32.71 9.07 -9.94
C ILE E 141 -33.85 9.63 -9.12
N SER E 142 -34.66 10.54 -9.67
CA SER E 142 -35.65 11.30 -8.91
C SER E 142 -36.59 12.07 -9.84
N SER E 143 -37.75 12.52 -9.33
CA SER E 143 -38.65 13.34 -10.15
C SER E 143 -38.06 14.70 -10.52
N THR E 144 -37.47 15.37 -9.52
CA THR E 144 -36.88 16.69 -9.69
C THR E 144 -35.77 16.62 -10.75
N ALA E 145 -34.86 15.65 -10.66
CA ALA E 145 -33.77 15.52 -11.63
C ALA E 145 -34.28 15.26 -13.03
N LYS E 146 -35.31 14.42 -13.13
CA LYS E 146 -35.94 14.12 -14.41
C LYS E 146 -36.47 15.41 -15.03
N GLU E 147 -37.26 16.15 -14.25
CA GLU E 147 -37.83 17.44 -14.62
C GLU E 147 -36.83 18.47 -15.11
N ALA E 148 -35.64 18.48 -14.49
CA ALA E 148 -34.52 19.30 -14.95
C ALA E 148 -34.16 18.94 -16.39
N VAL E 149 -33.94 17.65 -16.68
CA VAL E 149 -33.69 17.22 -18.07
C VAL E 149 -34.76 17.75 -19.00
N TYR E 150 -36.04 17.69 -18.59
CA TYR E 150 -37.12 18.36 -19.35
C TYR E 150 -36.90 19.86 -19.53
N LYS E 151 -36.73 20.63 -18.46
CA LYS E 151 -36.47 22.06 -18.62
C LYS E 151 -35.30 22.38 -19.57
N ALA E 152 -34.15 21.75 -19.32
CA ALA E 152 -32.98 21.86 -20.18
C ALA E 152 -33.27 21.64 -21.68
N PHE E 153 -34.00 20.55 -21.97
CA PHE E 153 -34.21 20.10 -23.35
C PHE E 153 -35.22 20.99 -24.08
N GLU E 154 -36.22 21.53 -23.36
CA GLU E 154 -36.99 22.64 -23.95
C GLU E 154 -36.20 23.94 -24.18
N ILE E 155 -35.10 24.16 -23.49
CA ILE E 155 -34.26 25.32 -23.81
C ILE E 155 -33.28 24.99 -24.97
N ALA E 156 -32.57 23.85 -24.83
CA ALA E 156 -31.57 23.37 -25.80
C ALA E 156 -32.04 23.52 -27.25
N SER E 157 -31.17 24.04 -28.10
CA SER E 157 -31.46 23.98 -29.54
C SER E 157 -31.07 22.58 -30.04
N ASN E 158 -29.86 22.12 -29.69
CA ASN E 158 -29.46 20.74 -29.91
C ASN E 158 -29.26 19.94 -28.65
N ARG E 159 -29.72 18.67 -28.73
CA ARG E 159 -29.70 17.71 -27.63
C ARG E 159 -28.89 16.44 -27.93
N SER E 160 -28.30 15.89 -26.87
CA SER E 160 -27.65 14.59 -26.95
C SER E 160 -28.18 13.76 -25.82
N PHE E 161 -28.33 12.48 -26.05
CA PHE E 161 -28.85 11.62 -24.96
C PHE E 161 -28.20 10.24 -24.90
N ASP E 162 -27.88 9.79 -23.68
CA ASP E 162 -27.30 8.47 -23.45
C ASP E 162 -28.25 7.60 -22.65
N THR E 163 -28.81 6.59 -23.30
CA THR E 163 -29.87 5.82 -22.65
C THR E 163 -29.45 5.38 -21.26
N ASN E 164 -28.26 4.76 -21.19
CA ASN E 164 -27.67 4.36 -19.94
C ASN E 164 -28.68 3.77 -18.93
N ILE E 165 -29.30 2.65 -19.26
CA ILE E 165 -30.32 2.05 -18.37
C ILE E 165 -29.64 1.38 -17.19
N ARG E 166 -30.08 1.70 -15.97
CA ARG E 166 -29.57 1.01 -14.78
C ARG E 166 -30.70 0.36 -13.99
N LEU E 167 -30.79 -0.97 -14.07
CA LEU E 167 -31.87 -1.73 -13.42
C LEU E 167 -31.97 -1.65 -11.87
N LYS E 168 -30.86 -1.40 -11.19
CA LYS E 168 -30.89 -1.20 -9.76
C LYS E 168 -31.57 0.12 -9.42
N LEU E 169 -31.67 1.05 -10.39
CA LEU E 169 -32.31 2.39 -10.20
C LEU E 169 -33.83 2.45 -10.52
N TRP E 170 -34.27 1.58 -11.43
CA TRP E 170 -35.66 1.45 -11.86
C TRP E 170 -35.82 0.19 -12.70
N SER E 171 -37.08 -0.24 -12.84
CA SER E 171 -37.45 -1.43 -13.60
C SER E 171 -37.32 -1.16 -15.07
N ALA E 172 -37.10 -2.24 -15.81
CA ALA E 172 -37.01 -2.23 -17.28
C ALA E 172 -38.23 -1.56 -17.92
N GLU E 173 -39.42 -1.88 -17.42
CA GLU E 173 -40.64 -1.29 -17.98
C GLU E 173 -40.63 0.23 -17.83
N GLU E 174 -40.26 0.72 -16.63
CA GLU E 174 -40.18 2.15 -16.35
C GLU E 174 -39.17 2.80 -17.29
N ALA E 175 -37.95 2.25 -17.33
CA ALA E 175 -36.91 2.77 -18.20
C ALA E 175 -37.39 2.95 -19.64
N LYS E 176 -38.05 1.90 -20.17
CA LYS E 176 -38.69 1.88 -21.49
C LYS E 176 -39.73 2.96 -21.66
N ARG E 177 -40.63 3.08 -20.68
CA ARG E 177 -41.64 4.11 -20.75
C ARG E 177 -40.95 5.47 -20.77
N GLU E 178 -40.19 5.76 -19.73
CA GLU E 178 -39.61 7.09 -19.59
C GLU E 178 -38.64 7.50 -20.71
N ILE E 179 -37.80 6.60 -21.22
CA ILE E 179 -36.94 6.99 -22.36
C ILE E 179 -37.73 7.20 -23.64
N LEU E 180 -38.78 6.39 -23.85
CA LEU E 180 -39.66 6.57 -24.99
C LEU E 180 -40.35 7.93 -24.87
N LYS E 181 -40.90 8.21 -23.70
CA LYS E 181 -41.60 9.46 -23.47
C LYS E 181 -40.73 10.63 -23.88
N LEU E 182 -39.47 10.60 -23.44
CA LEU E 182 -38.46 11.67 -23.66
C LEU E 182 -37.98 11.81 -25.12
N LEU E 183 -37.89 10.70 -25.87
CA LEU E 183 -37.50 10.71 -27.30
C LEU E 183 -38.59 11.20 -28.30
N SER E 184 -39.85 10.97 -28.00
CA SER E 184 -40.98 11.60 -28.68
C SER E 184 -41.00 12.91 -28.02
N LYS E 185 -41.28 14.01 -28.71
CA LYS E 185 -40.84 15.34 -28.16
C LYS E 185 -39.35 15.33 -27.80
N PHE E 186 -38.64 16.39 -28.16
CA PHE E 186 -37.15 16.39 -28.07
C PHE E 186 -36.52 15.51 -29.12
N HIS E 187 -36.32 16.08 -30.30
CA HIS E 187 -35.56 15.46 -31.35
C HIS E 187 -34.11 15.53 -30.90
N LEU E 188 -33.37 14.46 -31.18
CA LEU E 188 -31.98 14.35 -30.75
C LEU E 188 -31.01 14.51 -31.91
N LYS E 189 -30.02 15.39 -31.74
CA LYS E 189 -28.90 15.32 -32.65
C LYS E 189 -28.11 14.04 -32.43
N PHE E 190 -27.97 13.63 -31.17
CA PHE E 190 -27.24 12.42 -30.80
C PHE E 190 -28.01 11.46 -29.86
N LEU E 191 -28.01 10.16 -30.22
CA LEU E 191 -28.38 9.10 -29.29
C LEU E 191 -27.19 8.14 -29.04
N ILE E 192 -26.72 8.08 -27.79
CA ILE E 192 -25.73 7.08 -27.41
C ILE E 192 -26.51 5.98 -26.72
N THR E 193 -26.31 4.73 -27.14
CA THR E 193 -27.02 3.57 -26.56
C THR E 193 -26.26 2.22 -26.73
N ASP E 194 -26.90 1.14 -26.31
CA ASP E 194 -26.37 -0.14 -26.69
C ASP E 194 -27.42 -1.18 -26.90
N THR E 195 -26.93 -2.34 -27.34
CA THR E 195 -27.65 -3.57 -27.58
C THR E 195 -28.54 -3.98 -26.41
N ASP E 196 -28.05 -3.81 -25.18
CA ASP E 196 -28.86 -4.17 -24.01
C ASP E 196 -30.02 -3.18 -23.77
N ASP E 197 -29.77 -1.92 -24.08
CA ASP E 197 -30.76 -0.89 -23.83
C ASP E 197 -31.77 -0.94 -24.93
N SER E 198 -31.25 -1.14 -26.14
CA SER E 198 -32.08 -1.36 -27.32
C SER E 198 -33.12 -2.48 -27.11
N LYS E 199 -32.75 -3.55 -26.41
CA LYS E 199 -33.66 -4.66 -26.11
C LYS E 199 -34.75 -4.16 -25.19
N ILE E 200 -34.34 -3.50 -24.10
CA ILE E 200 -35.27 -2.91 -23.12
C ILE E 200 -36.23 -1.87 -23.73
N ILE E 201 -35.71 -0.98 -24.58
CA ILE E 201 -36.52 0.12 -25.09
C ILE E 201 -37.39 -0.34 -26.26
N LEU E 202 -36.81 -1.16 -27.16
CA LEU E 202 -37.34 -1.36 -28.49
C LEU E 202 -37.84 -2.74 -28.79
N GLY E 203 -37.58 -3.70 -27.92
CA GLY E 203 -37.86 -5.09 -28.25
C GLY E 203 -36.70 -5.70 -29.03
N GLU E 204 -36.11 -4.91 -29.95
CA GLU E 204 -34.97 -5.30 -30.81
C GLU E 204 -33.57 -5.26 -30.18
N SER E 205 -32.77 -6.32 -30.34
CA SER E 205 -31.38 -6.33 -29.87
C SER E 205 -30.34 -6.25 -31.02
N ASP E 206 -30.83 -6.37 -32.24
CA ASP E 206 -30.02 -6.19 -33.44
C ASP E 206 -29.62 -4.71 -33.55
N PRO E 207 -28.36 -4.44 -33.81
CA PRO E 207 -27.93 -3.05 -33.85
C PRO E 207 -28.60 -2.30 -35.04
N ASP E 208 -28.64 -2.89 -36.23
CA ASP E 208 -29.24 -2.28 -37.43
C ASP E 208 -30.74 -1.99 -37.32
N LYS E 209 -31.49 -2.97 -36.81
CA LYS E 209 -32.93 -2.85 -36.62
C LYS E 209 -33.33 -1.96 -35.47
N ALA E 210 -32.41 -1.76 -34.52
CA ALA E 210 -32.67 -0.87 -33.37
C ALA E 210 -32.37 0.56 -33.77
N ALA E 211 -31.27 0.71 -34.49
CA ALA E 211 -30.90 2.00 -35.06
C ALA E 211 -32.02 2.54 -35.94
N LYS E 212 -32.61 1.62 -36.72
CA LYS E 212 -33.71 1.94 -37.62
C LYS E 212 -34.87 2.42 -36.75
N ALA E 213 -35.18 1.67 -35.70
CA ALA E 213 -36.25 2.06 -34.79
C ALA E 213 -36.01 3.42 -34.10
N PHE E 214 -34.74 3.78 -33.89
CA PHE E 214 -34.32 5.04 -33.21
C PHE E 214 -34.16 6.30 -34.08
N SER E 215 -34.13 6.14 -35.41
CA SER E 215 -33.83 7.30 -36.29
C SER E 215 -34.95 8.35 -36.45
N ASP E 216 -36.16 7.99 -36.05
CA ASP E 216 -37.28 8.92 -35.94
C ASP E 216 -36.92 9.96 -34.90
N TYR E 217 -36.11 9.58 -33.91
CA TYR E 217 -35.81 10.46 -32.79
C TYR E 217 -34.46 11.18 -32.93
N ALA E 218 -33.50 10.50 -33.54
CA ALA E 218 -32.12 10.96 -33.48
C ALA E 218 -31.42 11.02 -34.86
N GLU E 219 -30.65 12.07 -35.09
CA GLU E 219 -29.93 12.26 -36.36
C GLU E 219 -28.70 11.35 -36.51
N ILE E 220 -27.83 11.34 -35.48
CA ILE E 220 -26.69 10.43 -35.40
C ILE E 220 -26.97 9.44 -34.29
N ILE E 221 -26.68 8.16 -34.49
CA ILE E 221 -26.85 7.15 -33.46
C ILE E 221 -25.58 6.34 -33.26
N VAL E 222 -25.17 6.14 -32.01
CA VAL E 222 -23.94 5.38 -31.68
C VAL E 222 -24.33 4.13 -30.89
N MET E 223 -24.05 2.97 -31.45
CA MET E 223 -24.33 1.73 -30.75
C MET E 223 -23.09 1.18 -30.09
N LYS E 224 -22.96 1.33 -28.77
CA LYS E 224 -21.79 0.76 -28.07
C LYS E 224 -21.94 -0.77 -28.12
N LEU E 225 -20.85 -1.44 -28.45
CA LEU E 225 -20.88 -2.90 -28.51
C LEU E 225 -19.95 -3.48 -27.43
N GLY E 226 -19.77 -2.71 -26.34
CA GLY E 226 -18.73 -2.97 -25.36
C GLY E 226 -17.44 -3.41 -26.05
N PRO E 227 -16.99 -4.67 -25.83
CA PRO E 227 -15.68 -5.10 -26.37
C PRO E 227 -15.61 -5.24 -27.91
N LYS E 228 -16.74 -5.22 -28.62
CA LYS E 228 -16.66 -5.56 -30.04
C LYS E 228 -16.45 -4.31 -30.88
N GLY E 229 -16.49 -3.14 -30.24
CA GLY E 229 -16.36 -1.88 -30.95
C GLY E 229 -17.59 -1.01 -30.83
N ALA E 230 -17.98 -0.36 -31.90
CA ALA E 230 -19.26 0.33 -31.91
C ALA E 230 -19.72 0.53 -33.33
N ILE E 231 -20.99 0.84 -33.51
CA ILE E 231 -21.44 1.25 -34.82
C ILE E 231 -21.97 2.64 -34.68
N VAL E 232 -21.68 3.49 -35.67
CA VAL E 232 -22.38 4.76 -35.86
C VAL E 232 -23.29 4.75 -37.11
N TYR E 233 -24.53 5.20 -36.88
CA TYR E 233 -25.54 5.39 -37.92
C TYR E 233 -25.84 6.86 -38.09
N TYR E 234 -25.79 7.30 -39.35
CA TYR E 234 -26.08 8.67 -39.72
C TYR E 234 -26.38 8.76 -41.25
N ASP E 235 -27.31 9.66 -41.61
CA ASP E 235 -27.83 9.84 -42.98
C ASP E 235 -27.62 8.65 -43.96
N GLY E 236 -28.27 7.54 -43.65
CA GLY E 236 -28.24 6.39 -44.56
C GLY E 236 -27.01 5.54 -44.41
N LYS E 237 -25.87 6.21 -44.18
CA LYS E 237 -24.61 5.52 -43.87
C LYS E 237 -24.70 4.65 -42.59
N LYS E 238 -23.80 3.69 -42.47
CA LYS E 238 -23.64 2.89 -41.25
C LYS E 238 -22.15 2.56 -41.22
N TYR E 239 -21.54 2.50 -40.05
CA TYR E 239 -20.12 2.22 -40.00
C TYR E 239 -19.73 1.54 -38.72
N TYR E 240 -19.04 0.42 -38.84
CA TYR E 240 -18.68 -0.36 -37.66
C TYR E 240 -17.19 -0.26 -37.37
N SER E 241 -16.82 0.13 -36.16
CA SER E 241 -15.42 0.25 -35.82
C SER E 241 -15.12 -0.70 -34.66
N SER E 242 -14.13 -1.57 -34.84
CA SER E 242 -13.95 -2.68 -33.95
C SER E 242 -13.00 -2.34 -32.81
N GLY E 243 -12.87 -3.24 -31.84
CA GLY E 243 -12.19 -2.91 -30.61
C GLY E 243 -10.87 -3.59 -30.43
N TYR E 244 -10.32 -3.49 -29.23
CA TYR E 244 -8.95 -3.89 -29.01
C TYR E 244 -8.79 -4.87 -27.84
N GLN E 245 -7.87 -5.83 -28.02
CA GLN E 245 -7.59 -6.83 -26.98
C GLN E 245 -6.62 -6.18 -26.00
N VAL E 246 -7.06 -5.96 -24.76
CA VAL E 246 -6.33 -5.19 -23.76
C VAL E 246 -6.63 -5.69 -22.32
N PRO E 247 -5.70 -5.58 -21.37
CA PRO E 247 -5.98 -5.95 -19.97
C PRO E 247 -7.16 -5.17 -19.36
N VAL E 248 -7.99 -5.83 -18.55
CA VAL E 248 -9.17 -5.13 -18.03
C VAL E 248 -9.03 -5.00 -16.53
N GLU E 249 -8.83 -3.77 -16.08
CA GLU E 249 -8.86 -3.48 -14.65
C GLU E 249 -10.30 -3.13 -14.20
N ASP E 250 -10.89 -2.16 -14.89
CA ASP E 250 -12.20 -1.63 -14.53
C ASP E 250 -12.94 -1.00 -15.71
N VAL E 251 -13.90 -1.75 -16.16
CA VAL E 251 -14.71 -1.47 -17.33
C VAL E 251 -15.65 -0.25 -17.09
N THR E 252 -15.85 0.15 -15.85
CA THR E 252 -16.86 1.17 -15.61
C THR E 252 -16.30 2.51 -15.98
N GLY E 253 -17.12 3.34 -16.64
CA GLY E 253 -16.66 4.56 -17.29
C GLY E 253 -16.26 4.50 -18.77
N ALA E 254 -16.04 3.31 -19.33
CA ALA E 254 -15.63 3.18 -20.73
C ALA E 254 -16.65 3.79 -21.71
N GLY E 255 -17.93 3.50 -21.47
CA GLY E 255 -19.02 4.03 -22.29
C GLY E 255 -19.06 5.55 -22.38
N ASP E 256 -18.89 6.26 -21.27
CA ASP E 256 -18.89 7.71 -21.31
C ASP E 256 -17.68 8.17 -22.06
N ALA E 257 -16.56 7.49 -21.85
CA ALA E 257 -15.33 7.88 -22.53
C ALA E 257 -15.52 7.92 -24.04
N LEU E 258 -16.23 6.94 -24.57
CA LEU E 258 -16.60 6.82 -25.98
C LEU E 258 -17.57 7.90 -26.46
N GLY E 259 -18.72 8.02 -25.83
CA GLY E 259 -19.68 9.08 -26.18
C GLY E 259 -19.16 10.51 -26.14
N GLY E 260 -18.45 10.81 -25.05
CA GLY E 260 -17.82 12.12 -24.84
C GLY E 260 -16.69 12.45 -25.77
N THR E 261 -15.85 11.48 -26.08
CA THR E 261 -14.79 11.71 -27.03
C THR E 261 -15.45 11.88 -28.36
N PHE E 262 -16.40 11.00 -28.68
CA PHE E 262 -17.08 11.10 -29.96
C PHE E 262 -17.79 12.47 -30.21
N LEU E 263 -18.59 12.95 -29.23
CA LEU E 263 -19.26 14.25 -29.36
C LEU E 263 -18.23 15.34 -29.59
N SER E 264 -17.12 15.28 -28.85
CA SER E 264 -16.18 16.38 -28.90
C SER E 264 -15.54 16.48 -30.29
N LEU E 265 -15.13 15.34 -30.86
CA LEU E 265 -14.44 15.36 -32.12
C LEU E 265 -15.38 15.70 -33.28
N TYR E 266 -16.65 15.38 -33.14
CA TYR E 266 -17.60 15.85 -34.12
C TYR E 266 -17.52 17.38 -34.24
N TYR E 267 -17.44 18.10 -33.12
CA TYR E 267 -17.35 19.57 -33.20
C TYR E 267 -15.96 20.06 -33.60
N LYS E 268 -14.92 19.25 -33.44
CA LYS E 268 -13.64 19.57 -34.03
C LYS E 268 -13.69 19.32 -35.56
N GLY E 269 -14.86 18.94 -36.09
CA GLY E 269 -15.03 18.74 -37.52
C GLY E 269 -14.49 17.44 -38.09
N PHE E 270 -14.33 16.45 -37.22
CA PHE E 270 -13.89 15.14 -37.65
C PHE E 270 -15.01 14.58 -38.49
N GLU E 271 -14.68 13.74 -39.46
CA GLU E 271 -15.65 12.89 -40.13
C GLU E 271 -16.09 11.80 -39.15
N MET E 272 -17.38 11.46 -39.25
CA MET E 272 -18.03 10.54 -38.34
C MET E 272 -17.25 9.24 -38.11
N GLU E 273 -16.67 8.68 -39.16
CA GLU E 273 -15.92 7.41 -39.07
C GLU E 273 -14.64 7.49 -38.23
N LYS E 274 -13.84 8.54 -38.51
CA LYS E 274 -12.65 8.90 -37.75
C LYS E 274 -13.01 9.27 -36.28
N ALA E 275 -14.14 9.93 -36.08
CA ALA E 275 -14.56 10.27 -34.74
C ALA E 275 -14.81 9.03 -33.88
N LEU E 276 -15.52 8.05 -34.44
CA LEU E 276 -15.79 6.85 -33.66
C LEU E 276 -14.48 6.09 -33.42
N ASP E 277 -13.66 5.93 -34.48
CA ASP E 277 -12.35 5.24 -34.44
C ASP E 277 -11.58 5.72 -33.27
N TYR E 278 -11.58 7.05 -33.14
CA TYR E 278 -10.86 7.76 -32.11
C TYR E 278 -11.41 7.52 -30.73
N ALA E 279 -12.74 7.48 -30.65
CA ALA E 279 -13.46 7.33 -29.41
C ALA E 279 -13.36 5.89 -28.90
N ILE E 280 -13.33 4.93 -29.80
CA ILE E 280 -13.15 3.56 -29.36
C ILE E 280 -11.84 3.49 -28.56
N VAL E 281 -10.84 4.29 -28.93
CA VAL E 281 -9.56 4.24 -28.22
C VAL E 281 -9.63 4.91 -26.83
N ALA E 282 -10.51 5.89 -26.64
CA ALA E 282 -10.79 6.44 -25.33
C ALA E 282 -11.45 5.39 -24.46
N SER E 283 -12.33 4.66 -25.10
CA SER E 283 -12.98 3.58 -24.45
C SER E 283 -11.98 2.53 -23.98
N THR E 284 -11.09 2.12 -24.90
CA THR E 284 -10.27 0.96 -24.62
C THR E 284 -9.26 1.32 -23.51
N LEU E 285 -8.66 2.51 -23.62
CA LEU E 285 -7.76 2.99 -22.56
C LEU E 285 -8.41 2.98 -21.16
N ASN E 286 -9.68 3.43 -21.06
CA ASN E 286 -10.44 3.47 -19.81
C ASN E 286 -10.43 2.20 -18.99
N VAL E 287 -10.80 1.14 -19.68
CA VAL E 287 -10.87 -0.21 -19.19
C VAL E 287 -9.66 -0.64 -18.39
N MET E 288 -8.52 0.00 -18.64
CA MET E 288 -7.26 -0.52 -18.09
C MET E 288 -6.86 -0.03 -16.69
N ILE E 289 -7.67 0.84 -16.10
CA ILE E 289 -7.43 1.38 -14.76
C ILE E 289 -8.71 1.44 -13.93
N ARG E 290 -8.53 1.57 -12.62
CA ARG E 290 -9.58 1.99 -11.70
C ARG E 290 -9.68 3.48 -11.83
N GLY E 291 -10.90 3.96 -12.02
CA GLY E 291 -11.09 5.37 -12.29
C GLY E 291 -11.73 5.52 -13.65
N ASP E 292 -12.75 6.37 -13.67
CA ASP E 292 -13.50 6.64 -14.88
C ASP E 292 -12.83 7.73 -15.70
N GLN E 293 -12.07 8.61 -15.04
CA GLN E 293 -11.58 9.84 -15.71
C GLN E 293 -10.07 10.00 -15.92
N GLU E 294 -9.24 9.37 -15.09
CA GLU E 294 -7.83 9.66 -15.13
C GLU E 294 -7.20 9.14 -16.41
N ASN E 295 -7.84 8.21 -17.09
CA ASN E 295 -7.26 7.65 -18.30
C ASN E 295 -7.62 8.42 -19.53
N LEU E 296 -8.51 9.42 -19.39
CA LEU E 296 -9.18 10.01 -20.54
C LEU E 296 -8.18 10.65 -21.49
N PRO E 297 -8.09 10.08 -22.68
CA PRO E 297 -7.06 10.49 -23.62
C PRO E 297 -7.34 11.82 -24.25
N THR E 298 -6.23 12.48 -24.53
CA THR E 298 -6.21 13.70 -25.30
C THR E 298 -6.23 13.30 -26.79
N THR E 299 -6.55 14.24 -27.68
CA THR E 299 -6.54 13.93 -29.11
C THR E 299 -5.15 13.47 -29.55
N LYS E 300 -4.12 14.16 -29.04
CA LYS E 300 -2.72 13.80 -29.25
C LYS E 300 -2.45 12.35 -28.87
N ASP E 301 -2.70 12.03 -27.60
CA ASP E 301 -2.58 10.70 -27.07
C ASP E 301 -3.30 9.62 -27.91
N ILE E 302 -4.45 9.96 -28.46
CA ILE E 302 -5.19 8.95 -29.21
C ILE E 302 -4.42 8.66 -30.50
N GLU E 303 -3.94 9.74 -31.11
CA GLU E 303 -3.12 9.66 -32.31
C GLU E 303 -1.83 8.85 -32.05
N THR E 304 -1.21 9.00 -30.87
CA THR E 304 -0.07 8.19 -30.51
C THR E 304 -0.47 6.74 -30.53
N PHE E 305 -1.49 6.38 -29.76
CA PHE E 305 -2.01 5.02 -29.76
C PHE E 305 -2.17 4.54 -31.20
N LEU E 306 -2.89 5.31 -32.03
CA LEU E 306 -3.20 4.92 -33.43
C LEU E 306 -1.99 4.72 -34.37
N ARG E 307 -1.06 5.67 -34.32
CA ARG E 307 0.15 5.60 -35.13
C ARG E 307 1.01 4.41 -34.68
N GLU E 308 1.10 4.19 -33.37
CA GLU E 308 1.90 3.07 -32.82
C GLU E 308 1.13 1.77 -32.85
N MET E 309 0.11 1.72 -33.70
CA MET E 309 -0.64 0.48 -34.01
C MET E 309 -0.89 0.38 -35.52
N LYS E 310 -0.03 1.06 -36.30
CA LYS E 310 -0.22 1.45 -37.73
C LYS E 310 -1.68 1.71 -38.20
N ALA F 2 -21.77 -15.27 32.19
CA ALA F 2 -22.91 -14.30 32.05
C ALA F 2 -23.35 -14.13 30.57
N LYS F 3 -24.58 -13.69 30.33
CA LYS F 3 -24.99 -13.55 28.94
C LYS F 3 -25.42 -12.15 28.70
N LEU F 4 -24.81 -11.53 27.69
CA LEU F 4 -25.15 -10.18 27.32
C LEU F 4 -25.88 -10.22 26.00
N ILE F 5 -26.93 -9.42 25.89
CA ILE F 5 -27.63 -9.22 24.62
C ILE F 5 -27.73 -7.73 24.37
N THR F 6 -27.19 -7.29 23.24
CA THR F 6 -27.29 -5.87 22.95
C THR F 6 -28.23 -5.78 21.77
N LEU F 7 -28.74 -4.59 21.52
CA LEU F 7 -29.44 -4.35 20.28
C LEU F 7 -29.13 -2.97 19.68
N GLY F 8 -28.91 -2.95 18.37
CA GLY F 8 -28.75 -1.69 17.63
C GLY F 8 -28.21 -1.90 16.24
N GLU F 9 -27.69 -0.83 15.63
CA GLU F 9 -27.19 -0.93 14.26
C GLU F 9 -25.69 -1.30 14.16
N ILE F 10 -25.39 -2.45 13.59
CA ILE F 10 -24.04 -2.74 13.16
C ILE F 10 -23.72 -1.88 11.94
N LEU F 11 -22.49 -1.40 11.80
CA LEU F 11 -22.11 -0.66 10.60
C LEU F 11 -20.81 -1.20 9.96
N ILE F 12 -20.66 -0.98 8.66
CA ILE F 12 -19.37 -1.20 8.06
C ILE F 12 -18.67 0.14 8.06
N GLU F 13 -17.46 0.15 8.58
CA GLU F 13 -16.71 1.38 8.76
C GLU F 13 -15.62 1.46 7.72
N PHE F 14 -15.56 2.62 7.05
CA PHE F 14 -14.55 2.89 6.04
C PHE F 14 -13.49 3.89 6.54
N ASN F 15 -12.43 3.38 7.15
CA ASN F 15 -11.43 4.28 7.76
C ASN F 15 -10.43 4.94 6.78
N ALA F 16 -10.40 6.26 6.77
CA ALA F 16 -9.41 6.96 5.96
C ALA F 16 -8.01 6.39 6.24
N LEU F 17 -7.40 5.75 5.24
CA LEU F 17 -6.03 5.23 5.42
C LEU F 17 -5.01 6.31 5.83
N SER F 18 -5.32 7.59 5.64
CA SER F 18 -4.39 8.63 6.03
C SER F 18 -5.14 9.80 6.69
N PRO F 19 -4.44 10.58 7.54
CA PRO F 19 -5.09 11.72 8.22
C PRO F 19 -5.58 12.78 7.23
N GLY F 20 -6.31 13.78 7.69
CA GLY F 20 -6.65 14.89 6.80
C GLY F 20 -8.06 14.87 6.20
N PRO F 21 -8.43 15.93 5.54
CA PRO F 21 -9.80 16.04 5.04
C PRO F 21 -10.13 14.96 4.00
N LEU F 22 -11.31 14.40 4.07
CA LEU F 22 -11.66 13.28 3.23
C LEU F 22 -11.49 13.61 1.73
N ARG F 23 -11.73 14.88 1.39
CA ARG F 23 -11.60 15.27 0.00
C ARG F 23 -10.19 14.93 -0.55
N HIS F 24 -9.18 14.96 0.31
CA HIS F 24 -7.83 14.68 -0.15
C HIS F 24 -7.26 13.34 0.25
N VAL F 25 -8.11 12.41 0.66
CA VAL F 25 -7.74 11.04 1.04
C VAL F 25 -8.16 10.08 -0.05
N SER F 26 -7.23 9.28 -0.54
CA SER F 26 -7.53 8.40 -1.67
C SER F 26 -7.86 6.99 -1.26
N TYR F 27 -7.36 6.53 -0.10
CA TYR F 27 -7.63 5.16 0.35
C TYR F 27 -8.40 4.96 1.66
N PHE F 28 -9.25 3.95 1.65
CA PHE F 28 -10.14 3.69 2.77
C PHE F 28 -10.11 2.25 3.21
N GLU F 29 -9.85 2.05 4.51
CA GLU F 29 -9.82 0.72 5.12
C GLU F 29 -11.16 0.36 5.70
N LYS F 30 -11.65 -0.82 5.35
CA LYS F 30 -12.94 -1.33 5.84
C LYS F 30 -12.81 -2.03 7.17
N HIS F 31 -13.70 -1.71 8.09
CA HIS F 31 -13.75 -2.40 9.40
C HIS F 31 -15.20 -2.62 9.77
N VAL F 32 -15.50 -3.63 10.58
CA VAL F 32 -16.85 -3.79 11.11
C VAL F 32 -16.94 -3.05 12.45
N ALA F 33 -17.98 -2.28 12.63
CA ALA F 33 -18.11 -1.47 13.83
C ALA F 33 -19.57 -1.28 14.23
N GLY F 34 -19.84 -0.17 14.91
CA GLY F 34 -21.13 0.11 15.46
C GLY F 34 -21.03 -0.18 16.94
N SER F 35 -21.47 0.78 17.75
CA SER F 35 -21.33 0.67 19.21
C SER F 35 -21.69 -0.71 19.83
N GLU F 36 -22.93 -1.13 19.75
CA GLU F 36 -23.40 -2.37 20.38
C GLU F 36 -22.62 -3.62 19.91
N ALA F 37 -22.11 -3.56 18.67
CA ALA F 37 -21.25 -4.63 18.14
C ALA F 37 -19.91 -4.61 18.86
N ASN F 38 -19.37 -3.40 19.05
CA ASN F 38 -18.13 -3.24 19.81
C ASN F 38 -18.27 -3.80 21.23
N TYR F 39 -19.27 -3.31 21.97
CA TYR F 39 -19.60 -3.86 23.29
C TYR F 39 -19.60 -5.39 23.27
N CYS F 40 -20.39 -5.96 22.36
CA CYS F 40 -20.38 -7.40 22.19
C CYS F 40 -19.01 -8.00 22.23
N VAL F 41 -18.14 -7.65 21.30
CA VAL F 41 -16.83 -8.28 21.32
C VAL F 41 -16.09 -8.00 22.61
N ALA F 42 -15.96 -6.74 23.01
CA ALA F 42 -15.18 -6.46 24.21
C ALA F 42 -15.66 -7.32 25.38
N PHE F 43 -16.96 -7.55 25.42
CA PHE F 43 -17.58 -8.36 26.44
C PHE F 43 -17.08 -9.80 26.36
N ILE F 44 -17.33 -10.50 25.25
CA ILE F 44 -16.96 -11.92 25.13
C ILE F 44 -15.48 -12.13 25.36
N LYS F 45 -14.75 -11.03 25.22
CA LYS F 45 -13.29 -11.05 25.38
C LYS F 45 -12.87 -11.36 26.82
N GLN F 46 -13.73 -10.97 27.77
CA GLN F 46 -13.45 -11.18 29.18
C GLN F 46 -13.91 -12.55 29.66
N GLY F 47 -14.24 -13.43 28.71
CA GLY F 47 -14.74 -14.77 28.97
C GLY F 47 -16.24 -14.86 29.28
N ASN F 48 -17.03 -13.97 28.70
CA ASN F 48 -18.48 -14.06 28.85
C ASN F 48 -19.15 -14.32 27.54
N GLU F 49 -20.47 -14.54 27.57
CA GLU F 49 -21.24 -14.77 26.35
C GLU F 49 -22.08 -13.55 25.92
N CYS F 50 -22.28 -13.39 24.61
CA CYS F 50 -23.04 -12.26 24.14
C CYS F 50 -23.78 -12.56 22.89
N GLY F 51 -24.84 -11.78 22.69
CA GLY F 51 -25.55 -11.83 21.45
C GLY F 51 -25.89 -10.43 21.01
N ILE F 52 -26.19 -10.32 19.74
CA ILE F 52 -26.66 -9.06 19.17
C ILE F 52 -27.99 -9.24 18.39
N ILE F 53 -28.94 -8.35 18.65
CA ILE F 53 -30.13 -8.26 17.83
C ILE F 53 -29.92 -7.08 16.88
N ALA F 54 -29.79 -7.39 15.60
CA ALA F 54 -29.64 -6.36 14.58
C ALA F 54 -30.13 -6.89 13.26
N LYS F 55 -30.43 -5.96 12.36
CA LYS F 55 -30.84 -6.25 10.99
C LYS F 55 -29.82 -5.63 10.02
N VAL F 56 -29.20 -6.45 9.17
CA VAL F 56 -28.27 -5.95 8.15
C VAL F 56 -28.87 -6.10 6.76
N GLY F 57 -28.28 -5.43 5.77
CA GLY F 57 -28.66 -5.65 4.39
C GLY F 57 -28.38 -7.06 3.91
N ASP F 58 -29.14 -7.50 2.92
CA ASP F 58 -28.87 -8.78 2.28
C ASP F 58 -27.90 -8.48 1.12
N ASP F 59 -26.70 -8.03 1.48
CA ASP F 59 -25.70 -7.54 0.54
C ASP F 59 -24.32 -7.93 1.02
N GLU F 60 -23.26 -7.69 0.24
CA GLU F 60 -21.90 -8.01 0.69
C GLU F 60 -21.60 -7.41 2.06
N PHE F 61 -21.93 -6.14 2.25
CA PHE F 61 -21.61 -5.46 3.52
C PHE F 61 -22.31 -6.11 4.72
N GLY F 62 -23.46 -6.73 4.46
CA GLY F 62 -24.28 -7.36 5.46
C GLY F 62 -23.66 -8.64 5.95
N TYR F 63 -23.24 -9.51 5.02
CA TYR F 63 -22.57 -10.76 5.37
C TYR F 63 -21.15 -10.51 5.89
N ASN F 64 -20.54 -9.41 5.50
CA ASN F 64 -19.30 -9.01 6.09
C ASN F 64 -19.46 -8.86 7.59
N ALA F 65 -20.51 -8.13 8.00
CA ALA F 65 -20.89 -8.04 9.40
C ALA F 65 -21.12 -9.40 10.11
N ILE F 66 -22.07 -10.17 9.62
CA ILE F 66 -22.35 -11.47 10.19
C ILE F 66 -21.05 -12.30 10.30
N GLU F 67 -20.27 -12.36 9.21
CA GLU F 67 -19.09 -13.24 9.23
C GLU F 67 -18.09 -12.76 10.25
N TRP F 68 -17.92 -11.45 10.37
CA TRP F 68 -16.95 -10.94 11.29
C TRP F 68 -17.37 -11.35 12.69
N LEU F 69 -18.60 -11.01 13.05
CA LEU F 69 -19.05 -11.14 14.42
C LEU F 69 -19.14 -12.59 14.86
N ARG F 70 -19.56 -13.46 13.95
CA ARG F 70 -19.55 -14.89 14.25
C ARG F 70 -18.12 -15.35 14.54
N GLY F 71 -17.15 -14.82 13.77
CA GLY F 71 -15.76 -15.16 14.00
C GLY F 71 -15.29 -14.80 15.41
N GLN F 72 -15.74 -13.63 15.89
CA GLN F 72 -15.35 -13.12 17.19
C GLN F 72 -16.05 -13.87 18.31
N GLY F 73 -16.90 -14.84 17.97
CA GLY F 73 -17.57 -15.65 18.98
C GLY F 73 -18.97 -15.18 19.31
N VAL F 74 -19.38 -14.00 18.81
CA VAL F 74 -20.74 -13.46 19.05
C VAL F 74 -21.80 -14.40 18.47
N ASP F 75 -22.86 -14.60 19.24
CA ASP F 75 -24.02 -15.33 18.75
C ASP F 75 -24.83 -14.45 17.78
N VAL F 76 -25.00 -14.94 16.54
CA VAL F 76 -25.61 -14.16 15.45
C VAL F 76 -26.90 -14.76 14.93
N SER F 77 -27.18 -15.99 15.36
CA SER F 77 -28.47 -16.68 15.12
C SER F 77 -29.71 -15.82 15.35
N HIS F 78 -29.63 -14.78 16.14
CA HIS F 78 -30.83 -13.97 16.28
C HIS F 78 -30.86 -12.69 15.41
N MET F 79 -29.80 -12.43 14.66
CA MET F 79 -29.78 -11.36 13.65
C MET F 79 -30.73 -11.60 12.45
N LYS F 80 -31.27 -10.53 11.88
CA LYS F 80 -32.19 -10.61 10.74
C LYS F 80 -31.58 -10.03 9.47
N ILE F 81 -31.93 -10.60 8.33
CA ILE F 81 -31.49 -10.06 7.06
C ILE F 81 -32.61 -9.38 6.28
N ASP F 82 -32.46 -8.09 5.97
CA ASP F 82 -33.48 -7.38 5.19
C ASP F 82 -33.10 -7.12 3.70
N PRO F 83 -33.83 -7.70 2.72
CA PRO F 83 -33.48 -7.50 1.30
C PRO F 83 -34.00 -6.18 0.74
N SER F 84 -34.91 -5.50 1.42
CA SER F 84 -35.40 -4.22 0.89
C SER F 84 -34.48 -3.05 1.20
N ALA F 85 -33.48 -3.25 2.07
CA ALA F 85 -32.61 -2.12 2.43
C ALA F 85 -31.17 -2.54 2.60
N PRO F 86 -30.25 -1.63 2.35
CA PRO F 86 -28.83 -1.96 2.47
C PRO F 86 -28.30 -1.77 3.87
N THR F 87 -27.24 -2.53 4.17
CA THR F 87 -26.42 -2.33 5.39
C THR F 87 -25.91 -0.87 5.54
N GLY F 88 -26.02 -0.32 6.74
CA GLY F 88 -25.47 0.99 7.01
C GLY F 88 -23.94 1.03 7.02
N ILE F 89 -23.40 2.17 6.62
CA ILE F 89 -21.97 2.34 6.56
C ILE F 89 -21.66 3.76 6.97
N PHE F 90 -20.37 3.98 7.31
CA PHE F 90 -19.85 5.32 7.57
C PHE F 90 -18.37 5.41 7.28
N PHE F 91 -17.91 6.65 7.15
CA PHE F 91 -16.50 6.94 6.92
C PHE F 91 -15.95 7.78 8.07
N ILE F 92 -14.71 7.49 8.41
CA ILE F 92 -14.03 8.18 9.48
C ILE F 92 -12.98 9.09 8.88
N GLN F 93 -13.16 10.38 9.11
CA GLN F 93 -12.12 11.38 8.86
C GLN F 93 -11.31 11.50 10.12
N ARG F 94 -10.00 11.48 10.01
CA ARG F 94 -9.14 11.52 11.19
C ARG F 94 -8.23 12.72 11.26
N HIS F 95 -8.13 13.24 12.49
CA HIS F 95 -7.19 14.29 12.92
C HIS F 95 -7.30 15.57 12.11
N TYR F 96 -8.49 15.79 11.56
CA TYR F 96 -8.75 17.02 10.82
C TYR F 96 -10.20 17.45 10.99
N PRO F 97 -10.44 18.68 11.44
CA PRO F 97 -9.40 19.69 11.68
C PRO F 97 -8.88 19.74 13.11
N VAL F 98 -9.30 18.78 13.91
CA VAL F 98 -8.83 18.70 15.29
C VAL F 98 -7.95 17.43 15.44
N PRO F 99 -6.71 17.63 15.92
CA PRO F 99 -5.75 16.54 16.14
C PRO F 99 -6.21 15.60 17.24
N LEU F 100 -5.98 14.28 17.08
CA LEU F 100 -6.36 13.28 18.12
C LEU F 100 -7.87 12.95 18.11
N LYS F 101 -8.68 13.78 17.48
CA LYS F 101 -10.10 13.49 17.31
C LYS F 101 -10.39 12.83 15.96
N SER F 102 -11.57 12.20 15.86
CA SER F 102 -12.06 11.57 14.65
C SER F 102 -13.52 11.96 14.39
N GLU F 103 -13.93 11.97 13.12
CA GLU F 103 -15.24 12.49 12.72
C GLU F 103 -15.87 11.47 11.83
N SER F 104 -17.08 11.05 12.21
CA SER F 104 -17.84 10.00 11.49
C SER F 104 -18.78 10.60 10.44
N ILE F 105 -18.61 10.24 9.17
CA ILE F 105 -19.59 10.72 8.19
C ILE F 105 -20.51 9.59 7.81
N TYR F 106 -21.83 9.77 8.00
CA TYR F 106 -22.84 8.72 7.82
C TYR F 106 -23.54 8.63 6.45
N TYR F 107 -23.73 7.38 6.04
CA TYR F 107 -24.70 7.00 5.00
C TYR F 107 -25.49 5.82 5.56
N ARG F 108 -26.48 6.15 6.40
CA ARG F 108 -27.24 5.09 7.13
C ARG F 108 -28.74 5.26 7.07
N LYS F 109 -29.21 6.43 6.64
CA LYS F 109 -30.64 6.74 6.50
C LYS F 109 -31.50 5.60 5.91
N GLY F 110 -32.57 5.21 6.58
CA GLY F 110 -33.37 4.09 6.09
C GLY F 110 -32.52 2.88 5.74
N SER F 111 -31.41 2.68 6.44
CA SER F 111 -30.60 1.46 6.26
C SER F 111 -31.35 0.27 6.83
N ALA F 112 -30.91 -0.92 6.46
CA ALA F 112 -31.55 -2.13 7.01
C ALA F 112 -31.47 -2.17 8.55
N GLY F 113 -30.40 -1.64 9.12
CA GLY F 113 -30.25 -1.54 10.55
C GLY F 113 -31.23 -0.57 11.16
N SER F 114 -31.60 0.49 10.43
CA SER F 114 -32.61 1.42 10.92
C SER F 114 -34.01 0.77 11.00
N LYS F 115 -34.14 -0.38 10.35
CA LYS F 115 -35.39 -1.09 10.24
C LYS F 115 -35.43 -2.24 11.28
N LEU F 116 -34.71 -2.03 12.38
CA LEU F 116 -34.94 -2.77 13.62
C LEU F 116 -36.35 -2.42 14.07
N SER F 117 -37.07 -3.42 14.55
CA SER F 117 -38.47 -3.25 14.91
C SER F 117 -38.75 -4.25 15.99
N PRO F 118 -39.78 -3.95 16.79
CA PRO F 118 -40.24 -4.83 17.85
C PRO F 118 -40.34 -6.28 17.41
N GLU F 119 -40.81 -6.54 16.18
CA GLU F 119 -41.02 -7.93 15.75
C GLU F 119 -39.76 -8.77 15.72
N ASP F 120 -38.60 -8.13 15.58
CA ASP F 120 -37.31 -8.83 15.49
C ASP F 120 -36.77 -9.30 16.85
N VAL F 121 -37.05 -8.52 17.88
CA VAL F 121 -36.60 -8.92 19.22
C VAL F 121 -37.57 -9.97 19.79
N ASP F 122 -37.11 -11.20 20.06
CA ASP F 122 -38.04 -12.13 20.71
C ASP F 122 -37.93 -12.57 22.17
N GLU F 123 -39.04 -12.37 22.89
CA GLU F 123 -39.22 -12.66 24.32
C GLU F 123 -38.30 -13.71 24.92
N GLU F 124 -38.31 -14.90 24.33
CA GLU F 124 -37.59 -16.02 24.91
C GLU F 124 -36.09 -15.77 24.96
N TYR F 125 -35.55 -15.31 23.83
CA TYR F 125 -34.15 -15.04 23.71
C TYR F 125 -33.72 -14.00 24.74
N VAL F 126 -34.52 -12.95 24.87
CA VAL F 126 -34.15 -11.84 25.72
C VAL F 126 -34.33 -12.18 27.17
N LYS F 127 -35.34 -13.00 27.48
CA LYS F 127 -35.62 -13.40 28.87
C LYS F 127 -34.51 -14.28 29.46
N SER F 128 -33.59 -14.73 28.61
CA SER F 128 -32.56 -15.71 29.00
C SER F 128 -31.13 -15.10 29.08
N ALA F 129 -31.08 -13.89 29.61
CA ALA F 129 -29.94 -13.00 29.46
C ALA F 129 -29.71 -12.20 30.73
N ASP F 130 -28.47 -12.18 31.21
CA ASP F 130 -28.12 -11.52 32.44
C ASP F 130 -28.24 -10.01 32.30
N LEU F 131 -27.91 -9.48 31.11
CA LEU F 131 -27.98 -8.05 30.86
C LEU F 131 -28.44 -7.75 29.46
N VAL F 132 -29.43 -6.87 29.32
CA VAL F 132 -29.79 -6.37 27.99
C VAL F 132 -29.31 -4.91 27.88
N HIS F 133 -28.62 -4.61 26.79
CA HIS F 133 -27.89 -3.37 26.65
C HIS F 133 -28.27 -2.74 25.35
N SER F 134 -28.33 -1.43 25.33
CA SER F 134 -28.43 -0.70 24.08
C SER F 134 -27.87 0.73 24.26
N SER F 135 -28.28 1.69 23.44
CA SER F 135 -27.60 2.98 23.39
C SER F 135 -28.48 4.05 22.73
N GLY F 136 -28.07 5.31 22.88
CA GLY F 136 -28.83 6.41 22.33
C GLY F 136 -28.84 6.43 20.82
N ILE F 137 -27.83 5.82 20.22
CA ILE F 137 -27.79 5.65 18.78
C ILE F 137 -28.99 4.80 18.36
N THR F 138 -29.32 3.74 19.11
CA THR F 138 -30.48 2.92 18.76
C THR F 138 -31.81 3.64 18.92
N LEU F 139 -31.96 4.44 19.96
CA LEU F 139 -33.15 5.26 20.15
C LEU F 139 -33.30 6.24 18.98
N ALA F 140 -32.15 6.70 18.46
CA ALA F 140 -32.05 7.78 17.50
C ALA F 140 -32.10 7.42 15.99
N ILE F 141 -31.87 6.16 15.62
CA ILE F 141 -31.81 5.87 14.19
C ILE F 141 -33.14 5.93 13.45
N SER F 142 -34.27 5.96 14.18
CA SER F 142 -35.63 5.64 13.67
C SER F 142 -36.58 5.14 14.78
N SER F 143 -37.87 5.40 14.66
CA SER F 143 -38.80 4.95 15.72
C SER F 143 -38.89 3.43 15.87
N THR F 144 -38.89 2.67 14.76
CA THR F 144 -39.09 1.24 14.93
C THR F 144 -37.95 0.71 15.79
N ALA F 145 -36.76 1.30 15.58
CA ALA F 145 -35.56 0.93 16.33
C ALA F 145 -35.71 1.27 17.81
N LYS F 146 -36.11 2.51 18.10
CA LYS F 146 -36.42 2.96 19.46
C LYS F 146 -37.43 2.01 20.14
N GLU F 147 -38.55 1.79 19.45
CA GLU F 147 -39.56 0.83 19.85
C GLU F 147 -38.90 -0.50 20.18
N ALA F 148 -37.83 -0.84 19.48
CA ALA F 148 -37.16 -2.13 19.71
C ALA F 148 -36.57 -2.17 21.11
N VAL F 149 -35.97 -1.06 21.52
CA VAL F 149 -35.33 -0.99 22.81
C VAL F 149 -36.40 -1.19 23.85
N TYR F 150 -37.43 -0.35 23.82
CA TYR F 150 -38.60 -0.47 24.70
C TYR F 150 -39.10 -1.92 24.85
N LYS F 151 -39.38 -2.64 23.75
CA LYS F 151 -39.79 -4.03 23.91
C LYS F 151 -38.76 -4.80 24.74
N ALA F 152 -37.49 -4.68 24.38
CA ALA F 152 -36.40 -5.42 25.01
C ALA F 152 -36.16 -5.04 26.48
N PHE F 153 -36.25 -3.75 26.78
CA PHE F 153 -36.12 -3.32 28.16
C PHE F 153 -37.22 -3.89 29.08
N GLU F 154 -38.48 -3.92 28.62
CA GLU F 154 -39.55 -4.38 29.50
C GLU F 154 -39.52 -5.87 29.75
N ILE F 155 -38.65 -6.59 29.07
CA ILE F 155 -38.53 -8.03 29.24
C ILE F 155 -37.31 -8.33 30.13
N ALA F 156 -36.35 -7.41 30.11
CA ALA F 156 -35.02 -7.64 30.68
C ALA F 156 -35.06 -7.67 32.19
N SER F 157 -34.36 -8.64 32.75
CA SER F 157 -34.15 -8.66 34.19
C SER F 157 -33.55 -7.32 34.66
N ASN F 158 -32.27 -7.11 34.30
CA ASN F 158 -31.57 -5.85 34.53
C ASN F 158 -31.06 -5.21 33.21
N ARG F 159 -31.00 -3.89 33.15
CA ARG F 159 -30.81 -3.18 31.89
C ARG F 159 -29.58 -2.26 31.96
N SER F 160 -28.94 -2.07 30.81
CA SER F 160 -27.72 -1.29 30.70
C SER F 160 -27.89 -0.49 29.43
N PHE F 161 -27.38 0.75 29.47
CA PHE F 161 -27.64 1.76 28.45
C PHE F 161 -26.51 2.81 28.39
N ASP F 162 -26.02 3.08 27.18
CA ASP F 162 -24.96 4.04 26.94
C ASP F 162 -25.57 5.21 26.14
N THR F 163 -25.63 6.38 26.75
CA THR F 163 -26.37 7.50 26.19
C THR F 163 -25.90 7.82 24.79
N ASN F 164 -24.58 7.84 24.62
CA ASN F 164 -23.93 7.89 23.31
C ASN F 164 -24.56 8.85 22.27
N ILE F 165 -24.83 10.06 22.73
CA ILE F 165 -25.50 11.06 21.91
C ILE F 165 -24.66 11.40 20.69
N ARG F 166 -25.21 11.10 19.52
CA ARG F 166 -24.60 11.51 18.26
C ARG F 166 -25.40 12.69 17.71
N LEU F 167 -24.77 13.83 17.51
CA LEU F 167 -25.55 14.99 17.05
C LEU F 167 -25.88 14.98 15.53
N LYS F 168 -25.13 14.24 14.71
CA LYS F 168 -25.46 14.15 13.27
C LYS F 168 -26.76 13.38 13.03
N LEU F 169 -27.24 12.77 14.11
CA LEU F 169 -28.33 11.83 14.06
C LEU F 169 -29.63 12.47 14.55
N TRP F 170 -29.54 13.23 15.64
CA TRP F 170 -30.69 13.94 16.18
C TRP F 170 -30.20 15.22 16.84
N SER F 171 -31.16 16.10 17.12
CA SER F 171 -30.87 17.34 17.78
C SER F 171 -30.60 17.08 19.28
N ALA F 172 -29.93 18.03 19.93
CA ALA F 172 -29.74 18.01 21.39
C ALA F 172 -31.04 17.74 22.16
N GLU F 173 -32.12 18.50 21.84
CA GLU F 173 -33.40 18.45 22.61
C GLU F 173 -34.14 17.18 22.27
N GLU F 174 -33.92 16.67 21.07
CA GLU F 174 -34.44 15.38 20.71
C GLU F 174 -33.78 14.29 21.56
N ALA F 175 -32.47 14.43 21.84
CA ALA F 175 -31.76 13.45 22.68
C ALA F 175 -32.23 13.47 24.15
N LYS F 176 -32.25 14.69 24.72
CA LYS F 176 -32.69 14.96 26.09
C LYS F 176 -34.04 14.33 26.38
N ARG F 177 -35.04 14.62 25.53
CA ARG F 177 -36.38 14.09 25.75
C ARG F 177 -36.47 12.57 25.77
N GLU F 178 -35.74 11.91 24.88
CA GLU F 178 -35.91 10.47 24.68
C GLU F 178 -35.15 9.65 25.70
N ILE F 179 -33.95 10.09 26.06
CA ILE F 179 -33.15 9.39 27.08
C ILE F 179 -33.89 9.47 28.42
N LEU F 180 -34.21 10.69 28.86
CA LEU F 180 -35.12 10.94 30.01
C LEU F 180 -36.44 10.12 29.92
N LYS F 181 -37.10 10.12 28.76
CA LYS F 181 -38.33 9.32 28.55
C LYS F 181 -38.12 7.84 28.82
N LEU F 182 -36.98 7.32 28.35
CA LEU F 182 -36.67 5.90 28.46
C LEU F 182 -36.24 5.59 29.88
N LEU F 183 -35.50 6.52 30.50
CA LEU F 183 -35.02 6.38 31.89
C LEU F 183 -36.12 6.58 32.93
N SER F 184 -37.20 7.26 32.54
CA SER F 184 -38.39 7.43 33.37
C SER F 184 -39.20 6.15 33.49
N LYS F 185 -39.41 5.43 32.40
CA LYS F 185 -39.73 4.00 32.53
C LYS F 185 -38.35 3.45 32.91
N PHE F 186 -38.22 2.16 33.22
CA PHE F 186 -36.88 1.49 33.38
C PHE F 186 -35.74 2.09 34.25
N HIS F 187 -35.47 1.37 35.33
CA HIS F 187 -34.27 1.50 36.16
C HIS F 187 -33.18 0.76 35.38
N LEU F 188 -32.07 1.43 35.11
CA LEU F 188 -30.87 0.76 34.56
C LEU F 188 -30.01 0.15 35.67
N LYS F 189 -29.40 -1.00 35.40
CA LYS F 189 -28.33 -1.51 36.29
C LYS F 189 -27.04 -0.69 36.08
N PHE F 190 -26.72 -0.43 34.81
CA PHE F 190 -25.59 0.36 34.37
C PHE F 190 -26.00 1.54 33.47
N LEU F 191 -25.44 2.71 33.73
CA LEU F 191 -25.60 3.87 32.85
C LEU F 191 -24.20 4.38 32.46
N ILE F 192 -23.88 4.29 31.19
CA ILE F 192 -22.59 4.73 30.74
C ILE F 192 -22.86 5.99 29.92
N THR F 193 -22.05 7.01 30.16
CA THR F 193 -22.27 8.29 29.51
C THR F 193 -20.96 9.01 29.72
N ASP F 194 -20.86 10.26 29.26
CA ASP F 194 -19.66 11.05 29.43
C ASP F 194 -20.09 12.46 29.78
N THR F 195 -19.12 13.32 30.12
CA THR F 195 -19.44 14.68 30.50
C THR F 195 -20.35 15.43 29.52
N ASP F 196 -20.01 15.36 28.23
CA ASP F 196 -20.77 16.02 27.18
C ASP F 196 -22.25 15.69 27.13
N ASP F 197 -22.53 14.40 27.15
CA ASP F 197 -23.89 13.91 27.05
C ASP F 197 -24.72 14.36 28.24
N SER F 198 -24.04 14.44 29.39
CA SER F 198 -24.64 14.89 30.66
C SER F 198 -25.10 16.37 30.66
N LYS F 199 -24.36 17.23 29.94
CA LYS F 199 -24.76 18.64 29.78
C LYS F 199 -25.99 18.75 28.86
N ILE F 200 -26.15 17.77 27.97
CA ILE F 200 -27.29 17.72 27.06
C ILE F 200 -28.49 17.16 27.84
N ILE F 201 -28.31 16.05 28.52
CA ILE F 201 -29.45 15.44 29.20
C ILE F 201 -29.91 16.19 30.47
N LEU F 202 -28.98 16.54 31.37
CA LEU F 202 -29.37 17.09 32.67
C LEU F 202 -29.20 18.59 32.80
N GLY F 203 -28.23 19.13 32.05
CA GLY F 203 -27.85 20.51 32.17
C GLY F 203 -26.45 20.57 32.74
N GLU F 204 -26.06 19.50 33.42
CA GLU F 204 -24.89 19.50 34.30
C GLU F 204 -23.55 18.99 33.75
N SER F 205 -22.62 19.92 33.56
CA SER F 205 -21.32 19.65 32.96
C SER F 205 -20.39 18.78 33.85
N ASP F 206 -20.53 18.95 35.17
CA ASP F 206 -19.65 18.29 36.13
C ASP F 206 -20.17 16.90 36.47
N PRO F 207 -19.31 15.90 36.23
CA PRO F 207 -19.63 14.47 36.47
C PRO F 207 -20.17 14.13 37.85
N ASP F 208 -19.65 14.77 38.90
CA ASP F 208 -20.11 14.47 40.25
C ASP F 208 -21.56 14.86 40.45
N LYS F 209 -21.95 16.00 39.89
CA LYS F 209 -23.34 16.45 39.99
C LYS F 209 -24.30 15.63 39.07
N ALA F 210 -23.88 15.42 37.83
CA ALA F 210 -24.54 14.51 36.88
C ALA F 210 -24.80 13.07 37.36
N ALA F 211 -23.85 12.50 38.10
CA ALA F 211 -24.05 11.15 38.63
C ALA F 211 -25.05 11.13 39.76
N LYS F 212 -25.05 12.18 40.58
CA LYS F 212 -26.03 12.37 41.63
C LYS F 212 -27.39 12.44 40.94
N ALA F 213 -27.50 13.37 39.99
CA ALA F 213 -28.69 13.50 39.12
C ALA F 213 -29.15 12.17 38.48
N PHE F 214 -28.19 11.33 38.08
CA PHE F 214 -28.48 10.08 37.41
C PHE F 214 -28.71 8.94 38.41
N SER F 215 -28.38 9.12 39.69
CA SER F 215 -28.60 8.03 40.66
C SER F 215 -30.09 7.85 40.93
N ASP F 216 -30.84 8.87 40.53
CA ASP F 216 -32.29 8.86 40.35
C ASP F 216 -32.81 7.96 39.21
N TYR F 217 -31.94 7.13 38.62
CA TYR F 217 -32.30 6.25 37.49
C TYR F 217 -31.45 4.95 37.40
N ALA F 218 -30.21 4.96 37.94
CA ALA F 218 -29.31 3.79 37.80
C ALA F 218 -28.36 3.40 38.97
N GLU F 219 -28.15 2.09 39.10
CA GLU F 219 -27.34 1.51 40.18
C GLU F 219 -25.84 1.84 40.10
N ILE F 220 -25.24 1.59 38.93
CA ILE F 220 -23.84 1.89 38.69
C ILE F 220 -23.71 2.84 37.49
N ILE F 221 -22.93 3.90 37.62
CA ILE F 221 -22.78 4.87 36.51
C ILE F 221 -21.35 5.03 36.04
N VAL F 222 -21.07 4.71 34.78
CA VAL F 222 -19.74 4.85 34.24
C VAL F 222 -19.63 6.14 33.45
N MET F 223 -18.83 7.10 33.94
CA MET F 223 -18.56 8.40 33.31
C MET F 223 -17.29 8.37 32.46
N LYS F 224 -17.39 8.13 31.16
CA LYS F 224 -16.19 8.15 30.35
C LYS F 224 -15.62 9.57 30.40
N LEU F 225 -14.32 9.72 30.57
CA LEU F 225 -13.72 11.05 30.65
C LEU F 225 -12.72 11.34 29.50
N GLY F 226 -12.97 10.72 28.35
CA GLY F 226 -12.11 10.86 27.18
C GLY F 226 -10.76 10.26 27.52
N PRO F 227 -9.69 11.05 27.27
CA PRO F 227 -8.31 10.66 27.65
C PRO F 227 -7.95 10.89 29.15
N LYS F 228 -8.67 11.76 29.86
CA LYS F 228 -8.48 11.95 31.33
C LYS F 228 -8.82 10.63 32.10
N GLY F 229 -9.48 9.71 31.41
CA GLY F 229 -9.76 8.38 31.95
C GLY F 229 -11.25 8.13 32.08
N ALA F 230 -11.70 7.67 33.25
CA ALA F 230 -13.14 7.52 33.54
C ALA F 230 -13.37 7.54 35.05
N ILE F 231 -14.60 7.90 35.46
CA ILE F 231 -15.06 7.75 36.85
C ILE F 231 -16.24 6.78 36.95
N VAL F 232 -16.21 5.95 37.98
CA VAL F 232 -17.31 5.04 38.24
C VAL F 232 -17.92 5.25 39.63
N TYR F 233 -19.23 5.48 39.64
CA TYR F 233 -20.00 5.79 40.84
C TYR F 233 -20.92 4.63 41.25
N TYR F 234 -20.39 3.68 42.03
CA TYR F 234 -21.18 2.69 42.76
C TYR F 234 -21.54 3.30 44.11
N ASP F 235 -22.83 3.46 44.39
CA ASP F 235 -23.19 4.60 45.24
C ASP F 235 -22.84 4.58 46.72
N GLY F 236 -22.50 5.79 47.16
CA GLY F 236 -21.62 6.04 48.28
C GLY F 236 -20.30 6.48 47.67
N LYS F 237 -19.64 5.50 47.05
CA LYS F 237 -18.23 5.55 46.59
C LYS F 237 -18.02 6.11 45.18
N LYS F 238 -16.75 6.24 44.78
CA LYS F 238 -16.39 7.05 43.60
C LYS F 238 -14.97 6.74 43.15
N TYR F 239 -14.84 5.92 42.10
CA TYR F 239 -13.52 5.44 41.65
C TYR F 239 -13.06 6.05 40.33
N TYR F 240 -12.02 6.88 40.40
CA TYR F 240 -11.43 7.44 39.21
C TYR F 240 -10.19 6.65 38.81
N SER F 241 -10.04 6.40 37.53
CA SER F 241 -8.82 5.83 37.00
C SER F 241 -8.37 6.70 35.84
N SER F 242 -7.08 7.06 35.83
CA SER F 242 -6.56 7.95 34.79
C SER F 242 -6.34 7.18 33.50
N GLY F 243 -5.97 7.92 32.46
CA GLY F 243 -5.59 7.33 31.19
C GLY F 243 -4.09 7.20 31.01
N TYR F 244 -3.69 6.91 29.78
CA TYR F 244 -2.30 6.61 29.41
C TYR F 244 -1.97 7.39 28.16
N GLN F 245 -0.91 8.19 28.21
CA GLN F 245 -0.42 8.86 27.02
C GLN F 245 0.13 7.78 26.06
N VAL F 246 -0.33 7.80 24.83
CA VAL F 246 -0.14 6.69 23.92
C VAL F 246 -0.45 7.26 22.52
N PRO F 247 0.33 6.86 21.49
CA PRO F 247 0.09 7.41 20.13
C PRO F 247 -1.35 7.10 19.64
N VAL F 248 -2.04 8.10 19.11
CA VAL F 248 -3.46 8.01 18.75
C VAL F 248 -3.62 7.84 17.23
N GLU F 249 -3.99 6.65 16.79
CA GLU F 249 -4.36 6.42 15.38
C GLU F 249 -5.80 6.81 15.11
N ASP F 250 -6.73 6.31 15.94
CA ASP F 250 -8.15 6.44 15.69
C ASP F 250 -8.93 6.14 16.95
N VAL F 251 -9.41 7.21 17.55
CA VAL F 251 -10.04 7.19 18.87
C VAL F 251 -11.43 6.51 18.85
N THR F 252 -12.05 6.45 17.67
CA THR F 252 -13.36 5.87 17.57
C THR F 252 -13.35 4.37 17.90
N GLY F 253 -14.40 3.94 18.59
CA GLY F 253 -14.49 2.65 19.25
C GLY F 253 -14.02 2.68 20.72
N ALA F 254 -13.27 3.72 21.11
CA ALA F 254 -12.67 3.81 22.44
C ALA F 254 -13.65 3.64 23.60
N GLY F 255 -14.64 4.51 23.65
CA GLY F 255 -15.61 4.44 24.71
C GLY F 255 -16.33 3.08 24.78
N ASP F 256 -16.59 2.48 23.61
CA ASP F 256 -17.29 1.19 23.52
C ASP F 256 -16.48 0.15 24.22
N ALA F 257 -15.15 0.25 24.03
CA ALA F 257 -14.18 -0.70 24.61
C ALA F 257 -14.14 -0.59 26.14
N LEU F 258 -14.27 0.64 26.62
CA LEU F 258 -14.37 0.85 28.04
C LEU F 258 -15.68 0.18 28.58
N GLY F 259 -16.80 0.59 27.98
CA GLY F 259 -18.08 0.00 28.26
C GLY F 259 -18.09 -1.51 28.29
N GLY F 260 -17.70 -2.15 27.19
CA GLY F 260 -17.86 -3.57 27.09
C GLY F 260 -16.96 -4.35 28.02
N THR F 261 -15.75 -3.85 28.26
CA THR F 261 -14.79 -4.52 29.12
C THR F 261 -15.25 -4.37 30.55
N PHE F 262 -15.70 -3.16 30.86
CA PHE F 262 -16.14 -2.90 32.20
C PHE F 262 -17.30 -3.79 32.63
N LEU F 263 -18.32 -3.91 31.80
CA LEU F 263 -19.52 -4.66 32.16
C LEU F 263 -19.21 -6.15 32.32
N SER F 264 -18.30 -6.62 31.50
CA SER F 264 -17.88 -7.99 31.54
C SER F 264 -17.16 -8.30 32.86
N LEU F 265 -16.06 -7.61 33.13
CA LEU F 265 -15.31 -7.87 34.36
C LEU F 265 -16.15 -7.73 35.62
N TYR F 266 -17.19 -6.87 35.59
CA TYR F 266 -18.14 -6.79 36.70
C TYR F 266 -18.72 -8.17 36.89
N TYR F 267 -19.21 -8.73 35.80
CA TYR F 267 -19.91 -9.99 35.82
C TYR F 267 -18.97 -11.15 36.12
N LYS F 268 -17.72 -10.84 36.43
CA LYS F 268 -16.75 -11.92 36.70
C LYS F 268 -16.26 -11.88 38.13
N GLY F 269 -16.76 -10.95 38.93
CA GLY F 269 -16.39 -10.85 40.32
C GLY F 269 -15.43 -9.72 40.68
N PHE F 270 -14.99 -8.95 39.69
CA PHE F 270 -14.06 -7.86 39.91
C PHE F 270 -14.64 -6.73 40.73
N GLU F 271 -13.86 -6.28 41.70
CA GLU F 271 -14.26 -5.12 42.49
C GLU F 271 -14.27 -3.99 41.48
N MET F 272 -15.26 -3.11 41.61
CA MET F 272 -15.44 -1.95 40.74
C MET F 272 -14.16 -1.29 40.17
N GLU F 273 -13.15 -1.09 41.01
CA GLU F 273 -11.99 -0.31 40.60
C GLU F 273 -11.01 -1.08 39.72
N LYS F 274 -11.00 -2.42 39.82
CA LYS F 274 -10.12 -3.24 38.99
C LYS F 274 -10.72 -3.27 37.59
N ALA F 275 -12.05 -3.35 37.57
CA ALA F 275 -12.85 -3.33 36.37
C ALA F 275 -12.60 -2.08 35.55
N LEU F 276 -12.72 -0.90 36.16
CA LEU F 276 -12.46 0.36 35.43
C LEU F 276 -11.01 0.47 34.97
N ASP F 277 -10.09 -0.02 35.78
CA ASP F 277 -8.67 0.03 35.45
C ASP F 277 -8.41 -0.84 34.26
N TYR F 278 -8.86 -2.10 34.36
CA TYR F 278 -8.83 -3.03 33.26
C TYR F 278 -9.50 -2.43 32.06
N ALA F 279 -10.67 -1.82 32.24
CA ALA F 279 -11.43 -1.29 31.10
C ALA F 279 -10.75 -0.07 30.50
N ILE F 280 -9.99 0.65 31.32
CA ILE F 280 -9.22 1.75 30.79
C ILE F 280 -8.17 1.22 29.83
N VAL F 281 -7.41 0.19 30.22
CA VAL F 281 -6.35 -0.30 29.33
C VAL F 281 -6.95 -0.77 27.99
N ALA F 282 -8.12 -1.39 28.04
CA ALA F 282 -8.79 -1.78 26.81
C ALA F 282 -9.12 -0.54 25.98
N SER F 283 -9.65 0.47 26.64
CA SER F 283 -9.97 1.67 25.92
C SER F 283 -8.71 2.36 25.39
N THR F 284 -7.56 2.18 26.05
CA THR F 284 -6.36 2.91 25.65
C THR F 284 -5.59 2.15 24.60
N LEU F 285 -5.61 0.82 24.68
CA LEU F 285 -5.11 -0.02 23.60
C LEU F 285 -5.85 0.26 22.29
N ASN F 286 -7.13 0.63 22.38
CA ASN F 286 -7.98 0.86 21.20
C ASN F 286 -7.59 2.01 20.29
N VAL F 287 -7.61 3.22 20.86
CA VAL F 287 -7.11 4.49 20.34
C VAL F 287 -5.95 4.34 19.32
N MET F 288 -5.17 3.26 19.43
CA MET F 288 -3.93 3.16 18.67
C MET F 288 -3.91 2.32 17.39
N ILE F 289 -5.09 1.96 16.88
CA ILE F 289 -5.24 1.40 15.53
C ILE F 289 -6.54 1.90 14.88
N ARG F 290 -6.60 1.85 13.54
CA ARG F 290 -7.87 2.01 12.85
C ARG F 290 -8.61 0.70 12.99
N GLY F 291 -9.88 0.77 13.39
CA GLY F 291 -10.59 -0.45 13.74
C GLY F 291 -10.94 -0.39 15.20
N ASP F 292 -12.18 -0.80 15.50
CA ASP F 292 -12.83 -0.59 16.80
C ASP F 292 -12.68 -1.86 17.60
N GLN F 293 -12.52 -2.96 16.89
CA GLN F 293 -12.59 -4.26 17.48
C GLN F 293 -11.31 -5.11 17.31
N GLU F 294 -10.45 -4.79 16.32
CA GLU F 294 -9.22 -5.57 16.17
C GLU F 294 -8.21 -5.45 17.33
N ASN F 295 -8.31 -4.39 18.12
CA ASN F 295 -7.42 -4.23 19.27
C ASN F 295 -8.03 -4.54 20.62
N LEU F 296 -9.31 -4.97 20.64
CA LEU F 296 -9.98 -5.32 21.89
C LEU F 296 -9.22 -6.47 22.57
N PRO F 297 -8.67 -6.22 23.77
CA PRO F 297 -7.85 -7.20 24.48
C PRO F 297 -8.64 -8.24 25.26
N THR F 298 -8.15 -9.46 25.25
CA THR F 298 -8.56 -10.43 26.23
C THR F 298 -8.03 -10.04 27.63
N THR F 299 -8.56 -10.70 28.66
CA THR F 299 -8.20 -10.43 30.05
C THR F 299 -6.71 -10.66 30.30
N LYS F 300 -6.18 -11.81 29.91
CA LYS F 300 -4.74 -12.06 30.01
C LYS F 300 -3.96 -10.90 29.34
N ASP F 301 -4.46 -10.43 28.19
CA ASP F 301 -3.78 -9.39 27.43
C ASP F 301 -3.78 -8.06 28.18
N ILE F 302 -4.85 -7.81 28.95
CA ILE F 302 -4.94 -6.62 29.78
C ILE F 302 -3.92 -6.82 30.89
N GLU F 303 -3.83 -8.06 31.35
CA GLU F 303 -2.88 -8.35 32.42
C GLU F 303 -1.41 -8.17 32.02
N THR F 304 -1.09 -8.55 30.80
CA THR F 304 0.26 -8.41 30.29
C THR F 304 0.63 -6.95 30.27
N PHE F 305 -0.24 -6.15 29.64
CA PHE F 305 -0.14 -4.70 29.61
C PHE F 305 0.19 -4.19 31.04
N LEU F 306 -0.49 -4.75 32.03
CA LEU F 306 -0.34 -4.28 33.39
C LEU F 306 0.98 -4.72 34.08
N ARG F 307 1.41 -5.96 33.87
CA ARG F 307 2.64 -6.47 34.47
C ARG F 307 3.82 -5.68 33.89
N GLU F 308 3.75 -5.33 32.60
CA GLU F 308 4.89 -4.78 31.90
C GLU F 308 5.01 -3.29 32.02
N MET F 309 3.98 -2.64 32.56
CA MET F 309 4.11 -1.26 32.93
C MET F 309 4.51 -1.25 34.41
N LYS F 310 5.55 -2.06 34.68
CA LYS F 310 6.02 -2.58 36.00
C LYS F 310 4.97 -3.06 37.05
#